data_3ZKN
#
_entry.id   3ZKN
#
_cell.length_a   81.929
_cell.length_b   68.145
_cell.length_c   160.855
_cell.angle_alpha   90.00
_cell.angle_beta   92.51
_cell.angle_gamma   90.00
#
_symmetry.space_group_name_H-M   'P 1 21 1'
#
loop_
_entity.id
_entity.type
_entity.pdbx_description
1 polymer 'BETA-SECRETASE 2'
2 polymer 'FAB HEAVY CHAIN'
3 polymer 'FAB LIGHT CHAIN'
4 non-polymer '5-(2,2,2-Trifluoro-ethoxy)-pyridine-2-carboxylic acid [3-((S)-2-amino-1,4-dimethyl-6-oxo-1,4,5,6-tetrahydro-pyrimidin-4-yl)-phenyl]-amide'
5 non-polymer 'DIMETHYL SULFOXIDE'
6 non-polymer 'SULFATE ION'
7 non-polymer GLYCEROL
8 water water
#
loop_
_entity_poly.entity_id
_entity_poly.type
_entity_poly.pdbx_seq_one_letter_code
_entity_poly.pdbx_strand_id
1 'polypeptide(L)'
;ANFLAMVDNLQGDSGRGYYLEMLIGTPPQKLQILVDTGSSNFAVAGTPHSYIDTYFDTERSSTYRSKGFDVTVKYTQGSW
TGFVGEDLVTIPKGFNTSFLVNIATIFESENFFLPGIKWNGILGLAYATLAKPSSSLETFFDSLVTQANIPNVFSMQMCG
AGLPVAGSGTNGGSLVLGGIEPSLYKGDIWYTPIKEEWYYQIEILKLEIGGQSLNLDCREYNADKAIVDSGTTLLRLPQK
VFDAVVEAVARASLIPEFSDGFWTGSQLACWTNSETPWSYFPKISIYLRDENSSRSFRITILPQLYIQPMMGAGLNYECY
RFGISPSTNALVIGATVMEGFYVIFDRAQKRVGFAASPCAEIAGAAVSEISGPFSTEDVASNCVPA
;
A,B
2 'polypeptide(L)'
;(PCA)VQLKESGPVLVAPSQSLFISCTVSGFSLTRYGVHWVRQSPGKGLEWLGVIWAGGTTNYNSAFMSRLTISKDNSKS
QVFLKMNSLQTDDTAIYYCVKAYRNAMDYWGQGTSVTVSSAKTTAPSVYPLAPVCGDTSGSSVTLGCLVKGYFPEPVTLT
WNSGSLSSGVHTFPAVLQSDLYTLSSSVTVTSSTWPSQSITCNVAHPASSTKVDKKIEPRGPTIK
;
C,H
3 'polypeptide(L)'
;NIVLSQSPGSLAVSLGQRATISCRASKSVDTYGHSFIHWYQQKPGQPPNLLIHLASNLESGVPARFSGRGSGTDFTLTID
PVEADDAATYYCQQNNEDPWTFGGGTKLEIKRADAAPTVSIFPPSSEQLTSGGASVVCFLNNFYPKDINVKWKIDGSERQ
NGVLNSWTDQDSKDSTYSMSSTLTLTKDEYERHNSYTCEATHKTSTSPIVKSFNRNEC
;
D,L
#
loop_
_chem_comp.id
_chem_comp.type
_chem_comp.name
_chem_comp.formula
DMS non-polymer 'DIMETHYL SULFOXIDE' 'C2 H6 O S'
GOL non-polymer GLYCEROL 'C3 H8 O3'
SO4 non-polymer 'SULFATE ION' 'O4 S -2'
WZV non-polymer '5-(2,2,2-Trifluoro-ethoxy)-pyridine-2-carboxylic acid [3-((S)-2-amino-1,4-dimethyl-6-oxo-1,4,5,6-tetrahydro-pyrimidin-4-yl)-phenyl]-amide' 'C20 H20 F3 N5 O3'
#
# COMPACT_ATOMS: atom_id res chain seq x y z
N ASN A 2 56.89 -33.37 10.13
CA ASN A 2 56.43 -32.48 11.23
C ASN A 2 55.78 -31.21 10.69
N PHE A 3 54.46 -31.13 10.80
CA PHE A 3 53.70 -30.00 10.22
C PHE A 3 53.59 -28.74 11.10
N LEU A 4 53.65 -28.90 12.42
CA LEU A 4 53.56 -27.74 13.34
C LEU A 4 54.82 -26.86 13.34
N ALA A 5 55.97 -27.45 13.06
CA ALA A 5 57.23 -26.69 12.99
C ALA A 5 57.30 -25.78 11.74
N MET A 6 56.42 -26.02 10.76
CA MET A 6 56.40 -25.25 9.52
C MET A 6 55.51 -24.00 9.63
N VAL A 7 54.69 -23.94 10.68
CA VAL A 7 53.82 -22.80 10.91
C VAL A 7 54.69 -21.55 11.10
N ASP A 8 54.36 -20.50 10.36
CA ASP A 8 55.09 -19.23 10.43
C ASP A 8 56.54 -19.35 9.98
N ASN A 9 56.79 -20.30 9.07
CA ASN A 9 58.09 -20.31 8.41
C ASN A 9 58.27 -19.27 7.30
N LEU A 10 57.19 -18.57 6.94
CA LEU A 10 57.30 -17.50 5.94
C LEU A 10 57.31 -16.10 6.56
N GLN A 11 58.11 -15.22 5.96
CA GLN A 11 58.03 -13.80 6.23
C GLN A 11 57.61 -13.07 4.96
N GLY A 12 57.34 -11.78 5.08
CA GLY A 12 57.06 -10.95 3.93
C GLY A 12 55.63 -10.46 3.89
N ASP A 13 55.22 -10.05 2.70
CA ASP A 13 53.87 -9.59 2.45
C ASP A 13 53.57 -9.84 0.97
N SER A 14 52.30 -9.72 0.59
CA SER A 14 51.85 -9.90 -0.80
C SER A 14 52.63 -9.05 -1.78
N GLY A 15 52.86 -7.79 -1.39
CA GLY A 15 53.39 -6.76 -2.26
C GLY A 15 54.77 -7.09 -2.77
N ARG A 16 55.65 -7.50 -1.87
CA ARG A 16 57.03 -7.78 -2.23
C ARG A 16 57.38 -9.28 -2.13
N GLY A 17 56.39 -10.10 -1.74
CA GLY A 17 56.53 -11.55 -1.70
C GLY A 17 56.74 -12.20 -0.34
N TYR A 18 56.26 -13.44 -0.22
CA TYR A 18 56.52 -14.28 0.94
C TYR A 18 57.72 -15.17 0.66
N TYR A 19 58.63 -15.25 1.63
CA TYR A 19 59.88 -15.98 1.42
C TYR A 19 60.26 -16.84 2.61
N LEU A 20 61.00 -17.89 2.28
CA LEU A 20 61.43 -18.93 3.18
C LEU A 20 62.94 -18.88 3.29
N GLU A 21 63.42 -18.94 4.53
CA GLU A 21 64.85 -19.07 4.77
C GLU A 21 65.38 -20.46 4.41
N MET A 22 66.51 -20.51 3.70
CA MET A 22 67.16 -21.77 3.38
C MET A 22 68.66 -21.67 3.57
N LEU A 23 69.25 -22.80 3.94
CA LEU A 23 70.68 -22.95 4.07
C LEU A 23 71.20 -23.83 2.93
N ILE A 24 72.14 -23.31 2.15
CA ILE A 24 72.59 -23.96 0.92
C ILE A 24 74.11 -24.21 0.94
N GLY A 25 74.52 -25.45 0.64
CA GLY A 25 75.94 -25.74 0.50
C GLY A 25 76.67 -26.07 1.80
N THR A 26 77.98 -26.29 1.68
CA THR A 26 78.85 -26.69 2.80
C THR A 26 80.16 -25.89 2.76
N PRO A 27 80.37 -24.98 3.72
CA PRO A 27 79.52 -24.66 4.89
C PRO A 27 78.24 -23.94 4.47
N PRO A 28 77.20 -23.94 5.34
CA PRO A 28 75.87 -23.44 4.95
C PRO A 28 75.84 -21.94 4.64
N GLN A 29 75.33 -21.57 3.47
CA GLN A 29 75.10 -20.17 3.10
C GLN A 29 73.61 -19.86 3.19
N LYS A 30 73.24 -18.78 3.87
CA LYS A 30 71.84 -18.54 4.19
C LYS A 30 71.21 -17.60 3.18
N LEU A 31 70.07 -18.02 2.61
N LEU A 31 70.07 -18.02 2.61
CA LEU A 31 69.37 -17.20 1.64
CA LEU A 31 69.36 -17.18 1.66
C LEU A 31 67.88 -17.07 1.94
C LEU A 31 67.87 -17.06 1.98
N GLN A 32 67.23 -16.09 1.33
CA GLN A 32 65.81 -15.82 1.52
C GLN A 32 65.11 -16.07 0.20
N ILE A 33 64.26 -17.09 0.16
CA ILE A 33 63.81 -17.63 -1.12
C ILE A 33 62.33 -17.33 -1.29
N LEU A 34 61.99 -16.60 -2.35
CA LEU A 34 60.60 -16.32 -2.63
C LEU A 34 59.84 -17.62 -2.92
N VAL A 35 58.65 -17.77 -2.31
CA VAL A 35 57.74 -18.87 -2.60
C VAL A 35 56.86 -18.54 -3.81
N ASP A 36 57.07 -19.24 -4.91
CA ASP A 36 56.40 -18.94 -6.21
C ASP A 36 55.69 -20.17 -6.80
N THR A 37 54.37 -20.24 -6.65
CA THR A 37 53.60 -21.34 -7.27
C THR A 37 53.40 -21.16 -8.78
N GLY A 38 53.96 -20.09 -9.35
CA GLY A 38 53.85 -19.88 -10.80
C GLY A 38 55.09 -20.14 -11.64
N SER A 39 56.04 -20.89 -11.09
CA SER A 39 57.26 -21.30 -11.83
C SER A 39 57.80 -22.57 -11.19
N SER A 40 58.84 -23.16 -11.78
CA SER A 40 59.21 -24.53 -11.41
C SER A 40 60.71 -24.72 -11.30
N ASN A 41 61.43 -23.59 -11.22
CA ASN A 41 62.87 -23.65 -10.94
C ASN A 41 63.25 -23.15 -9.55
N PHE A 42 64.23 -23.82 -8.96
CA PHE A 42 64.92 -23.28 -7.80
C PHE A 42 66.15 -22.51 -8.30
N ALA A 43 66.11 -21.19 -8.14
CA ALA A 43 67.14 -20.33 -8.69
C ALA A 43 67.49 -19.23 -7.71
N VAL A 44 68.78 -19.03 -7.49
CA VAL A 44 69.28 -18.06 -6.52
C VAL A 44 70.26 -17.14 -7.19
N ALA A 45 70.37 -15.92 -6.68
CA ALA A 45 71.39 -15.00 -7.11
C ALA A 45 72.76 -15.67 -6.96
N GLY A 46 73.56 -15.61 -8.03
CA GLY A 46 74.90 -16.17 -8.02
C GLY A 46 76.02 -15.15 -7.98
N THR A 47 75.65 -13.87 -8.08
CA THR A 47 76.61 -12.77 -8.15
C THR A 47 75.98 -11.58 -7.38
N PRO A 48 76.79 -10.54 -7.05
CA PRO A 48 76.20 -9.33 -6.44
C PRO A 48 75.16 -8.62 -7.33
N HIS A 49 74.09 -8.10 -6.74
CA HIS A 49 73.13 -7.28 -7.49
C HIS A 49 72.71 -6.11 -6.61
N SER A 50 72.37 -4.99 -7.23
CA SER A 50 72.01 -3.77 -6.48
C SER A 50 70.90 -4.00 -5.47
N TYR A 51 69.89 -4.77 -5.86
CA TYR A 51 68.71 -4.98 -5.04
C TYR A 51 68.74 -6.29 -4.23
N ILE A 52 69.93 -6.81 -3.97
CA ILE A 52 70.08 -7.98 -3.11
C ILE A 52 71.24 -7.77 -2.15
N ASP A 53 71.17 -8.38 -0.97
CA ASP A 53 72.21 -8.24 0.04
C ASP A 53 73.26 -9.29 -0.15
N THR A 54 72.78 -10.50 -0.40
CA THR A 54 73.62 -11.68 -0.42
C THR A 54 73.25 -12.60 -1.57
N TYR A 55 74.24 -13.35 -2.02
CA TYR A 55 74.06 -14.28 -3.12
C TYR A 55 74.70 -15.60 -2.73
N PHE A 56 74.43 -16.64 -3.50
CA PHE A 56 75.10 -17.91 -3.29
C PHE A 56 76.38 -18.00 -4.10
N ASP A 57 77.51 -18.11 -3.40
CA ASP A 57 78.81 -18.31 -4.04
C ASP A 57 79.16 -19.80 -4.09
N THR A 58 79.09 -20.36 -5.30
CA THR A 58 79.28 -21.80 -5.52
C THR A 58 80.69 -22.22 -5.13
N GLU A 59 81.65 -21.33 -5.37
CA GLU A 59 83.07 -21.63 -5.12
C GLU A 59 83.43 -21.79 -3.64
N ARG A 60 82.50 -21.45 -2.75
CA ARG A 60 82.73 -21.61 -1.31
C ARG A 60 81.97 -22.79 -0.71
N SER A 61 81.30 -23.57 -1.56
CA SER A 61 80.61 -24.77 -1.10
C SER A 61 81.32 -26.02 -1.59
N SER A 62 81.67 -26.87 -0.64
CA SER A 62 82.42 -28.10 -0.93
C SER A 62 81.51 -29.16 -1.54
N THR A 63 80.21 -29.05 -1.31
CA THR A 63 79.22 -29.99 -1.88
C THR A 63 78.56 -29.58 -3.22
N TYR A 64 78.84 -28.38 -3.70
CA TYR A 64 78.28 -27.93 -4.99
C TYR A 64 78.83 -28.73 -6.14
N ARG A 65 77.97 -29.10 -7.06
CA ARG A 65 78.41 -29.76 -8.27
C ARG A 65 77.78 -29.14 -9.52
N SER A 66 78.63 -28.66 -10.42
CA SER A 66 78.18 -28.11 -11.72
C SER A 66 77.54 -29.23 -12.54
N LYS A 67 76.43 -28.95 -13.20
CA LYS A 67 75.83 -29.94 -14.09
C LYS A 67 76.20 -29.72 -15.53
N GLY A 68 76.98 -28.68 -15.80
CA GLY A 68 77.57 -28.54 -17.12
C GLY A 68 76.67 -27.94 -18.19
N PHE A 69 75.59 -27.27 -17.79
CA PHE A 69 74.78 -26.48 -18.72
C PHE A 69 74.19 -25.23 -18.06
N ASP A 70 73.71 -24.31 -18.90
CA ASP A 70 73.10 -23.09 -18.41
C ASP A 70 71.57 -23.17 -18.55
N VAL A 71 70.90 -22.10 -18.18
CA VAL A 71 69.45 -22.07 -18.13
C VAL A 71 69.04 -20.62 -18.33
N THR A 72 67.95 -20.43 -19.07
CA THR A 72 67.38 -19.10 -19.22
C THR A 72 65.83 -19.11 -19.13
N VAL A 73 65.26 -18.08 -18.52
CA VAL A 73 63.82 -18.02 -18.24
C VAL A 73 63.38 -16.64 -18.74
N LYS A 74 62.30 -16.61 -19.51
CA LYS A 74 61.74 -15.35 -19.98
C LYS A 74 60.30 -15.28 -19.54
N TYR A 75 59.84 -14.11 -19.15
CA TYR A 75 58.40 -13.90 -18.85
C TYR A 75 58.14 -12.51 -19.37
N THR A 76 56.90 -12.05 -19.24
CA THR A 76 56.42 -10.83 -19.90
C THR A 76 57.41 -9.67 -19.86
N GLN A 77 57.73 -9.16 -18.68
CA GLN A 77 58.57 -7.95 -18.69
C GLN A 77 60.01 -8.20 -18.21
N GLY A 78 60.49 -9.44 -18.31
CA GLY A 78 61.84 -9.74 -17.82
C GLY A 78 62.38 -11.13 -18.03
N SER A 79 63.51 -11.42 -17.40
CA SER A 79 64.23 -12.65 -17.63
C SER A 79 65.35 -12.85 -16.63
N TRP A 80 65.83 -14.08 -16.56
CA TRP A 80 67.10 -14.36 -15.92
C TRP A 80 67.84 -15.51 -16.59
N THR A 81 69.16 -15.49 -16.46
CA THR A 81 70.01 -16.54 -16.96
C THR A 81 70.96 -16.93 -15.86
N GLY A 82 71.18 -18.25 -15.74
CA GLY A 82 72.12 -18.77 -14.78
C GLY A 82 72.76 -20.09 -15.16
N PHE A 83 73.65 -20.57 -14.29
CA PHE A 83 74.32 -21.85 -14.49
C PHE A 83 73.55 -22.88 -13.71
N VAL A 84 73.57 -24.14 -14.14
CA VAL A 84 72.85 -25.20 -13.42
C VAL A 84 73.81 -26.11 -12.68
N GLY A 85 73.48 -26.40 -11.43
CA GLY A 85 74.23 -27.37 -10.66
C GLY A 85 73.30 -28.03 -9.67
N GLU A 86 73.89 -28.68 -8.67
CA GLU A 86 73.13 -29.21 -7.56
C GLU A 86 73.92 -29.03 -6.27
N ASP A 87 73.23 -28.92 -5.15
CA ASP A 87 73.88 -28.81 -3.87
C ASP A 87 72.91 -29.22 -2.80
N LEU A 88 73.42 -29.36 -1.58
CA LEU A 88 72.60 -29.70 -0.42
C LEU A 88 71.94 -28.47 0.13
N VAL A 89 70.68 -28.62 0.53
CA VAL A 89 69.88 -27.56 1.07
C VAL A 89 69.23 -28.02 2.38
N THR A 90 69.25 -27.15 3.39
CA THR A 90 68.51 -27.37 4.63
C THR A 90 67.43 -26.30 4.72
N ILE A 91 66.22 -26.72 5.08
CA ILE A 91 65.13 -25.80 5.40
C ILE A 91 65.00 -25.76 6.93
N PRO A 92 65.58 -24.73 7.58
CA PRO A 92 65.57 -24.71 9.05
C PRO A 92 64.16 -24.86 9.66
N LYS A 93 63.21 -24.04 9.23
CA LYS A 93 61.83 -24.16 9.70
C LYS A 93 61.06 -25.23 8.91
N GLY A 94 61.40 -26.50 9.17
CA GLY A 94 60.68 -27.66 8.62
C GLY A 94 61.44 -28.98 8.58
N PHE A 95 62.65 -28.93 8.04
CA PHE A 95 63.43 -30.13 7.72
C PHE A 95 64.89 -29.95 8.12
N ASN A 96 65.27 -30.54 9.26
CA ASN A 96 66.66 -30.52 9.73
C ASN A 96 67.62 -31.35 8.86
N THR A 97 67.11 -32.43 8.25
CA THR A 97 67.89 -33.23 7.30
C THR A 97 68.12 -32.43 6.01
N SER A 98 69.28 -32.60 5.40
CA SER A 98 69.60 -31.86 4.19
C SER A 98 69.26 -32.73 2.99
N PHE A 99 68.99 -32.11 1.84
CA PHE A 99 68.76 -32.89 0.63
C PHE A 99 69.35 -32.22 -0.61
N LEU A 100 69.59 -33.04 -1.62
CA LEU A 100 70.34 -32.64 -2.79
C LEU A 100 69.33 -32.17 -3.81
N VAL A 101 69.46 -30.92 -4.24
CA VAL A 101 68.52 -30.33 -5.20
C VAL A 101 69.24 -29.70 -6.40
N ASN A 102 68.56 -29.66 -7.54
CA ASN A 102 68.98 -28.83 -8.65
C ASN A 102 68.94 -27.36 -8.22
N ILE A 103 69.94 -26.58 -8.64
CA ILE A 103 69.96 -25.15 -8.33
C ILE A 103 70.51 -24.35 -9.53
N ALA A 104 69.79 -23.29 -9.90
CA ALA A 104 70.23 -22.38 -10.92
C ALA A 104 70.85 -21.21 -10.19
N THR A 105 72.02 -20.79 -10.66
CA THR A 105 72.67 -19.62 -10.07
C THR A 105 72.65 -18.50 -11.08
N ILE A 106 71.90 -17.48 -10.74
CA ILE A 106 71.57 -16.38 -11.63
C ILE A 106 72.71 -15.41 -11.64
N PHE A 107 73.23 -15.12 -12.83
CA PHE A 107 74.30 -14.12 -12.97
C PHE A 107 73.85 -12.89 -13.75
N GLU A 108 72.75 -12.99 -14.47
CA GLU A 108 72.19 -11.86 -15.21
C GLU A 108 70.67 -11.91 -15.20
N SER A 109 70.04 -10.75 -15.03
CA SER A 109 68.57 -10.69 -14.99
C SER A 109 68.08 -9.32 -15.39
N GLU A 110 66.79 -9.27 -15.71
CA GLU A 110 66.12 -8.03 -16.03
C GLU A 110 64.74 -8.11 -15.39
N ASN A 111 64.41 -7.10 -14.61
CA ASN A 111 63.13 -7.04 -13.88
C ASN A 111 62.86 -8.31 -13.12
N PHE A 112 63.87 -8.76 -12.40
CA PHE A 112 63.72 -9.91 -11.59
C PHE A 112 63.94 -9.51 -10.13
N PHE A 113 65.10 -8.98 -9.81
CA PHE A 113 65.31 -8.44 -8.46
C PHE A 113 64.97 -6.98 -8.49
N LEU A 114 63.84 -6.61 -7.90
CA LEU A 114 63.43 -5.20 -7.88
C LEU A 114 63.67 -4.53 -6.52
N PRO A 115 63.74 -3.18 -6.51
CA PRO A 115 64.01 -2.53 -5.24
C PRO A 115 62.85 -2.76 -4.28
N GLY A 116 63.17 -2.98 -3.02
CA GLY A 116 62.10 -3.20 -2.05
C GLY A 116 61.86 -4.67 -1.73
N ILE A 117 62.55 -5.59 -2.40
CA ILE A 117 62.42 -6.99 -2.03
C ILE A 117 63.38 -7.36 -0.91
N LYS A 118 63.10 -8.48 -0.23
CA LYS A 118 64.00 -9.01 0.77
C LYS A 118 64.47 -10.39 0.35
N TRP A 119 64.01 -10.88 -0.81
CA TRP A 119 64.45 -12.21 -1.24
C TRP A 119 65.62 -12.15 -2.20
N ASN A 120 66.41 -13.21 -2.24
CA ASN A 120 67.56 -13.30 -3.15
C ASN A 120 67.56 -14.61 -3.92
N GLY A 121 66.41 -15.26 -3.95
CA GLY A 121 66.23 -16.49 -4.72
C GLY A 121 64.75 -16.80 -4.81
N ILE A 122 64.40 -17.82 -5.58
CA ILE A 122 63.03 -18.15 -5.91
C ILE A 122 62.89 -19.69 -5.83
N LEU A 123 61.76 -20.14 -5.29
CA LEU A 123 61.45 -21.56 -5.16
C LEU A 123 60.21 -21.81 -6.00
N GLY A 124 60.42 -22.33 -7.21
CA GLY A 124 59.36 -22.56 -8.15
C GLY A 124 58.67 -23.85 -7.78
N LEU A 125 57.38 -23.78 -7.52
CA LEU A 125 56.68 -24.91 -6.94
C LEU A 125 55.59 -25.47 -7.85
N ALA A 126 55.54 -25.01 -9.09
CA ALA A 126 54.59 -25.54 -10.07
C ALA A 126 55.15 -26.85 -10.65
N TYR A 127 54.64 -27.25 -11.81
CA TYR A 127 55.01 -28.57 -12.38
C TYR A 127 56.29 -28.58 -13.22
N ALA A 128 56.86 -29.78 -13.31
CA ALA A 128 58.08 -30.07 -14.04
C ALA A 128 57.98 -29.57 -15.47
N THR A 129 56.77 -29.65 -16.03
CA THR A 129 56.53 -29.20 -17.39
C THR A 129 56.88 -27.72 -17.62
N LEU A 130 56.92 -26.91 -16.56
CA LEU A 130 57.37 -25.52 -16.71
C LEU A 130 58.86 -25.35 -16.43
N ALA A 131 59.53 -26.41 -15.99
CA ALA A 131 60.95 -26.26 -15.64
C ALA A 131 61.84 -25.94 -16.87
N LYS A 132 62.78 -25.02 -16.70
CA LYS A 132 63.78 -24.75 -17.71
C LYS A 132 65.12 -25.36 -17.26
N PRO A 133 65.98 -25.80 -18.23
CA PRO A 133 65.81 -25.76 -19.68
C PRO A 133 64.70 -26.68 -20.17
N SER A 134 64.37 -27.72 -19.41
CA SER A 134 63.34 -28.68 -19.81
C SER A 134 62.78 -29.39 -18.59
N SER A 135 61.68 -30.12 -18.79
CA SER A 135 61.01 -30.84 -17.72
C SER A 135 61.87 -31.90 -17.02
N SER A 136 63.04 -32.21 -17.60
CA SER A 136 63.91 -33.22 -16.97
C SER A 136 64.74 -32.66 -15.80
N LEU A 137 64.87 -31.33 -15.72
CA LEU A 137 65.50 -30.76 -14.55
C LEU A 137 64.55 -30.91 -13.35
N GLU A 138 64.79 -31.92 -12.51
CA GLU A 138 63.93 -32.21 -11.39
C GLU A 138 63.65 -30.98 -10.52
N THR A 139 62.36 -30.77 -10.34
CA THR A 139 61.77 -29.77 -9.45
C THR A 139 62.26 -29.93 -8.03
N PHE A 140 62.37 -28.82 -7.30
CA PHE A 140 62.75 -28.83 -5.88
C PHE A 140 61.80 -29.68 -5.03
N PHE A 141 60.51 -29.41 -5.14
CA PHE A 141 59.52 -30.13 -4.36
C PHE A 141 59.52 -31.63 -4.77
N ASP A 142 59.70 -31.93 -6.06
CA ASP A 142 59.79 -33.34 -6.48
C ASP A 142 60.99 -34.07 -5.87
N SER A 143 62.12 -33.37 -5.76
CA SER A 143 63.32 -33.91 -5.10
C SER A 143 63.02 -34.15 -3.63
N LEU A 144 62.30 -33.20 -3.05
CA LEU A 144 61.93 -33.24 -1.65
C LEU A 144 60.93 -34.35 -1.36
N VAL A 145 59.95 -34.52 -2.24
CA VAL A 145 59.01 -35.63 -2.08
C VAL A 145 59.78 -36.96 -2.04
N THR A 146 60.66 -37.17 -3.02
CA THR A 146 61.53 -38.35 -3.09
C THR A 146 62.40 -38.54 -1.85
N GLN A 147 63.16 -37.51 -1.49
CA GLN A 147 64.16 -37.66 -0.46
C GLN A 147 63.64 -37.56 0.96
N ALA A 148 62.49 -36.90 1.13
CA ALA A 148 61.90 -36.77 2.45
C ALA A 148 60.75 -37.74 2.65
N ASN A 149 60.38 -38.45 1.59
N ASN A 149 60.42 -38.51 1.61
CA ASN A 149 59.30 -39.45 1.57
CA ASN A 149 59.29 -39.41 1.65
C ASN A 149 57.91 -38.93 1.98
C ASN A 149 58.11 -38.72 2.33
N ILE A 150 57.64 -37.65 1.68
CA ILE A 150 56.42 -36.96 2.13
C ILE A 150 55.38 -37.00 1.02
N PRO A 151 54.09 -36.88 1.38
CA PRO A 151 53.06 -36.84 0.35
C PRO A 151 53.31 -35.71 -0.68
N ASN A 152 52.85 -35.92 -1.90
CA ASN A 152 52.97 -34.94 -2.98
C ASN A 152 51.86 -33.89 -2.79
N VAL A 153 51.94 -33.17 -1.69
CA VAL A 153 50.98 -32.14 -1.31
C VAL A 153 51.73 -31.03 -0.57
N PHE A 154 51.39 -29.77 -0.86
CA PHE A 154 51.86 -28.66 -0.01
C PHE A 154 50.73 -27.63 0.15
N SER A 155 50.83 -26.78 1.17
CA SER A 155 49.79 -25.79 1.37
C SER A 155 50.41 -24.52 1.90
N MET A 156 49.67 -23.43 1.73
CA MET A 156 50.19 -22.11 2.00
C MET A 156 49.13 -21.25 2.68
N GLN A 157 49.53 -20.60 3.77
CA GLN A 157 48.73 -19.53 4.34
C GLN A 157 49.55 -18.23 4.32
N MET A 158 48.95 -17.16 3.82
CA MET A 158 49.57 -15.84 3.91
C MET A 158 48.82 -14.96 4.88
N CYS A 159 49.55 -14.35 5.82
CA CYS A 159 48.93 -13.58 6.90
C CYS A 159 49.12 -12.07 6.77
N GLY A 160 49.54 -11.61 5.60
CA GLY A 160 49.75 -10.17 5.33
C GLY A 160 48.51 -9.26 5.35
N ALA A 161 47.32 -9.83 5.39
CA ALA A 161 46.09 -9.04 5.50
C ALA A 161 45.94 -8.52 6.92
N ASN A 171 53.73 -9.49 9.93
CA ASN A 171 53.18 -10.84 9.91
C ASN A 171 53.55 -11.62 8.66
N GLY A 172 53.71 -12.93 8.82
CA GLY A 172 54.20 -13.74 7.73
C GLY A 172 53.15 -14.67 7.21
N GLY A 173 53.38 -15.96 7.40
CA GLY A 173 52.54 -16.97 6.80
C GLY A 173 53.24 -18.29 6.94
N SER A 174 52.71 -19.31 6.28
CA SER A 174 53.22 -20.68 6.47
C SER A 174 53.27 -21.46 5.16
N LEU A 175 54.41 -22.07 4.87
CA LEU A 175 54.49 -23.08 3.80
C LEU A 175 54.65 -24.45 4.45
N VAL A 176 53.64 -25.29 4.28
CA VAL A 176 53.63 -26.62 4.89
C VAL A 176 53.85 -27.63 3.78
N LEU A 177 55.06 -28.16 3.75
CA LEU A 177 55.52 -29.07 2.71
C LEU A 177 55.21 -30.52 3.13
N GLY A 178 54.38 -31.19 2.33
CA GLY A 178 53.97 -32.56 2.67
C GLY A 178 52.55 -32.71 3.20
N GLY A 179 51.82 -31.61 3.38
CA GLY A 179 50.42 -31.71 3.74
C GLY A 179 49.74 -30.48 4.33
N ILE A 180 48.75 -30.74 5.18
CA ILE A 180 47.87 -29.71 5.73
C ILE A 180 48.08 -29.65 7.23
N GLU A 181 48.11 -28.44 7.78
CA GLU A 181 48.18 -28.23 9.21
C GLU A 181 46.81 -27.74 9.69
N PRO A 182 46.14 -28.51 10.57
CA PRO A 182 44.75 -28.21 10.90
C PRO A 182 44.56 -26.91 11.68
N SER A 183 45.57 -26.48 12.44
CA SER A 183 45.49 -25.21 13.15
C SER A 183 45.40 -23.99 12.22
N LEU A 184 45.66 -24.18 10.93
CA LEU A 184 45.71 -23.05 9.99
C LEU A 184 44.39 -22.68 9.35
N TYR A 185 43.35 -23.48 9.58
CA TYR A 185 42.03 -23.16 9.05
C TYR A 185 40.86 -23.54 9.96
N LYS A 186 39.69 -23.07 9.58
CA LYS A 186 38.41 -23.36 10.23
C LYS A 186 37.44 -23.62 9.10
N GLY A 187 36.38 -24.36 9.40
CA GLY A 187 35.39 -24.69 8.40
C GLY A 187 35.91 -25.81 7.52
N ASP A 188 35.26 -26.05 6.38
CA ASP A 188 35.62 -27.14 5.49
C ASP A 188 36.52 -26.68 4.36
N ILE A 189 37.36 -27.59 3.87
CA ILE A 189 38.17 -27.35 2.68
C ILE A 189 37.30 -27.63 1.48
N TRP A 190 37.30 -26.73 0.51
CA TRP A 190 36.65 -27.01 -0.77
C TRP A 190 37.71 -27.26 -1.84
N TYR A 191 37.46 -28.24 -2.70
CA TYR A 191 38.41 -28.72 -3.68
C TYR A 191 37.91 -28.53 -5.11
N THR A 192 38.75 -27.87 -5.91
CA THR A 192 38.51 -27.72 -7.32
C THR A 192 39.60 -28.50 -8.06
N PRO A 193 39.26 -29.14 -9.19
CA PRO A 193 40.26 -29.94 -9.93
C PRO A 193 41.36 -29.07 -10.59
N ILE A 194 42.58 -29.57 -10.70
CA ILE A 194 43.62 -28.96 -11.57
C ILE A 194 43.36 -29.38 -13.01
N LYS A 195 43.30 -28.42 -13.93
CA LYS A 195 42.83 -28.71 -15.29
C LYS A 195 43.96 -29.09 -16.25
N GLU A 196 45.18 -28.71 -15.90
CA GLU A 196 46.37 -28.94 -16.70
C GLU A 196 47.51 -28.69 -15.73
N GLU A 197 48.27 -29.74 -15.43
CA GLU A 197 49.40 -29.65 -14.53
C GLU A 197 50.60 -28.99 -15.22
N TRP A 198 50.61 -27.66 -15.22
CA TRP A 198 51.76 -26.86 -15.60
C TRP A 198 51.82 -25.74 -14.56
N TYR A 199 51.19 -24.61 -14.83
CA TYR A 199 50.74 -23.72 -13.73
C TYR A 199 49.70 -24.52 -12.94
N TYR A 200 49.29 -23.99 -11.78
CA TYR A 200 48.13 -24.54 -11.06
C TYR A 200 46.82 -24.00 -11.64
N GLN A 201 46.39 -24.59 -12.76
CA GLN A 201 45.25 -24.08 -13.54
C GLN A 201 43.96 -24.70 -13.10
N ILE A 202 42.99 -23.84 -12.77
CA ILE A 202 41.73 -24.29 -12.20
C ILE A 202 40.62 -23.68 -13.05
N GLU A 203 39.38 -24.18 -12.95
CA GLU A 203 38.30 -23.72 -13.84
C GLU A 203 37.44 -22.66 -13.18
N ILE A 204 37.37 -21.50 -13.78
CA ILE A 204 36.54 -20.47 -13.20
C ILE A 204 35.19 -20.46 -13.90
N LEU A 205 34.13 -20.66 -13.12
CA LEU A 205 32.76 -20.71 -13.64
C LEU A 205 32.10 -19.34 -13.75
N LYS A 206 32.31 -18.49 -12.75
CA LYS A 206 31.54 -17.27 -12.65
C LYS A 206 32.26 -16.25 -11.78
N LEU A 207 32.14 -14.98 -12.14
CA LEU A 207 32.47 -13.88 -11.24
C LEU A 207 31.20 -13.09 -10.91
N GLU A 208 31.10 -12.68 -9.65
CA GLU A 208 29.94 -11.99 -9.10
C GLU A 208 30.44 -10.74 -8.36
N ILE A 209 29.88 -9.57 -8.66
CA ILE A 209 30.23 -8.33 -7.96
C ILE A 209 29.04 -7.84 -7.14
N GLY A 210 29.18 -7.88 -5.83
CA GLY A 210 28.09 -7.58 -4.92
C GLY A 210 26.83 -8.32 -5.28
N GLY A 211 26.91 -9.65 -5.30
CA GLY A 211 25.73 -10.48 -5.59
C GLY A 211 25.19 -10.45 -7.02
N GLN A 212 25.84 -9.65 -7.89
CA GLN A 212 25.43 -9.55 -9.30
C GLN A 212 26.47 -10.18 -10.24
N SER A 213 26.10 -11.30 -10.85
CA SER A 213 27.03 -12.00 -11.74
C SER A 213 27.23 -11.18 -13.01
N LEU A 214 28.44 -11.22 -13.55
CA LEU A 214 28.86 -10.39 -14.68
C LEU A 214 28.18 -10.69 -16.01
N ASN A 215 27.67 -11.90 -16.17
CA ASN A 215 27.11 -12.30 -17.47
C ASN A 215 28.13 -12.09 -18.59
N LEU A 216 29.30 -12.71 -18.40
CA LEU A 216 30.22 -12.94 -19.49
C LEU A 216 30.21 -14.44 -19.74
N ASP A 217 30.55 -14.85 -20.96
CA ASP A 217 30.79 -16.26 -21.25
C ASP A 217 31.86 -16.78 -20.27
N CYS A 218 31.63 -17.94 -19.66
CA CYS A 218 32.56 -18.44 -18.66
C CYS A 218 33.94 -18.71 -19.25
N ARG A 219 33.97 -18.89 -20.57
CA ARG A 219 35.24 -19.03 -21.28
C ARG A 219 36.10 -17.78 -21.18
N GLU A 220 35.47 -16.62 -20.97
CA GLU A 220 36.25 -15.38 -20.80
C GLU A 220 37.16 -15.42 -19.54
N TYR A 221 36.72 -16.09 -18.48
CA TYR A 221 37.52 -16.20 -17.27
C TYR A 221 38.70 -17.16 -17.39
N ASN A 222 38.68 -17.97 -18.44
CA ASN A 222 39.66 -19.01 -18.63
C ASN A 222 40.35 -18.80 -19.95
N ALA A 223 40.09 -17.65 -20.56
CA ALA A 223 40.38 -17.38 -21.96
C ALA A 223 41.76 -17.89 -22.37
N ASP A 224 42.78 -17.42 -21.67
CA ASP A 224 44.09 -18.02 -21.77
C ASP A 224 44.12 -19.16 -20.76
N LYS A 225 43.95 -18.83 -19.49
CA LYS A 225 44.00 -19.76 -18.36
C LYS A 225 43.70 -19.00 -17.07
N ALA A 226 43.15 -19.69 -16.08
CA ALA A 226 43.01 -19.15 -14.73
C ALA A 226 43.93 -19.94 -13.82
N ILE A 227 44.84 -19.26 -13.14
CA ILE A 227 45.86 -19.95 -12.36
C ILE A 227 46.01 -19.32 -10.97
N VAL A 228 46.43 -20.14 -9.99
CA VAL A 228 46.72 -19.68 -8.64
C VAL A 228 48.24 -19.46 -8.50
N ASP A 229 48.67 -18.21 -8.23
CA ASP A 229 50.07 -17.84 -8.30
C ASP A 229 50.55 -16.98 -7.14
N SER A 230 51.26 -17.61 -6.21
CA SER A 230 51.74 -16.91 -5.04
C SER A 230 52.85 -15.90 -5.42
N GLY A 231 53.35 -15.99 -6.65
CA GLY A 231 54.36 -15.04 -7.11
C GLY A 231 53.81 -13.79 -7.76
N THR A 232 52.48 -13.66 -7.82
CA THR A 232 51.83 -12.48 -8.38
C THR A 232 51.19 -11.77 -7.18
N THR A 233 51.34 -10.44 -7.12
CA THR A 233 50.81 -9.65 -6.04
C THR A 233 49.29 -9.49 -6.17
N LEU A 234 48.83 -9.04 -7.33
CA LEU A 234 47.45 -8.62 -7.48
C LEU A 234 46.58 -9.72 -8.04
N LEU A 235 45.27 -9.52 -7.94
CA LEU A 235 44.32 -10.23 -8.79
C LEU A 235 44.41 -9.62 -10.18
N ARG A 236 44.85 -10.41 -11.14
CA ARG A 236 45.02 -9.91 -12.49
C ARG A 236 43.96 -10.48 -13.44
N LEU A 237 43.32 -9.60 -14.21
CA LEU A 237 42.18 -10.02 -15.04
C LEU A 237 42.36 -9.67 -16.52
N PRO A 238 42.04 -10.61 -17.43
CA PRO A 238 42.10 -10.25 -18.85
C PRO A 238 41.29 -8.98 -19.10
N GLN A 239 41.76 -8.13 -20.02
CA GLN A 239 41.14 -6.85 -20.29
C GLN A 239 39.60 -6.87 -20.29
N LYS A 240 38.98 -7.81 -21.01
CA LYS A 240 37.50 -7.85 -21.05
C LYS A 240 36.91 -8.14 -19.68
N VAL A 241 37.54 -9.05 -18.94
CA VAL A 241 37.04 -9.36 -17.59
C VAL A 241 37.27 -8.16 -16.67
N PHE A 242 38.45 -7.54 -16.76
CA PHE A 242 38.75 -6.34 -15.98
C PHE A 242 37.72 -5.23 -16.21
N ASP A 243 37.45 -4.88 -17.47
CA ASP A 243 36.50 -3.80 -17.80
C ASP A 243 35.14 -4.10 -17.18
N ALA A 244 34.70 -5.34 -17.29
CA ALA A 244 33.40 -5.76 -16.80
C ALA A 244 33.36 -5.67 -15.26
N VAL A 245 34.47 -6.03 -14.62
CA VAL A 245 34.57 -5.98 -13.16
C VAL A 245 34.47 -4.53 -12.67
N VAL A 246 35.23 -3.62 -13.26
CA VAL A 246 35.29 -2.25 -12.74
C VAL A 246 34.02 -1.48 -13.08
N GLU A 247 33.40 -1.80 -14.23
CA GLU A 247 32.04 -1.37 -14.58
C GLU A 247 31.06 -1.77 -13.46
N ALA A 248 31.07 -3.06 -13.09
CA ALA A 248 30.20 -3.54 -12.01
C ALA A 248 30.51 -2.83 -10.68
N VAL A 249 31.80 -2.68 -10.34
CA VAL A 249 32.19 -2.04 -9.09
C VAL A 249 31.63 -0.61 -9.03
N ALA A 250 31.76 0.13 -10.13
CA ALA A 250 31.21 1.48 -10.24
C ALA A 250 29.69 1.53 -10.09
N ARG A 251 28.99 0.51 -10.60
CA ARG A 251 27.55 0.45 -10.42
C ARG A 251 27.20 0.18 -8.97
N ALA A 252 27.95 -0.69 -8.29
CA ALA A 252 27.60 -1.12 -6.93
C ALA A 252 28.12 -0.24 -5.83
N SER A 253 29.27 0.42 -6.02
CA SER A 253 29.92 1.20 -4.95
C SER A 253 29.14 2.49 -4.59
N LEU A 254 29.44 3.07 -3.44
CA LEU A 254 28.83 4.33 -3.03
C LEU A 254 29.91 5.31 -2.59
N ILE A 255 30.38 6.09 -3.55
CA ILE A 255 31.52 6.99 -3.43
C ILE A 255 30.96 8.29 -2.87
N PRO A 256 31.64 8.87 -1.86
CA PRO A 256 31.11 10.17 -1.40
C PRO A 256 31.15 11.27 -2.49
N GLU A 257 30.24 12.23 -2.38
CA GLU A 257 30.19 13.33 -3.34
C GLU A 257 31.28 14.29 -2.97
N PHE A 258 31.82 14.97 -3.99
CA PHE A 258 32.75 16.06 -3.73
C PHE A 258 32.12 17.15 -2.87
N SER A 259 32.95 17.82 -2.07
CA SER A 259 32.48 18.81 -1.09
C SER A 259 33.70 19.42 -0.43
N ASP A 260 33.50 20.14 0.68
CA ASP A 260 34.61 20.82 1.38
C ASP A 260 35.75 19.83 1.71
N GLY A 261 36.97 20.11 1.25
CA GLY A 261 38.12 19.24 1.46
C GLY A 261 38.21 17.97 0.64
N PHE A 262 37.28 17.73 -0.29
CA PHE A 262 37.32 16.55 -1.14
C PHE A 262 36.79 16.98 -2.53
N TRP A 263 37.71 17.36 -3.42
N TRP A 263 37.72 17.36 -3.40
CA TRP A 263 37.32 17.97 -4.69
CA TRP A 263 37.38 18.01 -4.68
C TRP A 263 37.96 17.34 -5.93
C TRP A 263 37.95 17.34 -5.93
N THR A 264 38.74 16.28 -5.74
CA THR A 264 39.29 15.47 -6.85
C THR A 264 39.20 14.00 -6.54
N GLY A 265 39.07 13.18 -7.58
CA GLY A 265 39.13 11.74 -7.42
C GLY A 265 40.35 11.20 -6.67
N SER A 266 41.51 11.79 -6.94
N SER A 266 41.52 11.76 -6.96
CA SER A 266 42.79 11.32 -6.37
CA SER A 266 42.79 11.29 -6.37
C SER A 266 42.72 11.32 -4.85
C SER A 266 42.78 11.37 -4.84
N GLN A 267 41.97 12.29 -4.34
CA GLN A 267 41.84 12.54 -2.90
C GLN A 267 41.04 11.46 -2.19
N LEU A 268 40.43 10.57 -2.96
CA LEU A 268 39.70 9.48 -2.38
C LEU A 268 40.64 8.45 -1.73
N ALA A 269 41.94 8.52 -2.06
CA ALA A 269 42.91 7.51 -1.67
C ALA A 269 43.24 7.46 -0.17
N CYS A 270 43.36 8.61 0.49
CA CYS A 270 43.74 8.65 1.90
C CYS A 270 42.59 9.05 2.87
N TRP A 271 42.58 8.47 4.07
CA TRP A 271 41.49 8.64 5.03
C TRP A 271 42.07 8.91 6.42
N THR A 272 41.41 9.76 7.20
CA THR A 272 41.84 10.05 8.58
C THR A 272 40.76 9.61 9.59
N ASN A 273 41.04 9.80 10.88
CA ASN A 273 40.05 9.64 11.97
C ASN A 273 39.41 8.24 12.05
N SER A 274 40.20 7.19 11.81
CA SER A 274 39.71 5.78 11.81
C SER A 274 38.56 5.49 10.83
N GLU A 275 38.33 6.43 9.92
CA GLU A 275 37.38 6.23 8.83
C GLU A 275 38.07 5.33 7.79
N THR A 276 37.35 4.32 7.30
CA THR A 276 37.85 3.48 6.20
C THR A 276 36.92 3.53 4.98
N PRO A 277 37.47 3.24 3.79
CA PRO A 277 36.68 3.23 2.55
C PRO A 277 35.85 1.96 2.34
N TRP A 278 36.03 0.96 3.20
CA TRP A 278 35.55 -0.38 2.91
C TRP A 278 34.03 -0.52 2.72
N SER A 279 33.23 0.13 3.56
CA SER A 279 31.77 -0.04 3.45
C SER A 279 31.17 0.57 2.18
N TYR A 280 31.99 1.30 1.43
CA TYR A 280 31.54 1.88 0.17
C TYR A 280 31.63 0.91 -1.02
N PHE A 281 32.24 -0.26 -0.81
CA PHE A 281 32.61 -1.12 -1.91
C PHE A 281 31.97 -2.50 -1.82
N PRO A 282 31.75 -3.14 -2.97
CA PRO A 282 31.08 -4.45 -2.95
C PRO A 282 32.00 -5.65 -2.73
N LYS A 283 31.37 -6.78 -2.39
CA LYS A 283 32.06 -8.05 -2.30
C LYS A 283 32.35 -8.55 -3.71
N ILE A 284 33.43 -9.31 -3.84
CA ILE A 284 33.80 -9.88 -5.13
C ILE A 284 33.92 -11.39 -4.92
N SER A 285 33.29 -12.13 -5.82
CA SER A 285 33.16 -13.58 -5.69
C SER A 285 33.61 -14.32 -6.95
N ILE A 286 34.36 -15.39 -6.73
CA ILE A 286 34.78 -16.27 -7.82
C ILE A 286 34.20 -17.65 -7.53
N TYR A 287 33.43 -18.17 -8.49
CA TYR A 287 32.91 -19.54 -8.41
C TYR A 287 33.82 -20.54 -9.12
N LEU A 288 34.18 -21.61 -8.42
CA LEU A 288 35.03 -22.65 -9.00
C LEU A 288 34.26 -23.97 -9.05
N ARG A 289 34.49 -24.78 -10.08
CA ARG A 289 33.88 -26.13 -10.13
C ARG A 289 34.37 -27.03 -9.00
N ASP A 290 33.45 -27.74 -8.35
CA ASP A 290 33.83 -28.72 -7.34
C ASP A 290 34.39 -29.98 -8.04
N GLU A 291 35.03 -30.85 -7.29
CA GLU A 291 35.44 -32.17 -7.82
C GLU A 291 34.25 -32.90 -8.42
N ASN A 292 33.13 -32.87 -7.70
CA ASN A 292 31.80 -33.19 -8.21
C ASN A 292 31.38 -32.19 -9.31
N SER A 293 31.46 -32.63 -10.55
CA SER A 293 31.22 -31.78 -11.71
C SER A 293 29.87 -31.03 -11.68
N SER A 294 28.90 -31.55 -10.92
CA SER A 294 27.57 -30.93 -10.85
C SER A 294 27.54 -29.74 -9.87
N ARG A 295 28.53 -29.68 -8.98
CA ARG A 295 28.58 -28.66 -7.95
C ARG A 295 29.70 -27.62 -8.17
N SER A 296 29.50 -26.44 -7.61
CA SER A 296 30.52 -25.39 -7.58
C SER A 296 30.54 -24.77 -6.20
N PHE A 297 31.67 -24.16 -5.86
CA PHE A 297 31.77 -23.38 -4.64
C PHE A 297 32.25 -21.95 -4.94
N ARG A 298 32.22 -21.10 -3.91
CA ARG A 298 32.43 -19.67 -4.10
C ARG A 298 33.44 -19.16 -3.08
N ILE A 299 34.55 -18.62 -3.54
CA ILE A 299 35.45 -17.89 -2.67
C ILE A 299 35.12 -16.42 -2.86
N THR A 300 35.02 -15.71 -1.75
CA THR A 300 34.64 -14.29 -1.75
C THR A 300 35.72 -13.47 -1.04
N ILE A 301 36.02 -12.31 -1.62
CA ILE A 301 36.90 -11.36 -0.98
C ILE A 301 36.12 -10.08 -0.69
N LEU A 302 36.30 -9.54 0.52
CA LEU A 302 35.65 -8.27 0.88
C LEU A 302 36.56 -7.08 0.52
N PRO A 303 36.00 -5.85 0.55
CA PRO A 303 36.80 -4.71 0.13
C PRO A 303 38.08 -4.62 0.91
N GLN A 304 38.07 -5.15 2.13
CA GLN A 304 39.27 -5.21 3.00
C GLN A 304 40.48 -5.85 2.30
N LEU A 305 40.25 -6.77 1.37
CA LEU A 305 41.33 -7.43 0.66
C LEU A 305 41.78 -6.77 -0.64
N TYR A 306 40.89 -6.05 -1.32
CA TYR A 306 41.27 -5.51 -2.59
C TYR A 306 41.38 -4.01 -2.54
N ILE A 307 41.05 -3.43 -1.38
CA ILE A 307 41.35 -2.00 -1.17
C ILE A 307 42.43 -1.97 -0.10
N GLN A 308 43.67 -1.88 -0.56
CA GLN A 308 44.85 -2.24 0.23
C GLN A 308 45.57 -1.06 0.81
N PRO A 309 45.83 -1.11 2.13
CA PRO A 309 46.55 -0.06 2.84
C PRO A 309 48.00 -0.03 2.38
N MET A 310 48.57 1.17 2.33
CA MET A 310 49.84 1.42 1.67
C MET A 310 50.91 2.02 2.58
N MET A 311 50.50 2.64 3.70
CA MET A 311 51.43 3.52 4.41
C MET A 311 52.35 2.75 5.36
N GLY A 312 53.49 3.36 5.68
CA GLY A 312 54.39 2.85 6.72
C GLY A 312 53.72 3.00 8.08
N ALA A 313 54.24 2.30 9.09
CA ALA A 313 53.67 2.37 10.43
C ALA A 313 53.92 3.75 11.08
N GLY A 314 53.14 4.06 12.11
CA GLY A 314 53.29 5.28 12.87
C GLY A 314 52.50 6.49 12.41
N LEU A 315 51.52 6.29 11.54
CA LEU A 315 50.73 7.42 11.03
C LEU A 315 49.28 7.38 11.50
N ASN A 316 48.63 8.53 11.54
CA ASN A 316 47.23 8.53 11.91
C ASN A 316 46.30 8.79 10.72
N TYR A 317 46.79 8.52 9.52
CA TYR A 317 45.89 8.37 8.37
C TYR A 317 46.32 7.15 7.58
N GLU A 318 45.48 6.67 6.67
CA GLU A 318 45.88 5.57 5.80
C GLU A 318 45.63 5.96 4.33
N CYS A 319 46.45 5.46 3.42
CA CYS A 319 46.22 5.56 1.97
C CYS A 319 46.09 4.14 1.44
N TYR A 320 45.21 3.95 0.46
CA TYR A 320 44.89 2.60 -0.06
C TYR A 320 45.05 2.55 -1.58
N ARG A 321 45.23 1.34 -2.12
CA ARG A 321 45.33 1.13 -3.57
C ARG A 321 44.36 0.02 -3.96
N PHE A 322 43.93 0.06 -5.21
CA PHE A 322 43.05 -0.95 -5.78
C PHE A 322 43.88 -2.21 -6.08
N GLY A 323 43.51 -3.33 -5.51
CA GLY A 323 44.28 -4.56 -5.63
C GLY A 323 43.99 -5.43 -6.84
N ILE A 324 43.53 -4.83 -7.93
CA ILE A 324 43.11 -5.60 -9.10
C ILE A 324 43.64 -4.88 -10.31
N SER A 325 44.18 -5.61 -11.28
CA SER A 325 44.72 -4.95 -12.48
C SER A 325 44.44 -5.78 -13.72
N PRO A 326 44.58 -5.16 -14.91
CA PRO A 326 44.38 -5.93 -16.13
C PRO A 326 45.58 -6.80 -16.48
N SER A 327 45.30 -7.91 -17.15
CA SER A 327 46.28 -8.85 -17.65
C SER A 327 46.05 -8.88 -19.17
N THR A 328 47.09 -9.09 -19.96
CA THR A 328 46.86 -9.29 -21.40
C THR A 328 46.32 -10.69 -21.70
N ASN A 329 46.82 -11.71 -20.99
CA ASN A 329 46.39 -13.10 -21.25
C ASN A 329 45.73 -13.90 -20.11
N ALA A 330 46.43 -14.12 -18.99
CA ALA A 330 45.93 -15.02 -17.94
C ALA A 330 45.07 -14.35 -16.86
N LEU A 331 44.25 -15.14 -16.17
CA LEU A 331 43.58 -14.66 -14.98
C LEU A 331 44.35 -15.24 -13.82
N VAL A 332 44.95 -14.35 -13.05
CA VAL A 332 45.86 -14.76 -12.01
C VAL A 332 45.30 -14.45 -10.63
N ILE A 333 45.01 -15.51 -9.91
CA ILE A 333 44.68 -15.41 -8.51
C ILE A 333 45.96 -15.26 -7.71
N GLY A 334 46.39 -14.02 -7.59
CA GLY A 334 47.65 -13.70 -6.98
C GLY A 334 47.50 -13.63 -5.48
N ALA A 335 48.47 -12.99 -4.83
CA ALA A 335 48.52 -12.98 -3.40
C ALA A 335 47.40 -12.15 -2.78
N THR A 336 46.93 -11.11 -3.48
CA THR A 336 45.72 -10.35 -3.11
C THR A 336 44.63 -11.28 -2.58
N VAL A 337 44.32 -12.32 -3.35
CA VAL A 337 43.21 -13.23 -3.05
C VAL A 337 43.64 -14.31 -2.05
N MET A 338 44.83 -14.85 -2.25
CA MET A 338 45.34 -15.98 -1.45
C MET A 338 45.53 -15.59 0.00
N GLU A 339 45.78 -14.31 0.25
CA GLU A 339 45.78 -13.72 1.60
C GLU A 339 44.43 -13.85 2.31
N GLY A 340 43.40 -14.28 1.59
CA GLY A 340 42.10 -14.49 2.19
C GLY A 340 41.88 -15.93 2.59
N PHE A 341 42.70 -16.85 2.10
CA PHE A 341 42.40 -18.28 2.25
C PHE A 341 43.59 -19.15 2.62
N TYR A 342 43.31 -20.35 3.12
CA TYR A 342 44.31 -21.38 3.20
C TYR A 342 44.22 -22.12 1.87
N VAL A 343 45.36 -22.21 1.16
CA VAL A 343 45.37 -22.86 -0.17
C VAL A 343 46.15 -24.16 -0.13
N ILE A 344 45.54 -25.23 -0.63
CA ILE A 344 46.12 -26.57 -0.52
C ILE A 344 46.39 -27.09 -1.93
N PHE A 345 47.67 -27.24 -2.26
CA PHE A 345 48.08 -27.63 -3.59
C PHE A 345 48.28 -29.13 -3.52
N ASP A 346 47.17 -29.85 -3.67
CA ASP A 346 47.16 -31.30 -3.55
C ASP A 346 47.51 -31.89 -4.93
N ARG A 347 48.80 -32.06 -5.16
CA ARG A 347 49.26 -32.51 -6.47
C ARG A 347 48.94 -34.00 -6.63
N ALA A 348 49.08 -34.76 -5.54
CA ALA A 348 48.85 -36.21 -5.59
C ALA A 348 47.44 -36.51 -6.09
N GLN A 349 46.47 -35.68 -5.72
CA GLN A 349 45.10 -35.88 -6.17
C GLN A 349 44.62 -34.84 -7.17
N LYS A 350 45.54 -34.26 -7.94
CA LYS A 350 45.18 -33.35 -9.05
C LYS A 350 44.09 -32.31 -8.72
N ARG A 351 44.18 -31.72 -7.54
CA ARG A 351 43.18 -30.76 -7.07
C ARG A 351 43.82 -29.63 -6.24
N VAL A 352 43.16 -28.47 -6.22
CA VAL A 352 43.53 -27.36 -5.31
C VAL A 352 42.45 -27.14 -4.24
N GLY A 353 42.87 -27.03 -2.98
CA GLY A 353 41.95 -26.77 -1.85
C GLY A 353 41.96 -25.32 -1.32
N PHE A 354 40.78 -24.89 -0.82
CA PHE A 354 40.56 -23.55 -0.25
C PHE A 354 39.79 -23.64 1.07
N ALA A 355 40.25 -22.93 2.09
CA ALA A 355 39.55 -22.82 3.36
C ALA A 355 39.80 -21.45 4.01
N ALA A 356 38.88 -21.00 4.86
CA ALA A 356 39.02 -19.72 5.55
C ALA A 356 40.21 -19.72 6.53
N SER A 357 41.07 -18.70 6.39
CA SER A 357 42.21 -18.53 7.29
C SER A 357 41.76 -17.70 8.48
N PRO A 358 41.99 -18.19 9.70
CA PRO A 358 41.78 -17.39 10.91
C PRO A 358 42.62 -16.12 10.94
N CYS A 359 43.83 -16.19 10.39
CA CYS A 359 44.74 -15.04 10.39
C CYS A 359 44.26 -13.97 9.41
N ALA A 360 43.26 -14.30 8.60
CA ALA A 360 42.72 -13.38 7.61
C ALA A 360 41.63 -12.49 8.21
N GLU A 361 41.98 -11.76 9.26
CA GLU A 361 41.02 -10.89 9.94
C GLU A 361 41.51 -9.46 10.12
N ILE A 362 40.58 -8.51 10.02
CA ILE A 362 40.87 -7.12 10.36
C ILE A 362 39.97 -6.74 11.53
N ALA A 363 40.60 -6.42 12.65
CA ALA A 363 39.89 -6.02 13.88
C ALA A 363 38.80 -7.05 14.25
N GLY A 364 39.20 -8.30 14.40
CA GLY A 364 38.25 -9.38 14.74
C GLY A 364 37.24 -9.81 13.68
N ALA A 365 37.27 -9.17 12.50
CA ALA A 365 36.28 -9.41 11.44
C ALA A 365 36.86 -10.08 10.17
N ALA A 366 36.14 -11.05 9.63
CA ALA A 366 36.56 -11.77 8.41
C ALA A 366 36.76 -10.81 7.23
N VAL A 367 37.72 -11.11 6.36
CA VAL A 367 37.92 -10.32 5.15
C VAL A 367 37.62 -11.14 3.89
N SER A 368 37.23 -12.40 4.10
CA SER A 368 37.00 -13.34 3.00
C SER A 368 35.97 -14.37 3.41
N GLU A 369 35.32 -14.98 2.43
CA GLU A 369 34.31 -15.99 2.71
C GLU A 369 34.43 -17.14 1.74
N ILE A 370 34.03 -18.32 2.19
CA ILE A 370 33.88 -19.48 1.30
C ILE A 370 32.57 -20.21 1.58
N SER A 371 31.81 -20.48 0.52
CA SER A 371 30.52 -21.13 0.70
C SER A 371 30.14 -22.00 -0.50
N GLY A 372 29.31 -23.00 -0.23
CA GLY A 372 28.75 -23.89 -1.25
C GLY A 372 27.97 -25.01 -0.58
N PRO A 373 27.40 -25.93 -1.39
CA PRO A 373 27.57 -25.98 -2.83
C PRO A 373 26.56 -25.13 -3.58
N PHE A 374 26.85 -24.88 -4.84
CA PHE A 374 25.92 -24.26 -5.75
C PHE A 374 25.75 -25.18 -6.92
N SER A 375 24.67 -24.98 -7.66
CA SER A 375 24.39 -25.76 -8.83
C SER A 375 25.21 -25.23 -10.00
N THR A 376 25.64 -26.13 -10.89
CA THR A 376 26.34 -25.75 -12.11
C THR A 376 25.47 -25.99 -13.33
N GLU A 377 24.19 -26.29 -13.10
CA GLU A 377 23.26 -26.65 -14.15
C GLU A 377 23.23 -25.68 -15.32
N ASP A 378 23.36 -24.39 -15.01
CA ASP A 378 23.20 -23.33 -16.00
C ASP A 378 24.51 -22.88 -16.67
N VAL A 379 25.61 -23.59 -16.38
CA VAL A 379 26.91 -23.27 -16.99
C VAL A 379 27.46 -24.49 -17.77
N ALA A 380 28.18 -24.22 -18.87
CA ALA A 380 28.73 -25.28 -19.73
C ALA A 380 29.49 -26.34 -18.91
N SER A 381 29.55 -27.57 -19.41
CA SER A 381 30.28 -28.61 -18.66
C SER A 381 31.79 -28.34 -18.62
N ASN A 382 32.31 -27.65 -19.64
CA ASN A 382 33.68 -27.15 -19.61
C ASN A 382 33.77 -25.69 -20.03
N CYS A 383 34.43 -24.90 -19.19
CA CYS A 383 34.57 -23.47 -19.40
C CYS A 383 35.97 -23.07 -19.86
N VAL A 384 36.82 -24.06 -20.13
CA VAL A 384 38.17 -23.80 -20.64
C VAL A 384 38.20 -23.96 -22.16
N PRO A 385 38.52 -22.87 -22.90
CA PRO A 385 38.71 -22.99 -24.34
C PRO A 385 40.10 -23.57 -24.66
N ASN B 2 -65.34 33.03 -2.50
CA ASN B 2 -66.53 32.23 -2.07
C ASN B 2 -66.13 30.82 -1.63
N PHE B 3 -66.11 30.62 -0.31
CA PHE B 3 -65.58 29.40 0.30
C PHE B 3 -66.44 28.14 0.14
N LEU B 4 -67.76 28.33 0.02
CA LEU B 4 -68.67 27.17 -0.11
C LEU B 4 -68.52 26.40 -1.42
N ALA B 5 -68.11 27.11 -2.47
CA ALA B 5 -67.89 26.47 -3.76
C ALA B 5 -66.64 25.57 -3.78
N MET B 6 -65.77 25.75 -2.77
CA MET B 6 -64.50 25.01 -2.65
C MET B 6 -64.64 23.72 -1.83
N VAL B 7 -65.75 23.58 -1.10
CA VAL B 7 -66.03 22.36 -0.34
C VAL B 7 -66.02 21.19 -1.33
N ASP B 8 -65.34 20.11 -0.92
CA ASP B 8 -65.17 18.87 -1.68
C ASP B 8 -64.52 19.06 -3.04
N ASN B 9 -63.55 19.98 -3.12
CA ASN B 9 -62.80 20.15 -4.36
C ASN B 9 -61.58 19.24 -4.47
N LEU B 10 -61.30 18.48 -3.42
CA LEU B 10 -60.23 17.46 -3.48
C LEU B 10 -60.77 16.08 -3.68
N GLN B 11 -60.04 15.29 -4.46
CA GLN B 11 -60.23 13.84 -4.53
C GLN B 11 -58.98 13.13 -4.02
N GLY B 12 -59.12 11.85 -3.72
CA GLY B 12 -57.98 11.00 -3.37
C GLY B 12 -58.05 10.49 -1.96
N ASP B 13 -56.92 9.99 -1.49
CA ASP B 13 -56.73 9.49 -0.13
C ASP B 13 -55.32 9.87 0.31
N SER B 14 -55.04 9.65 1.59
CA SER B 14 -53.75 9.98 2.21
C SER B 14 -52.61 9.24 1.55
N GLY B 15 -52.89 8.00 1.17
CA GLY B 15 -51.88 7.02 0.81
C GLY B 15 -51.26 7.34 -0.52
N ARG B 16 -52.08 7.85 -1.43
CA ARG B 16 -51.59 8.20 -2.76
C ARG B 16 -51.83 9.68 -3.10
N GLY B 17 -52.33 10.41 -2.11
CA GLY B 17 -52.45 11.86 -2.22
C GLY B 17 -53.84 12.44 -2.48
N TYR B 18 -54.04 13.64 -1.92
CA TYR B 18 -55.22 14.46 -2.21
C TYR B 18 -54.88 15.44 -3.33
N TYR B 19 -55.74 15.52 -4.32
CA TYR B 19 -55.46 16.32 -5.51
C TYR B 19 -56.62 17.16 -5.99
N LEU B 20 -56.25 18.29 -6.57
CA LEU B 20 -57.18 19.29 -7.02
C LEU B 20 -57.10 19.35 -8.53
N GLU B 21 -58.25 19.49 -9.18
CA GLU B 21 -58.29 19.62 -10.65
C GLU B 21 -58.00 21.06 -11.12
N MET B 22 -57.17 21.19 -12.14
CA MET B 22 -56.77 22.50 -12.64
C MET B 22 -56.73 22.50 -14.14
N LEU B 23 -57.16 23.61 -14.72
CA LEU B 23 -57.13 23.85 -16.15
C LEU B 23 -55.99 24.81 -16.44
N ILE B 24 -55.08 24.40 -17.33
CA ILE B 24 -53.85 25.17 -17.59
C ILE B 24 -53.75 25.52 -19.07
N GLY B 25 -53.43 26.78 -19.34
CA GLY B 25 -53.06 27.24 -20.69
C GLY B 25 -54.26 27.51 -21.60
N THR B 26 -53.97 27.86 -22.86
CA THR B 26 -55.03 28.20 -23.81
C THR B 26 -54.86 27.48 -25.15
N PRO B 27 -55.82 26.60 -25.51
CA PRO B 27 -57.01 26.19 -24.78
C PRO B 27 -56.67 25.37 -23.51
N PRO B 28 -57.64 25.26 -22.59
CA PRO B 28 -57.36 24.68 -21.28
C PRO B 28 -57.05 23.19 -21.31
N GLN B 29 -55.91 22.83 -20.73
CA GLN B 29 -55.53 21.44 -20.54
C GLN B 29 -55.82 21.06 -19.09
N LYS B 30 -56.54 19.95 -18.90
CA LYS B 30 -56.97 19.56 -17.58
C LYS B 30 -55.98 18.64 -16.91
N LEU B 31 -55.48 19.06 -15.74
N LEU B 31 -55.48 19.06 -15.75
CA LEU B 31 -54.55 18.24 -14.97
CA LEU B 31 -54.53 18.25 -14.99
C LEU B 31 -55.02 18.01 -13.54
C LEU B 31 -55.00 18.02 -13.54
N GLN B 32 -54.38 17.05 -12.87
CA GLN B 32 -54.74 16.63 -11.53
C GLN B 32 -53.56 16.86 -10.58
N ILE B 33 -53.72 17.83 -9.68
CA ILE B 33 -52.57 18.38 -8.97
C ILE B 33 -52.57 18.00 -7.49
N LEU B 34 -51.49 17.36 -7.04
CA LEU B 34 -51.36 16.97 -5.63
C LEU B 34 -51.17 18.22 -4.76
N VAL B 35 -51.89 18.27 -3.65
CA VAL B 35 -51.83 19.39 -2.71
C VAL B 35 -50.72 19.11 -1.71
N ASP B 36 -49.60 19.84 -1.78
CA ASP B 36 -48.41 19.51 -0.95
C ASP B 36 -47.96 20.68 -0.11
N THR B 37 -48.29 20.66 1.17
CA THR B 37 -47.82 21.71 2.06
C THR B 37 -46.34 21.55 2.44
N GLY B 38 -45.68 20.55 1.89
CA GLY B 38 -44.24 20.36 2.12
C GLY B 38 -43.30 20.78 1.01
N SER B 39 -43.79 21.52 0.03
CA SER B 39 -42.91 22.05 -1.05
C SER B 39 -43.52 23.34 -1.54
N SER B 40 -42.86 24.00 -2.50
CA SER B 40 -43.21 25.37 -2.84
C SER B 40 -43.20 25.68 -4.32
N ASN B 41 -43.08 24.64 -5.14
CA ASN B 41 -43.20 24.77 -6.59
C ASN B 41 -44.50 24.21 -7.18
N PHE B 42 -44.98 24.88 -8.21
CA PHE B 42 -46.05 24.33 -9.06
C PHE B 42 -45.38 23.66 -10.23
N ALA B 43 -45.49 22.34 -10.31
CA ALA B 43 -44.77 21.61 -11.33
C ALA B 43 -45.63 20.48 -11.84
N VAL B 44 -45.65 20.31 -13.15
CA VAL B 44 -46.54 19.33 -13.79
C VAL B 44 -45.73 18.49 -14.75
N ALA B 45 -46.19 17.28 -15.03
CA ALA B 45 -45.60 16.45 -16.07
C ALA B 45 -45.58 17.20 -17.41
N GLY B 46 -44.41 17.29 -18.04
CA GLY B 46 -44.32 17.97 -19.32
C GLY B 46 -44.03 17.02 -20.47
N THR B 47 -44.05 15.72 -20.17
CA THR B 47 -43.76 14.65 -21.15
C THR B 47 -44.46 13.39 -20.63
N PRO B 48 -44.70 12.39 -21.51
CA PRO B 48 -45.27 11.10 -21.05
C PRO B 48 -44.44 10.42 -19.97
N HIS B 49 -45.13 9.73 -19.07
CA HIS B 49 -44.48 8.90 -18.06
C HIS B 49 -45.39 7.70 -17.78
N SER B 50 -44.80 6.53 -17.49
CA SER B 50 -45.56 5.29 -17.31
C SER B 50 -46.66 5.44 -16.29
N TYR B 51 -46.42 6.23 -15.25
CA TYR B 51 -47.36 6.29 -14.14
C TYR B 51 -48.30 7.50 -14.18
N ILE B 52 -48.36 8.17 -15.33
CA ILE B 52 -49.30 9.27 -15.52
C ILE B 52 -50.15 9.10 -16.77
N ASP B 53 -51.37 9.63 -16.72
CA ASP B 53 -52.31 9.53 -17.82
C ASP B 53 -52.09 10.63 -18.81
N THR B 54 -51.88 11.83 -18.29
CA THR B 54 -51.81 13.02 -19.10
C THR B 54 -50.64 13.92 -18.66
N TYR B 55 -50.23 14.82 -19.55
CA TYR B 55 -49.18 15.76 -19.22
C TYR B 55 -49.53 17.09 -19.84
N PHE B 56 -48.89 18.15 -19.35
CA PHE B 56 -49.09 19.47 -19.93
C PHE B 56 -48.17 19.68 -21.14
N ASP B 57 -48.77 19.90 -22.31
CA ASP B 57 -48.00 20.18 -23.52
C ASP B 57 -47.95 21.69 -23.78
N THR B 58 -46.78 22.27 -23.53
CA THR B 58 -46.61 23.72 -23.61
C THR B 58 -46.81 24.21 -25.04
N GLU B 59 -46.42 23.38 -26.00
CA GLU B 59 -46.43 23.80 -27.41
C GLU B 59 -47.86 23.99 -27.90
N ARG B 60 -48.82 23.51 -27.12
CA ARG B 60 -50.23 23.66 -27.47
C ARG B 60 -50.97 24.80 -26.74
N SER B 61 -50.30 25.46 -25.78
CA SER B 61 -50.90 26.64 -25.12
C SER B 61 -50.44 27.96 -25.74
N SER B 62 -51.39 28.75 -26.23
CA SER B 62 -51.04 30.01 -26.90
C SER B 62 -50.51 31.02 -25.90
N THR B 63 -50.88 30.86 -24.63
CA THR B 63 -50.48 31.79 -23.57
C THR B 63 -49.19 31.43 -22.82
N TYR B 64 -48.61 30.28 -23.10
CA TYR B 64 -47.44 29.85 -22.34
C TYR B 64 -46.23 30.69 -22.72
N ARG B 65 -45.42 31.04 -21.73
CA ARG B 65 -44.20 31.75 -21.97
C ARG B 65 -43.08 31.09 -21.19
N SER B 66 -42.01 30.76 -21.88
CA SER B 66 -40.81 30.20 -21.26
C SER B 66 -40.06 31.31 -20.53
N LYS B 67 -39.57 31.05 -19.33
CA LYS B 67 -38.84 32.07 -18.58
C LYS B 67 -37.34 31.96 -18.75
N GLY B 68 -36.89 31.01 -19.55
CA GLY B 68 -35.50 30.97 -20.00
C GLY B 68 -34.53 30.25 -19.08
N PHE B 69 -35.05 29.44 -18.15
CA PHE B 69 -34.19 28.68 -17.24
C PHE B 69 -34.88 27.39 -16.81
N ASP B 70 -34.09 26.45 -16.30
CA ASP B 70 -34.64 25.20 -15.82
C ASP B 70 -34.69 25.15 -14.30
N VAL B 71 -35.04 24.00 -13.76
CA VAL B 71 -35.21 23.90 -12.31
C VAL B 71 -35.01 22.44 -11.95
N THR B 72 -34.39 22.20 -10.80
CA THR B 72 -34.27 20.84 -10.30
C THR B 72 -34.56 20.74 -8.80
N VAL B 73 -35.16 19.64 -8.39
CA VAL B 73 -35.56 19.44 -6.99
C VAL B 73 -35.01 18.09 -6.54
N LYS B 74 -34.42 18.04 -5.34
CA LYS B 74 -33.93 16.78 -4.81
C LYS B 74 -34.57 16.60 -3.47
N TYR B 75 -34.93 15.37 -3.15
CA TYR B 75 -35.37 15.07 -1.78
C TYR B 75 -34.94 13.65 -1.49
N THR B 76 -35.19 13.23 -0.26
CA THR B 76 -34.63 11.99 0.29
C THR B 76 -34.41 10.88 -0.73
N GLN B 77 -35.47 10.33 -1.31
CA GLN B 77 -35.21 9.21 -2.22
C GLN B 77 -35.52 9.52 -3.69
N GLY B 78 -35.50 10.79 -4.08
CA GLY B 78 -35.89 11.12 -5.43
C GLY B 78 -35.65 12.54 -5.84
N SER B 79 -36.11 12.86 -7.05
CA SER B 79 -35.87 14.16 -7.63
C SER B 79 -36.71 14.39 -8.86
N TRP B 80 -36.78 15.65 -9.26
CA TRP B 80 -37.32 15.95 -10.59
C TRP B 80 -36.63 17.15 -11.23
N THR B 81 -36.63 17.18 -12.57
CA THR B 81 -36.11 18.31 -13.34
C THR B 81 -37.08 18.74 -14.43
N GLY B 82 -37.25 20.06 -14.59
CA GLY B 82 -38.05 20.58 -15.68
C GLY B 82 -37.68 21.98 -16.13
N PHE B 83 -38.46 22.51 -17.08
CA PHE B 83 -38.29 23.86 -17.58
C PHE B 83 -39.22 24.76 -16.85
N VAL B 84 -38.87 26.03 -16.78
CA VAL B 84 -39.71 26.97 -16.07
C VAL B 84 -40.37 27.91 -17.09
N GLY B 85 -41.67 28.13 -16.93
CA GLY B 85 -42.34 29.17 -17.66
C GLY B 85 -43.46 29.72 -16.81
N GLU B 86 -44.47 30.22 -17.49
CA GLU B 86 -45.62 30.77 -16.82
C GLU B 86 -46.83 30.62 -17.74
N ASP B 87 -48.00 30.50 -17.15
CA ASP B 87 -49.20 30.33 -17.95
C ASP B 87 -50.41 30.59 -17.11
N LEU B 88 -51.55 30.70 -17.78
CA LEU B 88 -52.85 30.90 -17.15
C LEU B 88 -53.43 29.61 -16.65
N VAL B 89 -53.92 29.68 -15.42
CA VAL B 89 -54.50 28.57 -14.74
C VAL B 89 -55.89 28.96 -14.26
N THR B 90 -56.82 28.02 -14.36
CA THR B 90 -58.14 28.14 -13.77
C THR B 90 -58.33 26.99 -12.81
N ILE B 91 -58.88 27.29 -11.65
CA ILE B 91 -59.32 26.25 -10.73
C ILE B 91 -60.85 26.17 -10.79
N PRO B 92 -61.38 25.20 -11.55
CA PRO B 92 -62.84 25.08 -11.76
C PRO B 92 -63.63 25.17 -10.46
N LYS B 93 -63.19 24.43 -9.44
CA LYS B 93 -63.82 24.48 -8.14
C LYS B 93 -63.17 25.56 -7.25
N GLY B 94 -63.64 26.80 -7.42
CA GLY B 94 -63.19 27.90 -6.57
C GLY B 94 -62.94 29.20 -7.31
N PHE B 95 -62.05 29.13 -8.31
CA PHE B 95 -61.58 30.31 -9.02
C PHE B 95 -61.78 30.20 -10.52
N ASN B 96 -62.96 30.63 -10.97
CA ASN B 96 -63.33 30.64 -12.37
C ASN B 96 -62.59 31.69 -13.21
N THR B 97 -62.13 32.78 -12.56
CA THR B 97 -61.22 33.74 -13.21
C THR B 97 -59.84 33.11 -13.38
N SER B 98 -59.18 33.40 -14.50
CA SER B 98 -57.88 32.80 -14.72
C SER B 98 -56.77 33.71 -14.21
N PHE B 99 -55.66 33.11 -13.79
CA PHE B 99 -54.51 33.90 -13.37
C PHE B 99 -53.17 33.31 -13.80
N LEU B 100 -52.19 34.19 -13.90
CA LEU B 100 -50.89 33.88 -14.42
C LEU B 100 -50.02 33.35 -13.27
N VAL B 101 -49.46 32.15 -13.46
CA VAL B 101 -48.58 31.53 -12.47
C VAL B 101 -47.29 31.01 -13.09
N ASN B 102 -46.23 30.94 -12.28
CA ASN B 102 -45.02 30.19 -12.62
C ASN B 102 -45.37 28.69 -12.73
N ILE B 103 -44.84 28.02 -13.76
CA ILE B 103 -45.04 26.57 -13.90
C ILE B 103 -43.72 25.88 -14.32
N ALA B 104 -43.38 24.81 -13.61
CA ALA B 104 -42.26 23.98 -14.02
C ALA B 104 -42.88 22.77 -14.73
N THR B 105 -42.37 22.46 -15.92
CA THR B 105 -42.85 21.32 -16.68
C THR B 105 -41.78 20.24 -16.63
N ILE B 106 -42.11 19.12 -16.00
CA ILE B 106 -41.14 18.08 -15.63
C ILE B 106 -40.91 17.16 -16.79
N PHE B 107 -39.65 16.96 -17.16
CA PHE B 107 -39.33 16.06 -18.26
C PHE B 107 -38.59 14.83 -17.74
N GLU B 108 -38.12 14.91 -16.52
CA GLU B 108 -37.36 13.80 -15.95
C GLU B 108 -37.55 13.76 -14.43
N SER B 109 -37.68 12.55 -13.89
CA SER B 109 -37.90 12.38 -12.45
C SER B 109 -37.49 10.99 -11.99
N GLU B 110 -37.29 10.87 -10.68
CA GLU B 110 -36.91 9.63 -10.03
C GLU B 110 -37.73 9.59 -8.74
N ASN B 111 -38.49 8.52 -8.58
CA ASN B 111 -39.34 8.32 -7.40
C ASN B 111 -40.25 9.48 -7.12
N PHE B 112 -40.83 10.03 -8.18
CA PHE B 112 -41.74 11.12 -8.04
C PHE B 112 -43.14 10.71 -8.47
N PHE B 113 -43.29 10.30 -9.73
CA PHE B 113 -44.54 9.72 -10.19
C PHE B 113 -44.49 8.22 -9.94
N LEU B 114 -45.15 7.74 -8.90
CA LEU B 114 -45.13 6.32 -8.55
C LEU B 114 -46.43 5.57 -8.93
N PRO B 115 -46.34 4.24 -9.16
CA PRO B 115 -47.56 3.55 -9.53
C PRO B 115 -48.58 3.62 -8.40
N GLY B 116 -49.83 3.86 -8.76
CA GLY B 116 -50.90 3.94 -7.80
C GLY B 116 -51.48 5.33 -7.72
N ILE B 117 -50.73 6.33 -8.18
CA ILE B 117 -51.19 7.74 -8.08
C ILE B 117 -52.18 8.13 -9.17
N LYS B 118 -52.94 9.20 -8.94
CA LYS B 118 -53.90 9.69 -9.89
C LYS B 118 -53.56 11.13 -10.28
N TRP B 119 -52.55 11.68 -9.63
CA TRP B 119 -52.11 13.03 -9.97
C TRP B 119 -50.98 13.07 -11.01
N ASN B 120 -50.87 14.18 -11.73
CA ASN B 120 -49.78 14.34 -12.71
C ASN B 120 -49.09 15.69 -12.55
N GLY B 121 -49.13 16.20 -11.33
CA GLY B 121 -48.51 17.47 -11.00
C GLY B 121 -48.64 17.70 -9.53
N ILE B 122 -48.03 18.79 -9.07
CA ILE B 122 -47.92 19.08 -7.68
C ILE B 122 -48.06 20.61 -7.45
N LEU B 123 -48.75 20.94 -6.39
CA LEU B 123 -48.97 22.31 -6.02
C LEU B 123 -48.36 22.43 -4.63
N GLY B 124 -47.17 23.02 -4.59
CA GLY B 124 -46.45 23.23 -3.37
C GLY B 124 -46.96 24.49 -2.71
N LEU B 125 -47.39 24.37 -1.45
CA LEU B 125 -48.07 25.45 -0.73
C LEU B 125 -47.26 25.99 0.44
N ALA B 126 -46.00 25.59 0.56
CA ALA B 126 -45.14 26.09 1.64
C ALA B 126 -44.60 27.46 1.25
N TYR B 127 -43.54 27.91 1.93
CA TYR B 127 -43.02 29.27 1.71
C TYR B 127 -42.01 29.39 0.56
N ALA B 128 -41.88 30.61 0.06
CA ALA B 128 -40.97 30.99 -1.03
C ALA B 128 -39.54 30.53 -0.79
N THR B 129 -39.15 30.48 0.47
CA THR B 129 -37.79 30.12 0.82
C THR B 129 -37.46 28.66 0.40
N LEU B 130 -38.50 27.83 0.21
CA LEU B 130 -38.31 26.47 -0.31
C LEU B 130 -38.41 26.40 -1.83
N ALA B 131 -38.76 27.50 -2.47
CA ALA B 131 -38.91 27.45 -3.94
C ALA B 131 -37.58 27.26 -4.67
N LYS B 132 -37.60 26.44 -5.71
CA LYS B 132 -36.44 26.27 -6.57
C LYS B 132 -36.75 26.91 -7.92
N PRO B 133 -35.74 27.49 -8.61
CA PRO B 133 -34.33 27.47 -8.19
C PRO B 133 -34.02 28.36 -6.98
N SER B 134 -34.80 29.41 -6.78
CA SER B 134 -34.59 30.26 -5.61
C SER B 134 -35.92 30.83 -5.12
N SER B 135 -35.91 31.49 -3.95
CA SER B 135 -37.12 32.15 -3.44
C SER B 135 -37.69 33.22 -4.33
N SER B 136 -36.96 33.66 -5.35
CA SER B 136 -37.55 34.67 -6.22
C SER B 136 -38.56 34.10 -7.23
N LEU B 137 -38.60 32.78 -7.41
CA LEU B 137 -39.65 32.21 -8.22
C LEU B 137 -40.96 32.22 -7.44
N GLU B 138 -41.78 33.22 -7.69
CA GLU B 138 -43.02 33.41 -6.96
C GLU B 138 -43.88 32.12 -6.90
N THR B 139 -44.27 31.82 -5.67
CA THR B 139 -45.16 30.72 -5.32
C THR B 139 -46.55 30.86 -6.00
N PHE B 140 -47.17 29.74 -6.34
CA PHE B 140 -48.56 29.70 -6.82
C PHE B 140 -49.54 30.44 -5.91
N PHE B 141 -49.49 30.19 -4.61
CA PHE B 141 -50.40 30.84 -3.67
C PHE B 141 -50.09 32.34 -3.48
N ASP B 142 -48.82 32.73 -3.53
CA ASP B 142 -48.45 34.18 -3.55
C ASP B 142 -49.00 34.89 -4.81
N SER B 143 -48.99 34.19 -5.94
CA SER B 143 -49.51 34.72 -7.19
C SER B 143 -51.01 34.90 -7.06
N LEU B 144 -51.67 33.89 -6.50
CA LEU B 144 -53.11 33.89 -6.34
C LEU B 144 -53.55 35.02 -5.42
N VAL B 145 -52.84 35.17 -4.30
CA VAL B 145 -53.14 36.22 -3.32
C VAL B 145 -53.07 37.59 -4.03
N THR B 146 -51.97 37.86 -4.71
CA THR B 146 -51.83 39.10 -5.47
C THR B 146 -52.99 39.27 -6.44
N GLN B 147 -53.19 38.30 -7.33
CA GLN B 147 -54.08 38.47 -8.48
C GLN B 147 -55.56 38.37 -8.18
N ALA B 148 -55.92 37.62 -7.15
CA ALA B 148 -57.32 37.46 -6.75
C ALA B 148 -57.65 38.33 -5.54
N ASN B 149 -56.61 38.94 -4.98
CA ASN B 149 -56.72 39.77 -3.78
C ASN B 149 -57.37 39.07 -2.59
N ILE B 150 -57.17 37.76 -2.48
CA ILE B 150 -57.68 37.03 -1.35
C ILE B 150 -56.72 37.12 -0.17
N PRO B 151 -57.22 36.89 1.04
CA PRO B 151 -56.34 36.82 2.20
C PRO B 151 -55.32 35.69 2.07
N ASN B 152 -54.18 35.88 2.75
CA ASN B 152 -53.04 35.00 2.77
C ASN B 152 -53.23 33.87 3.77
N VAL B 153 -54.29 33.10 3.53
CA VAL B 153 -54.73 32.04 4.41
C VAL B 153 -55.31 30.96 3.52
N PHE B 154 -54.97 29.71 3.81
CA PHE B 154 -55.69 28.58 3.21
C PHE B 154 -55.93 27.50 4.26
N SER B 155 -56.93 26.65 4.06
CA SER B 155 -57.22 25.62 5.04
C SER B 155 -57.51 24.34 4.29
N MET B 156 -57.36 23.21 4.98
CA MET B 156 -57.45 21.91 4.33
C MET B 156 -58.20 20.94 5.23
N GLN B 157 -59.13 20.21 4.63
CA GLN B 157 -59.81 19.11 5.30
C GLN B 157 -59.65 17.86 4.46
N MET B 158 -59.25 16.78 5.09
CA MET B 158 -59.09 15.50 4.41
C MET B 158 -60.11 14.51 4.98
N CYS B 159 -60.96 13.95 4.12
CA CYS B 159 -62.01 13.03 4.55
C CYS B 159 -61.76 11.57 4.14
N GLY B 160 -60.49 11.17 4.08
CA GLY B 160 -60.14 9.80 3.67
C GLY B 160 -60.25 8.80 4.80
N ALA B 161 -60.26 9.29 6.03
CA ALA B 161 -60.39 8.42 7.20
C ALA B 161 -61.82 7.91 7.32
N ASN B 171 -63.92 9.06 -1.59
CA ASN B 171 -64.18 10.21 -0.74
C ASN B 171 -62.97 11.13 -0.61
N GLY B 172 -63.18 12.43 -0.79
CA GLY B 172 -62.06 13.36 -0.94
C GLY B 172 -61.85 14.28 0.23
N GLY B 173 -61.97 15.58 -0.03
CA GLY B 173 -61.70 16.59 0.96
C GLY B 173 -61.85 17.98 0.38
N SER B 174 -61.36 18.97 1.12
CA SER B 174 -61.52 20.37 0.72
C SER B 174 -60.21 21.19 0.89
N LEU B 175 -59.84 21.94 -0.15
CA LEU B 175 -58.82 22.99 -0.03
C LEU B 175 -59.49 24.35 -0.23
N VAL B 176 -59.58 25.13 0.86
CA VAL B 176 -60.22 26.43 0.85
C VAL B 176 -59.14 27.49 0.71
N LEU B 177 -59.10 28.12 -0.45
CA LEU B 177 -58.06 29.09 -0.73
C LEU B 177 -58.59 30.50 -0.42
N GLY B 178 -57.94 31.15 0.54
CA GLY B 178 -58.37 32.47 0.94
C GLY B 178 -59.00 32.60 2.30
N GLY B 179 -59.24 31.48 2.99
CA GLY B 179 -59.78 31.57 4.35
C GLY B 179 -60.27 30.27 4.96
N ILE B 180 -61.36 30.38 5.71
CA ILE B 180 -61.90 29.30 6.52
C ILE B 180 -63.37 29.09 6.19
N GLU B 181 -63.79 27.84 6.08
CA GLU B 181 -65.17 27.50 5.78
C GLU B 181 -65.81 26.90 7.02
N PRO B 182 -66.76 27.62 7.65
CA PRO B 182 -67.31 27.18 8.94
C PRO B 182 -68.01 25.81 8.92
N SER B 183 -68.57 25.41 7.79
CA SER B 183 -69.18 24.07 7.70
C SER B 183 -68.21 22.90 7.83
N LEU B 184 -66.90 23.16 7.89
CA LEU B 184 -65.93 22.07 7.91
C LEU B 184 -65.41 21.76 9.29
N TYR B 185 -65.80 22.53 10.29
CA TYR B 185 -65.47 22.15 11.66
C TYR B 185 -66.58 22.39 12.68
N LYS B 186 -66.33 21.89 13.89
CA LYS B 186 -67.17 21.97 15.06
C LYS B 186 -66.20 22.33 16.17
N GLY B 187 -66.69 22.91 17.27
CA GLY B 187 -65.82 23.33 18.36
C GLY B 187 -64.95 24.52 17.97
N ASP B 188 -63.86 24.71 18.70
CA ASP B 188 -62.98 25.88 18.53
C ASP B 188 -61.71 25.53 17.75
N ILE B 189 -61.18 26.51 17.04
CA ILE B 189 -59.89 26.36 16.41
C ILE B 189 -58.86 26.64 17.47
N TRP B 190 -57.89 25.75 17.60
CA TRP B 190 -56.70 26.04 18.38
C TRP B 190 -55.58 26.40 17.40
N TYR B 191 -54.80 27.43 17.74
CA TYR B 191 -53.71 27.95 16.90
C TYR B 191 -52.35 27.80 17.54
N THR B 192 -51.39 27.31 16.78
CA THR B 192 -50.03 27.22 17.27
C THR B 192 -49.14 28.08 16.34
N PRO B 193 -48.14 28.79 16.91
CA PRO B 193 -47.25 29.63 16.08
C PRO B 193 -46.48 28.83 15.01
N ILE B 194 -46.35 29.38 13.80
CA ILE B 194 -45.33 28.89 12.87
C ILE B 194 -43.95 29.37 13.33
N LYS B 195 -43.05 28.43 13.57
CA LYS B 195 -41.77 28.78 14.19
C LYS B 195 -40.78 29.34 13.20
N GLU B 196 -40.82 28.81 11.99
CA GLU B 196 -39.93 29.23 10.92
C GLU B 196 -40.71 29.08 9.63
N GLU B 197 -40.72 30.12 8.81
CA GLU B 197 -41.48 30.07 7.57
C GLU B 197 -40.65 29.52 6.42
N TRP B 198 -40.61 28.19 6.35
CA TRP B 198 -40.10 27.48 5.20
C TRP B 198 -41.05 26.33 4.93
N TYR B 199 -40.88 25.20 5.61
CA TYR B 199 -41.98 24.29 5.80
C TYR B 199 -42.92 24.95 6.79
N TYR B 200 -44.11 24.36 6.97
CA TYR B 200 -44.97 24.75 8.06
C TYR B 200 -44.49 24.10 9.36
N GLN B 201 -43.52 24.75 9.97
CA GLN B 201 -42.89 24.22 11.19
C GLN B 201 -43.50 24.79 12.45
N ILE B 202 -43.93 23.89 13.32
CA ILE B 202 -44.63 24.19 14.58
C ILE B 202 -43.90 23.54 15.75
N GLU B 203 -44.18 23.96 16.98
CA GLU B 203 -43.42 23.47 18.14
C GLU B 203 -44.17 22.39 18.89
N ILE B 204 -43.62 21.18 18.89
CA ILE B 204 -44.20 20.06 19.65
C ILE B 204 -43.55 20.05 21.02
N LEU B 205 -44.42 20.02 22.05
CA LEU B 205 -43.98 20.13 23.44
C LEU B 205 -43.86 18.77 24.09
N LYS B 206 -44.72 17.83 23.70
CA LYS B 206 -44.85 16.56 24.39
C LYS B 206 -45.63 15.60 23.55
N LEU B 207 -45.21 14.33 23.58
CA LEU B 207 -46.02 13.22 23.08
C LEU B 207 -46.53 12.32 24.22
N GLU B 208 -47.78 11.86 24.08
CA GLU B 208 -48.45 11.08 25.11
C GLU B 208 -49.14 9.83 24.50
N ILE B 209 -48.87 8.66 25.08
CA ILE B 209 -49.44 7.39 24.59
C ILE B 209 -50.31 6.80 25.71
N GLY B 210 -51.60 6.71 25.44
CA GLY B 210 -52.59 6.28 26.43
C GLY B 210 -52.40 7.06 27.71
N GLY B 211 -52.53 8.38 27.62
CA GLY B 211 -52.41 9.25 28.79
C GLY B 211 -51.06 9.30 29.49
N GLN B 212 -50.11 8.48 29.05
CA GLN B 212 -48.78 8.46 29.64
C GLN B 212 -47.73 9.19 28.77
N SER B 213 -47.11 10.24 29.32
CA SER B 213 -46.10 10.99 28.57
C SER B 213 -44.80 10.19 28.40
N LEU B 214 -44.10 10.46 27.31
CA LEU B 214 -42.92 9.69 26.92
C LEU B 214 -41.70 9.99 27.76
N ASN B 215 -41.66 11.18 28.36
CA ASN B 215 -40.50 11.58 29.14
C ASN B 215 -39.23 11.51 28.28
N LEU B 216 -39.29 12.17 27.13
CA LEU B 216 -38.12 12.53 26.35
C LEU B 216 -37.92 14.03 26.52
N ASP B 217 -36.69 14.50 26.37
CA ASP B 217 -36.51 15.94 26.32
C ASP B 217 -37.33 16.51 25.14
N CYS B 218 -38.13 17.56 25.37
CA CYS B 218 -39.00 18.09 24.32
C CYS B 218 -38.26 18.48 23.00
N ARG B 219 -36.97 18.79 23.13
CA ARG B 219 -36.14 19.05 21.96
C ARG B 219 -36.04 17.87 21.02
N GLU B 220 -36.17 16.65 21.56
CA GLU B 220 -36.22 15.44 20.71
C GLU B 220 -37.34 15.47 19.63
N TYR B 221 -38.47 16.09 19.92
CA TYR B 221 -39.57 16.18 18.93
C TYR B 221 -39.36 17.22 17.83
N ASN B 222 -38.42 18.12 18.05
CA ASN B 222 -38.20 19.22 17.15
C ASN B 222 -36.79 19.18 16.62
N ALA B 223 -36.07 18.11 16.98
CA ALA B 223 -34.61 18.00 16.89
C ALA B 223 -34.06 18.52 15.58
N ASP B 224 -34.62 18.06 14.48
CA ASP B 224 -34.42 18.69 13.21
C ASP B 224 -35.52 19.75 13.08
N LYS B 225 -36.76 19.27 12.92
CA LYS B 225 -37.94 20.12 12.80
C LYS B 225 -39.23 19.29 12.88
N ALA B 226 -40.29 19.87 13.43
CA ALA B 226 -41.63 19.29 13.35
C ALA B 226 -42.45 20.09 12.35
N ILE B 227 -43.01 19.42 11.35
CA ILE B 227 -43.72 20.11 10.24
C ILE B 227 -45.07 19.48 9.91
N VAL B 228 -45.94 20.28 9.28
CA VAL B 228 -47.24 19.82 8.83
C VAL B 228 -47.22 19.66 7.32
N ASP B 229 -47.29 18.39 6.86
CA ASP B 229 -47.04 18.08 5.47
C ASP B 229 -48.10 17.18 4.84
N SER B 230 -48.96 17.79 4.05
CA SER B 230 -50.08 17.10 3.42
C SER B 230 -49.56 16.16 2.33
N GLY B 231 -48.28 16.31 1.99
CA GLY B 231 -47.70 15.47 0.97
C GLY B 231 -46.95 14.28 1.54
N THR B 232 -46.96 14.11 2.85
CA THR B 232 -46.44 12.90 3.48
C THR B 232 -47.66 12.06 3.94
N THR B 233 -47.64 10.75 3.70
CA THR B 233 -48.73 9.89 4.04
C THR B 233 -48.87 9.61 5.54
N LEU B 234 -47.79 9.16 6.14
CA LEU B 234 -47.78 8.69 7.51
C LEU B 234 -47.34 9.77 8.50
N LEU B 235 -47.51 9.48 9.79
CA LEU B 235 -46.88 10.24 10.85
C LEU B 235 -45.46 9.72 10.93
N ARG B 236 -44.49 10.56 10.62
CA ARG B 236 -43.11 10.11 10.62
C ARG B 236 -42.36 10.71 11.81
N LEU B 237 -41.64 9.86 12.55
CA LEU B 237 -41.02 10.26 13.82
C LEU B 237 -39.50 10.02 13.81
N PRO B 238 -38.70 10.98 14.30
CA PRO B 238 -37.25 10.70 14.37
C PRO B 238 -37.03 9.38 15.10
N GLN B 239 -36.00 8.65 14.68
CA GLN B 239 -35.75 7.30 15.20
C GLN B 239 -35.97 7.16 16.72
N LYS B 240 -35.36 8.04 17.51
CA LYS B 240 -35.45 8.00 18.97
C LYS B 240 -36.90 8.12 19.44
N VAL B 241 -37.66 9.02 18.81
CA VAL B 241 -39.07 9.25 19.20
C VAL B 241 -39.91 8.04 18.76
N PHE B 242 -39.63 7.53 17.57
CA PHE B 242 -40.28 6.31 17.09
C PHE B 242 -40.10 5.20 18.11
N ASP B 243 -38.86 4.91 18.49
CA ASP B 243 -38.54 3.83 19.46
C ASP B 243 -39.34 4.00 20.75
N ALA B 244 -39.29 5.19 21.34
CA ALA B 244 -40.11 5.48 22.53
C ALA B 244 -41.61 5.27 22.30
N VAL B 245 -42.13 5.69 21.14
CA VAL B 245 -43.57 5.57 20.86
C VAL B 245 -44.00 4.09 20.79
N VAL B 246 -43.27 3.27 20.03
CA VAL B 246 -43.67 1.86 19.84
C VAL B 246 -43.42 1.04 21.12
N GLU B 247 -42.39 1.42 21.88
CA GLU B 247 -42.18 0.87 23.22
C GLU B 247 -43.40 1.16 24.12
N ALA B 248 -43.91 2.40 24.08
CA ALA B 248 -45.06 2.78 24.89
C ALA B 248 -46.33 2.10 24.40
N VAL B 249 -46.50 2.00 23.08
CA VAL B 249 -47.64 1.29 22.50
C VAL B 249 -47.68 -0.17 22.94
N ALA B 250 -46.52 -0.83 23.03
CA ALA B 250 -46.45 -2.25 23.42
C ALA B 250 -46.73 -2.44 24.90
N ARG B 251 -46.33 -1.48 25.73
CA ARG B 251 -46.64 -1.52 27.15
C ARG B 251 -48.15 -1.35 27.39
N ALA B 252 -48.79 -0.54 26.55
CA ALA B 252 -50.20 -0.15 26.74
C ALA B 252 -51.20 -0.99 25.96
N SER B 253 -50.77 -1.64 24.89
CA SER B 253 -51.67 -2.45 24.07
C SER B 253 -52.06 -3.77 24.76
N LEU B 254 -53.09 -4.43 24.23
CA LEU B 254 -53.49 -5.73 24.71
C LEU B 254 -53.75 -6.68 23.54
N ILE B 255 -52.67 -7.20 23.00
CA ILE B 255 -52.66 -8.09 21.84
C ILE B 255 -53.21 -9.46 22.27
N PRO B 256 -54.07 -10.10 21.46
CA PRO B 256 -54.45 -11.47 21.84
C PRO B 256 -53.27 -12.45 21.89
N GLU B 257 -53.45 -13.52 22.66
CA GLU B 257 -52.47 -14.55 22.80
C GLU B 257 -52.60 -15.49 21.61
N PHE B 258 -51.49 -16.13 21.24
CA PHE B 258 -51.52 -17.11 20.16
C PHE B 258 -52.41 -18.28 20.59
N SER B 259 -53.15 -18.85 19.65
CA SER B 259 -54.07 -19.97 19.89
C SER B 259 -54.55 -20.56 18.56
N ASP B 260 -55.57 -21.40 18.59
CA ASP B 260 -56.08 -21.99 17.34
C ASP B 260 -56.36 -20.92 16.26
N GLY B 261 -55.80 -21.11 15.06
CA GLY B 261 -55.94 -20.15 13.95
C GLY B 261 -55.25 -18.79 14.09
N PHE B 262 -54.36 -18.65 15.08
CA PHE B 262 -53.58 -17.45 15.23
C PHE B 262 -52.23 -17.81 15.88
N TRP B 263 -51.20 -18.02 15.05
N TRP B 263 -51.22 -18.01 15.04
CA TRP B 263 -49.94 -18.54 15.58
CA TRP B 263 -49.95 -18.57 15.52
C TRP B 263 -48.69 -17.78 15.15
C TRP B 263 -48.69 -17.78 15.15
N THR B 264 -48.85 -16.71 14.37
CA THR B 264 -47.75 -15.78 14.07
C THR B 264 -48.18 -14.34 14.23
N GLY B 265 -47.21 -13.47 14.49
CA GLY B 265 -47.48 -12.02 14.61
C GLY B 265 -48.08 -11.46 13.33
N SER B 266 -47.67 -11.99 12.18
CA SER B 266 -48.11 -11.52 10.88
C SER B 266 -49.61 -11.58 10.74
N GLN B 267 -50.17 -12.64 11.34
CA GLN B 267 -51.59 -13.00 11.26
C GLN B 267 -52.46 -12.05 12.06
N LEU B 268 -51.82 -11.12 12.74
CA LEU B 268 -52.53 -10.12 13.48
C LEU B 268 -53.11 -9.05 12.56
N ALA B 269 -52.66 -9.05 11.30
CA ALA B 269 -52.96 -7.99 10.37
C ALA B 269 -54.41 -7.98 9.87
N CYS B 270 -54.99 -9.16 9.62
CA CYS B 270 -56.34 -9.26 9.03
C CYS B 270 -57.41 -9.76 10.00
N TRP B 271 -58.63 -9.25 9.84
CA TRP B 271 -59.71 -9.51 10.79
C TRP B 271 -61.01 -9.77 10.07
N THR B 272 -61.76 -10.74 10.59
CA THR B 272 -63.05 -11.17 10.01
C THR B 272 -64.22 -10.82 10.94
N ASN B 273 -65.45 -11.08 10.46
CA ASN B 273 -66.69 -10.94 11.25
C ASN B 273 -66.87 -9.60 11.97
N SER B 274 -66.61 -8.50 11.25
CA SER B 274 -66.76 -7.11 11.74
C SER B 274 -65.87 -6.72 12.93
N GLU B 275 -65.13 -7.70 13.44
CA GLU B 275 -64.15 -7.48 14.50
C GLU B 275 -63.06 -6.53 14.03
N THR B 276 -62.72 -5.55 14.87
CA THR B 276 -61.65 -4.61 14.54
C THR B 276 -60.56 -4.67 15.61
N PRO B 277 -59.34 -4.25 15.26
CA PRO B 277 -58.23 -4.29 16.24
C PRO B 277 -58.16 -3.06 17.16
N TRP B 278 -59.08 -2.12 16.99
CA TRP B 278 -58.95 -0.80 17.59
C TRP B 278 -58.89 -0.75 19.15
N SER B 279 -59.78 -1.50 19.81
CA SER B 279 -59.85 -1.44 21.27
C SER B 279 -58.63 -2.04 21.96
N TYR B 280 -57.74 -2.65 21.19
CA TYR B 280 -56.50 -3.17 21.75
C TYR B 280 -55.39 -2.12 21.81
N PHE B 281 -55.68 -0.91 21.32
CA PHE B 281 -54.62 0.07 21.10
C PHE B 281 -54.91 1.39 21.79
N PRO B 282 -53.85 2.10 22.20
CA PRO B 282 -53.99 3.32 22.95
C PRO B 282 -54.17 4.55 22.07
N LYS B 283 -54.72 5.61 22.64
CA LYS B 283 -54.75 6.91 21.97
C LYS B 283 -53.33 7.53 21.89
N ILE B 284 -53.08 8.34 20.87
CA ILE B 284 -51.80 9.07 20.77
C ILE B 284 -52.06 10.58 20.71
N SER B 285 -51.37 11.30 21.58
CA SER B 285 -51.59 12.73 21.74
C SER B 285 -50.32 13.53 21.47
N ILE B 286 -50.47 14.61 20.72
CA ILE B 286 -49.39 15.57 20.50
C ILE B 286 -49.81 16.90 21.10
N TYR B 287 -48.96 17.41 21.98
CA TYR B 287 -49.12 18.74 22.57
C TYR B 287 -48.33 19.79 21.80
N LEU B 288 -49.04 20.84 21.41
CA LEU B 288 -48.48 21.97 20.69
C LEU B 288 -48.63 23.20 21.57
N ARG B 289 -47.68 24.13 21.47
CA ARG B 289 -47.75 25.36 22.24
C ARG B 289 -48.80 26.30 21.62
N ASP B 290 -49.60 26.93 22.47
CA ASP B 290 -50.62 27.87 22.00
C ASP B 290 -49.95 29.18 21.59
N GLU B 291 -50.68 30.04 20.89
CA GLU B 291 -50.19 31.39 20.62
C GLU B 291 -49.85 32.20 21.88
N ASN B 292 -50.60 31.97 22.95
CA ASN B 292 -50.23 32.37 24.31
C ASN B 292 -49.22 31.37 24.85
N SER B 293 -48.00 31.83 25.09
CA SER B 293 -46.87 31.01 25.51
C SER B 293 -47.06 30.09 26.72
N SER B 294 -47.74 30.58 27.74
CA SER B 294 -47.99 29.77 28.94
C SER B 294 -48.92 28.57 28.68
N ARG B 295 -49.68 28.61 27.59
CA ARG B 295 -50.68 27.58 27.31
C ARG B 295 -50.30 26.63 26.15
N SER B 296 -50.84 25.42 26.21
CA SER B 296 -50.71 24.47 25.13
C SER B 296 -52.07 23.84 24.90
N PHE B 297 -52.24 23.23 23.74
CA PHE B 297 -53.39 22.40 23.47
C PHE B 297 -52.87 21.05 22.98
N ARG B 298 -53.79 20.11 22.77
CA ARG B 298 -53.38 18.75 22.49
C ARG B 298 -54.27 18.15 21.41
N ILE B 299 -53.65 17.66 20.33
CA ILE B 299 -54.38 16.93 19.29
C ILE B 299 -54.19 15.45 19.55
N THR B 300 -55.29 14.71 19.49
CA THR B 300 -55.27 13.29 19.78
C THR B 300 -55.73 12.48 18.57
N ILE B 301 -55.04 11.38 18.31
CA ILE B 301 -55.52 10.43 17.31
C ILE B 301 -55.85 9.10 17.98
N LEU B 302 -57.02 8.54 17.65
CA LEU B 302 -57.41 7.22 18.12
C LEU B 302 -56.85 6.16 17.18
N PRO B 303 -56.82 4.88 17.63
CA PRO B 303 -56.32 3.78 16.82
C PRO B 303 -56.97 3.71 15.45
N GLN B 304 -58.22 4.17 15.36
CA GLN B 304 -58.96 4.25 14.11
C GLN B 304 -58.14 4.95 13.02
N LEU B 305 -57.28 5.88 13.43
CA LEU B 305 -56.50 6.67 12.49
C LEU B 305 -55.12 6.13 12.14
N TYR B 306 -54.45 5.47 13.09
CA TYR B 306 -53.11 5.00 12.81
C TYR B 306 -53.00 3.47 12.64
N ILE B 307 -54.15 2.80 12.68
CA ILE B 307 -54.23 1.38 12.35
C ILE B 307 -55.17 1.36 11.17
N GLN B 308 -54.59 1.45 9.98
CA GLN B 308 -55.32 1.86 8.79
C GLN B 308 -55.70 0.68 7.89
N PRO B 309 -56.97 0.64 7.45
CA PRO B 309 -57.50 -0.43 6.61
C PRO B 309 -56.83 -0.42 5.21
N MET B 310 -56.77 -1.58 4.57
CA MET B 310 -55.90 -1.78 3.41
C MET B 310 -56.59 -2.31 2.16
N MET B 311 -57.72 -2.99 2.34
CA MET B 311 -58.26 -3.83 1.27
C MET B 311 -59.19 -3.06 0.34
N GLY B 312 -59.24 -3.50 -0.91
CA GLY B 312 -60.22 -3.00 -1.86
C GLY B 312 -61.61 -3.41 -1.41
N ALA B 313 -62.61 -2.84 -2.07
CA ALA B 313 -64.01 -3.01 -1.71
C ALA B 313 -64.48 -4.43 -1.96
N GLY B 314 -65.64 -4.75 -1.39
CA GLY B 314 -66.30 -6.02 -1.65
C GLY B 314 -65.76 -7.22 -0.91
N LEU B 315 -65.06 -7.00 0.21
CA LEU B 315 -64.56 -8.12 1.01
C LEU B 315 -65.28 -8.22 2.34
N ASN B 316 -65.28 -9.41 2.93
CA ASN B 316 -65.85 -9.52 4.27
C ASN B 316 -64.76 -9.66 5.35
N TYR B 317 -63.52 -9.32 4.99
CA TYR B 317 -62.46 -9.18 5.99
C TYR B 317 -61.66 -7.93 5.68
N GLU B 318 -60.88 -7.48 6.66
CA GLU B 318 -60.09 -6.28 6.49
C GLU B 318 -58.66 -6.53 6.98
N CYS B 319 -57.66 -6.04 6.26
CA CYS B 319 -56.25 -6.04 6.72
C CYS B 319 -55.86 -4.61 7.01
N TYR B 320 -55.03 -4.40 8.01
CA TYR B 320 -54.67 -3.04 8.48
C TYR B 320 -53.15 -2.87 8.52
N ARG B 321 -52.68 -1.63 8.38
CA ARG B 321 -51.25 -1.29 8.49
C ARG B 321 -51.06 -0.21 9.56
N PHE B 322 -49.96 -0.30 10.31
CA PHE B 322 -49.53 0.69 11.32
C PHE B 322 -49.16 1.97 10.58
N GLY B 323 -49.75 3.09 10.97
CA GLY B 323 -49.60 4.31 10.19
C GLY B 323 -48.53 5.26 10.73
N ILE B 324 -47.49 4.69 11.33
CA ILE B 324 -46.44 5.53 11.92
C ILE B 324 -45.13 4.92 11.51
N SER B 325 -44.17 5.74 11.11
CA SER B 325 -42.86 5.20 10.75
C SER B 325 -41.68 6.07 11.18
N PRO B 326 -40.47 5.49 11.19
CA PRO B 326 -39.28 6.25 11.55
C PRO B 326 -38.92 7.29 10.49
N SER B 327 -38.37 8.40 10.94
CA SER B 327 -37.78 9.41 10.07
C SER B 327 -36.29 9.46 10.46
N THR B 328 -35.41 9.93 9.57
CA THR B 328 -34.02 10.17 10.03
C THR B 328 -33.87 11.56 10.62
N ASN B 329 -34.69 12.51 10.16
CA ASN B 329 -34.60 13.90 10.64
C ASN B 329 -35.90 14.56 11.10
N ALA B 330 -36.85 14.79 10.21
CA ALA B 330 -38.01 15.60 10.57
C ALA B 330 -39.03 14.82 11.39
N LEU B 331 -39.78 15.50 12.24
CA LEU B 331 -41.02 14.93 12.72
C LEU B 331 -42.14 15.45 11.84
N VAL B 332 -42.77 14.53 11.11
CA VAL B 332 -43.72 14.91 10.08
C VAL B 332 -45.17 14.57 10.43
N ILE B 333 -45.96 15.61 10.58
CA ILE B 333 -47.38 15.44 10.78
C ILE B 333 -48.03 15.30 9.42
N GLY B 334 -48.06 14.05 8.96
CA GLY B 334 -48.48 13.74 7.64
C GLY B 334 -49.98 13.62 7.57
N ALA B 335 -50.43 13.14 6.42
CA ALA B 335 -51.84 12.97 6.12
C ALA B 335 -52.58 12.05 7.09
N THR B 336 -51.91 10.98 7.57
CA THR B 336 -52.38 10.14 8.70
C THR B 336 -53.13 11.02 9.73
N VAL B 337 -52.41 12.01 10.27
CA VAL B 337 -52.89 12.87 11.36
C VAL B 337 -53.85 13.96 10.88
N MET B 338 -53.51 14.60 9.76
CA MET B 338 -54.33 15.68 9.21
C MET B 338 -55.73 15.18 8.89
N GLU B 339 -55.84 13.89 8.59
CA GLU B 339 -57.15 13.27 8.38
C GLU B 339 -58.11 13.41 9.58
N GLY B 340 -57.55 13.63 10.77
CA GLY B 340 -58.37 13.78 11.97
C GLY B 340 -58.87 15.19 12.26
N PHE B 341 -58.42 16.18 11.49
CA PHE B 341 -58.59 17.60 11.83
C PHE B 341 -58.83 18.50 10.63
N TYR B 342 -59.44 19.65 10.88
CA TYR B 342 -59.45 20.72 9.91
C TYR B 342 -58.20 21.56 10.18
N VAL B 343 -57.38 21.78 9.15
CA VAL B 343 -56.07 22.43 9.35
C VAL B 343 -56.00 23.77 8.63
N ILE B 344 -55.73 24.83 9.39
CA ILE B 344 -55.78 26.17 8.81
C ILE B 344 -54.34 26.67 8.74
N PHE B 345 -53.88 27.02 7.55
CA PHE B 345 -52.54 27.56 7.34
C PHE B 345 -52.63 29.07 7.21
N ASP B 346 -52.64 29.72 8.36
CA ASP B 346 -52.83 31.15 8.43
C ASP B 346 -51.46 31.79 8.29
N ARG B 347 -51.06 32.00 7.04
CA ARG B 347 -49.75 32.60 6.78
C ARG B 347 -49.79 34.08 7.20
N ALA B 348 -50.92 34.75 6.99
CA ALA B 348 -51.04 36.18 7.31
C ALA B 348 -50.66 36.46 8.75
N GLN B 349 -51.05 35.55 9.63
CA GLN B 349 -50.72 35.68 11.04
C GLN B 349 -49.69 34.67 11.59
N LYS B 350 -48.91 34.04 10.72
CA LYS B 350 -47.79 33.18 11.15
C LYS B 350 -48.23 32.11 12.15
N ARG B 351 -49.37 31.48 11.87
CA ARG B 351 -49.89 30.44 12.77
C ARG B 351 -50.59 29.30 12.01
N VAL B 352 -50.59 28.11 12.60
CA VAL B 352 -51.33 26.97 12.08
C VAL B 352 -52.51 26.67 13.01
N GLY B 353 -53.72 26.57 12.45
CA GLY B 353 -54.89 26.19 13.28
C GLY B 353 -55.34 24.74 13.09
N PHE B 354 -55.87 24.13 14.16
CA PHE B 354 -56.48 22.78 14.12
C PHE B 354 -57.87 22.82 14.75
N ALA B 355 -58.83 22.14 14.14
CA ALA B 355 -60.18 21.95 14.66
C ALA B 355 -60.64 20.54 14.31
N ALA B 356 -61.61 20.01 15.07
CA ALA B 356 -62.20 18.69 14.80
C ALA B 356 -62.97 18.71 13.48
N SER B 357 -62.77 17.67 12.66
CA SER B 357 -63.52 17.50 11.39
C SER B 357 -64.73 16.63 11.69
N PRO B 358 -65.94 17.04 11.25
CA PRO B 358 -67.09 16.17 11.44
C PRO B 358 -67.05 14.97 10.48
N CYS B 359 -66.43 15.15 9.31
CA CYS B 359 -66.28 14.08 8.32
C CYS B 359 -65.32 12.99 8.79
N ALA B 360 -64.52 13.30 9.81
CA ALA B 360 -63.56 12.38 10.38
C ALA B 360 -64.20 11.44 11.41
N GLU B 361 -65.18 10.66 10.96
CA GLU B 361 -65.89 9.74 11.84
C GLU B 361 -65.98 8.35 11.21
N ILE B 362 -65.96 7.33 12.07
CA ILE B 362 -66.14 5.94 11.64
C ILE B 362 -67.31 5.36 12.43
N ALA B 363 -68.32 4.85 11.72
CA ALA B 363 -69.56 4.34 12.35
C ALA B 363 -70.13 5.37 13.34
N GLY B 364 -70.27 6.60 12.85
CA GLY B 364 -70.74 7.75 13.66
C GLY B 364 -69.97 8.09 14.92
N ALA B 365 -68.73 7.60 15.04
CA ALA B 365 -67.89 7.86 16.22
C ALA B 365 -66.58 8.56 15.84
N ALA B 366 -66.14 9.51 16.67
CA ALA B 366 -64.98 10.34 16.37
C ALA B 366 -63.67 9.56 16.39
N VAL B 367 -62.79 9.87 15.44
CA VAL B 367 -61.47 9.22 15.38
C VAL B 367 -60.31 10.07 15.93
N SER B 368 -60.64 11.29 16.34
CA SER B 368 -59.65 12.27 16.79
C SER B 368 -60.26 13.22 17.81
N GLU B 369 -59.41 13.79 18.66
CA GLU B 369 -59.85 14.74 19.68
C GLU B 369 -58.88 15.91 19.74
N ILE B 370 -59.41 17.06 20.16
CA ILE B 370 -58.63 18.25 20.45
C ILE B 370 -59.12 18.92 21.73
N SER B 371 -58.19 19.18 22.65
CA SER B 371 -58.51 19.79 23.93
C SER B 371 -57.42 20.78 24.38
N GLY B 372 -57.78 21.62 25.35
CA GLY B 372 -56.87 22.58 25.95
C GLY B 372 -57.71 23.52 26.78
N PRO B 373 -57.08 24.42 27.57
CA PRO B 373 -55.63 24.62 27.61
C PRO B 373 -54.96 23.72 28.63
N PHE B 374 -53.68 23.46 28.41
CA PHE B 374 -52.83 22.84 29.41
C PHE B 374 -51.70 23.78 29.71
N SER B 375 -51.11 23.60 30.86
CA SER B 375 -50.09 24.51 31.35
C SER B 375 -48.78 24.19 30.64
N THR B 376 -47.94 25.18 30.39
CA THR B 376 -46.61 24.90 29.85
C THR B 376 -45.51 25.19 30.86
N GLU B 377 -45.87 25.32 32.14
CA GLU B 377 -44.90 25.65 33.19
C GLU B 377 -43.74 24.67 33.26
N ASP B 378 -44.04 23.40 33.04
CA ASP B 378 -43.07 22.30 33.24
C ASP B 378 -42.18 21.97 32.01
N VAL B 379 -42.26 22.80 30.97
CA VAL B 379 -41.44 22.57 29.78
C VAL B 379 -40.67 23.87 29.41
N ALA B 380 -39.52 23.73 28.74
CA ALA B 380 -38.71 24.88 28.36
C ALA B 380 -39.52 25.90 27.56
N SER B 381 -39.12 27.16 27.64
CA SER B 381 -39.76 28.22 26.87
C SER B 381 -39.56 28.06 25.36
N ASN B 382 -38.52 27.33 24.94
CA ASN B 382 -38.36 26.96 23.53
C ASN B 382 -37.84 25.54 23.39
N CYS B 383 -38.58 24.70 22.67
CA CYS B 383 -38.24 23.28 22.48
C CYS B 383 -37.60 23.00 21.13
N VAL B 384 -37.43 24.04 20.32
CA VAL B 384 -36.72 23.91 19.06
C VAL B 384 -35.24 24.21 19.32
N PRO B 385 -34.35 23.21 19.16
CA PRO B 385 -32.92 23.46 19.37
C PRO B 385 -32.30 24.40 18.34
N PCA C 1 -49.35 -24.90 40.66
CA PCA C 1 -47.99 -24.83 40.14
CB PCA C 1 -47.11 -25.45 41.24
CG PCA C 1 -48.04 -25.67 42.45
CD PCA C 1 -49.41 -25.30 41.95
OE PCA C 1 -50.43 -25.34 42.65
C PCA C 1 -47.88 -25.54 38.83
O PCA C 1 -48.15 -26.75 38.77
N VAL C 2 -47.54 -24.81 37.78
CA VAL C 2 -47.36 -25.42 36.47
C VAL C 2 -46.11 -26.32 36.42
N GLN C 3 -46.28 -27.53 35.87
CA GLN C 3 -45.18 -28.49 35.68
C GLN C 3 -45.46 -29.23 34.39
N LEU C 4 -44.39 -29.52 33.63
CA LEU C 4 -44.43 -30.37 32.45
C LEU C 4 -43.32 -31.40 32.62
N LYS C 5 -43.63 -32.64 32.25
CA LYS C 5 -42.65 -33.73 32.39
C LYS C 5 -42.63 -34.54 31.11
N GLU C 6 -41.46 -34.60 30.48
CA GLU C 6 -41.26 -35.37 29.26
C GLU C 6 -40.88 -36.78 29.64
N SER C 7 -41.32 -37.72 28.82
CA SER C 7 -40.90 -39.10 28.96
C SER C 7 -40.76 -39.69 27.56
N GLY C 8 -39.55 -40.08 27.22
CA GLY C 8 -39.23 -40.61 25.91
C GLY C 8 -38.26 -41.78 25.98
N PRO C 9 -37.87 -42.33 24.81
CA PRO C 9 -36.82 -43.34 24.81
C PRO C 9 -35.48 -42.62 24.83
N VAL C 10 -34.71 -42.86 25.88
CA VAL C 10 -33.34 -42.33 25.93
C VAL C 10 -32.51 -42.73 24.68
N LEU C 11 -32.72 -43.95 24.15
CA LEU C 11 -31.99 -44.43 22.97
C LEU C 11 -32.96 -45.00 21.93
N VAL C 12 -32.71 -44.68 20.66
CA VAL C 12 -33.49 -45.21 19.54
C VAL C 12 -32.63 -45.33 18.26
N ALA C 13 -32.78 -46.45 17.55
CA ALA C 13 -31.98 -46.74 16.36
C ALA C 13 -32.39 -45.87 15.17
N PRO C 14 -31.43 -45.50 14.31
CA PRO C 14 -31.77 -44.71 13.12
C PRO C 14 -32.85 -45.38 12.28
N SER C 15 -33.52 -44.59 11.45
CA SER C 15 -34.73 -45.02 10.70
C SER C 15 -35.95 -45.24 11.61
N GLN C 16 -35.76 -45.86 12.78
CA GLN C 16 -36.85 -46.09 13.76
C GLN C 16 -37.67 -44.84 14.13
N SER C 17 -38.71 -45.01 14.93
CA SER C 17 -39.58 -43.90 15.29
C SER C 17 -39.41 -43.40 16.72
N LEU C 18 -39.41 -42.08 16.87
CA LEU C 18 -39.39 -41.44 18.18
C LEU C 18 -40.81 -41.16 18.72
N PHE C 19 -41.10 -41.60 19.94
N PHE C 19 -41.06 -41.57 19.96
CA PHE C 19 -42.33 -41.25 20.62
CA PHE C 19 -42.32 -41.36 20.69
C PHE C 19 -42.09 -40.74 22.04
C PHE C 19 -42.07 -40.75 22.08
N ILE C 20 -42.47 -39.49 22.27
CA ILE C 20 -42.34 -38.81 23.59
C ILE C 20 -43.69 -38.34 24.14
N SER C 21 -43.94 -38.61 25.41
CA SER C 21 -45.10 -38.05 26.06
C SER C 21 -44.70 -36.81 26.92
N CYS C 22 -45.69 -35.97 27.18
CA CYS C 22 -45.53 -34.79 28.04
C CYS C 22 -46.74 -34.82 28.93
N THR C 23 -46.52 -35.02 30.22
CA THR C 23 -47.58 -35.01 31.19
C THR C 23 -47.56 -33.65 31.89
N VAL C 24 -48.70 -32.96 31.89
CA VAL C 24 -48.73 -31.60 32.41
C VAL C 24 -49.55 -31.53 33.68
N SER C 25 -49.27 -30.53 34.50
CA SER C 25 -49.96 -30.34 35.76
C SER C 25 -50.06 -28.85 36.07
N GLY C 26 -51.12 -28.43 36.76
CA GLY C 26 -51.27 -27.02 37.14
C GLY C 26 -51.85 -26.09 36.07
N PHE C 27 -52.21 -26.63 34.92
CA PHE C 27 -52.94 -25.87 33.91
C PHE C 27 -53.65 -26.90 33.09
N SER C 28 -54.61 -26.45 32.30
CA SER C 28 -55.38 -27.36 31.47
C SER C 28 -55.01 -27.26 29.99
N LEU C 29 -54.92 -28.41 29.32
CA LEU C 29 -54.72 -28.45 27.87
C LEU C 29 -55.96 -27.95 27.08
N THR C 30 -57.08 -27.78 27.77
CA THR C 30 -58.28 -27.21 27.10
C THR C 30 -58.21 -25.72 27.08
N ARG C 31 -57.28 -25.13 27.86
CA ARG C 31 -57.08 -23.68 27.89
C ARG C 31 -55.73 -23.20 27.26
N TYR C 32 -54.72 -24.05 27.26
CA TYR C 32 -53.39 -23.67 26.74
C TYR C 32 -52.79 -24.59 25.68
N GLY C 33 -52.12 -23.98 24.70
CA GLY C 33 -51.32 -24.74 23.77
C GLY C 33 -50.05 -25.30 24.43
N VAL C 34 -49.48 -26.36 23.83
CA VAL C 34 -48.17 -26.89 24.25
C VAL C 34 -47.31 -26.98 22.99
N HIS C 35 -46.11 -26.44 23.10
CA HIS C 35 -45.12 -26.43 22.04
C HIS C 35 -44.09 -27.53 22.26
N TRP C 36 -43.46 -27.96 21.17
CA TRP C 36 -42.30 -28.84 21.30
C TRP C 36 -41.07 -28.09 20.79
N VAL C 37 -39.96 -28.14 21.56
CA VAL C 37 -38.71 -27.49 21.17
C VAL C 37 -37.58 -28.44 21.45
N ARG C 38 -36.57 -28.46 20.59
CA ARG C 38 -35.41 -29.31 20.89
C ARG C 38 -34.15 -28.49 20.80
N GLN C 39 -33.09 -29.01 21.40
CA GLN C 39 -31.83 -28.31 21.49
C GLN C 39 -30.68 -29.29 21.30
N SER C 40 -29.74 -28.95 20.42
CA SER C 40 -28.57 -29.79 20.17
C SER C 40 -27.36 -28.90 19.93
N PRO C 41 -26.14 -29.39 20.26
CA PRO C 41 -24.93 -28.62 19.92
C PRO C 41 -24.91 -28.16 18.46
N GLY C 42 -25.31 -29.03 17.54
CA GLY C 42 -25.14 -28.75 16.11
C GLY C 42 -26.16 -27.82 15.50
N LYS C 43 -27.40 -27.87 15.99
CA LYS C 43 -28.47 -27.04 15.40
C LYS C 43 -29.04 -26.00 16.36
N GLY C 44 -28.56 -25.98 17.61
CA GLY C 44 -29.13 -25.10 18.64
C GLY C 44 -30.60 -25.39 18.96
N LEU C 45 -31.34 -24.34 19.30
CA LEU C 45 -32.76 -24.50 19.65
C LEU C 45 -33.61 -24.44 18.38
N GLU C 46 -34.46 -25.44 18.18
CA GLU C 46 -35.41 -25.44 17.04
C GLU C 46 -36.82 -25.64 17.57
N TRP C 47 -37.75 -24.81 17.11
CA TRP C 47 -39.16 -24.94 17.43
C TRP C 47 -39.70 -25.96 16.44
N LEU C 48 -40.24 -27.05 16.99
CA LEU C 48 -40.75 -28.15 16.20
C LEU C 48 -42.23 -27.95 15.80
N GLY C 49 -43.04 -27.46 16.73
CA GLY C 49 -44.45 -27.25 16.44
C GLY C 49 -45.25 -27.15 17.69
N VAL C 50 -46.56 -27.07 17.51
CA VAL C 50 -47.43 -26.77 18.62
C VAL C 50 -48.78 -27.41 18.43
N ILE C 51 -49.44 -27.73 19.53
CA ILE C 51 -50.83 -28.12 19.51
C ILE C 51 -51.64 -27.22 20.43
N TRP C 52 -52.57 -26.48 19.85
CA TRP C 52 -53.32 -25.45 20.58
C TRP C 52 -54.47 -25.99 21.44
N ALA C 53 -55.10 -25.13 22.22
CA ALA C 53 -56.26 -25.54 23.06
C ALA C 53 -57.31 -26.38 22.32
N GLY C 54 -57.69 -25.91 21.14
CA GLY C 54 -58.80 -26.56 20.39
C GLY C 54 -58.34 -27.74 19.59
N GLY C 55 -57.07 -28.15 19.75
CA GLY C 55 -56.51 -29.23 18.97
C GLY C 55 -55.92 -28.89 17.61
N THR C 56 -55.87 -27.63 17.22
CA THR C 56 -55.16 -27.30 15.98
C THR C 56 -53.64 -27.49 16.22
N THR C 57 -52.97 -28.06 15.24
CA THR C 57 -51.51 -28.21 15.28
C THR C 57 -50.91 -27.36 14.20
N ASN C 58 -49.80 -26.71 14.54
CA ASN C 58 -48.96 -26.01 13.56
C ASN C 58 -47.51 -26.50 13.73
N TYR C 59 -46.84 -26.72 12.62
CA TYR C 59 -45.57 -27.44 12.61
C TYR C 59 -44.52 -26.60 12.01
N ASN C 60 -43.26 -26.89 12.36
CA ASN C 60 -42.12 -26.30 11.64
C ASN C 60 -42.10 -27.01 10.30
N SER C 61 -42.17 -26.28 9.19
CA SER C 61 -42.27 -26.89 7.88
C SER C 61 -41.11 -27.83 7.48
N ALA C 62 -39.91 -27.57 8.01
CA ALA C 62 -38.75 -28.49 7.85
C ALA C 62 -39.00 -29.91 8.39
N PHE C 63 -39.97 -30.07 9.30
CA PHE C 63 -40.26 -31.35 9.95
C PHE C 63 -41.60 -31.98 9.53
N MET C 64 -42.44 -31.24 8.82
CA MET C 64 -43.82 -31.69 8.56
C MET C 64 -43.95 -33.06 7.89
N SER C 65 -43.01 -33.43 7.02
CA SER C 65 -43.04 -34.76 6.41
C SER C 65 -42.94 -35.90 7.43
N ARG C 66 -42.49 -35.62 8.65
CA ARG C 66 -42.24 -36.73 9.59
C ARG C 66 -42.68 -36.53 11.04
N LEU C 67 -43.19 -35.34 11.34
CA LEU C 67 -43.57 -35.02 12.72
C LEU C 67 -45.09 -34.99 12.92
N THR C 68 -45.58 -35.63 13.99
CA THR C 68 -46.98 -35.55 14.39
C THR C 68 -47.06 -35.23 15.86
N ILE C 69 -47.79 -34.17 16.16
CA ILE C 69 -48.06 -33.82 17.55
C ILE C 69 -49.52 -34.11 17.86
N SER C 70 -49.81 -34.62 19.05
CA SER C 70 -51.19 -34.89 19.42
C SER C 70 -51.33 -34.79 20.92
N LYS C 71 -52.57 -34.89 21.39
CA LYS C 71 -52.79 -34.79 22.81
C LYS C 71 -54.00 -35.58 23.27
N ASP C 72 -54.09 -35.79 24.57
CA ASP C 72 -55.23 -36.45 25.13
C ASP C 72 -55.57 -35.59 26.34
N ASN C 73 -56.56 -34.70 26.16
CA ASN C 73 -56.99 -33.76 27.22
C ASN C 73 -57.34 -34.52 28.51
N SER C 74 -58.01 -35.66 28.38
CA SER C 74 -58.48 -36.36 29.57
C SER C 74 -57.33 -37.07 30.29
N LYS C 75 -56.20 -37.22 29.61
CA LYS C 75 -55.03 -37.80 30.25
C LYS C 75 -53.99 -36.75 30.61
N SER C 76 -54.33 -35.47 30.42
CA SER C 76 -53.39 -34.37 30.59
C SER C 76 -52.05 -34.64 29.89
N GLN C 77 -52.10 -35.23 28.70
CA GLN C 77 -50.86 -35.57 28.01
C GLN C 77 -50.78 -34.98 26.64
N VAL C 78 -49.55 -34.64 26.25
CA VAL C 78 -49.26 -34.24 24.88
C VAL C 78 -48.20 -35.19 24.33
N PHE C 79 -48.33 -35.51 23.05
CA PHE C 79 -47.49 -36.49 22.37
C PHE C 79 -46.79 -35.96 21.17
N LEU C 80 -45.51 -36.31 21.07
CA LEU C 80 -44.74 -36.09 19.88
C LEU C 80 -44.40 -37.45 19.26
N LYS C 81 -44.49 -37.54 17.94
CA LYS C 81 -44.03 -38.71 17.20
C LYS C 81 -43.22 -38.24 16.00
N MET C 82 -42.01 -38.75 15.86
CA MET C 82 -41.24 -38.40 14.70
C MET C 82 -40.74 -39.65 14.01
N ASN C 83 -40.79 -39.63 12.68
CA ASN C 83 -40.36 -40.76 11.83
C ASN C 83 -38.99 -40.50 11.20
N SER C 84 -38.47 -41.50 10.49
CA SER C 84 -37.23 -41.39 9.73
C SER C 84 -36.15 -40.71 10.54
N LEU C 85 -35.79 -41.27 11.69
CA LEU C 85 -34.79 -40.62 12.51
C LEU C 85 -33.41 -40.66 11.90
N GLN C 86 -32.63 -39.61 12.15
CA GLN C 86 -31.24 -39.54 11.74
C GLN C 86 -30.41 -39.15 12.97
N THR C 87 -29.12 -39.46 12.95
CA THR C 87 -28.23 -39.22 14.10
C THR C 87 -28.27 -37.75 14.60
N ASP C 88 -28.45 -36.80 13.69
CA ASP C 88 -28.54 -35.40 14.11
C ASP C 88 -29.98 -35.00 14.61
N ASP C 89 -30.84 -35.99 14.80
CA ASP C 89 -32.05 -35.81 15.59
C ASP C 89 -31.73 -36.05 17.06
N THR C 90 -30.47 -36.39 17.34
CA THR C 90 -29.99 -36.51 18.72
C THR C 90 -30.06 -35.12 19.37
N ALA C 91 -30.77 -35.01 20.50
CA ALA C 91 -31.06 -33.69 21.09
C ALA C 91 -31.79 -33.87 22.40
N ILE C 92 -31.95 -32.77 23.13
CA ILE C 92 -32.80 -32.75 24.30
C ILE C 92 -34.12 -32.24 23.73
N TYR C 93 -35.21 -32.93 24.07
CA TYR C 93 -36.54 -32.61 23.58
C TYR C 93 -37.36 -32.03 24.72
N TYR C 94 -37.88 -30.81 24.51
CA TYR C 94 -38.69 -30.16 25.55
C TYR C 94 -40.15 -29.99 25.16
N CYS C 95 -41.07 -30.21 26.09
CA CYS C 95 -42.42 -29.68 25.84
C CYS C 95 -42.55 -28.39 26.66
N VAL C 96 -43.28 -27.41 26.11
CA VAL C 96 -43.28 -26.04 26.65
C VAL C 96 -44.71 -25.47 26.63
N LYS C 97 -45.13 -24.85 27.73
CA LYS C 97 -46.48 -24.28 27.79
C LYS C 97 -46.56 -22.97 27.01
N ALA C 98 -47.63 -22.83 26.22
CA ALA C 98 -47.95 -21.56 25.51
C ALA C 98 -48.23 -20.46 26.50
N TYR C 99 -47.85 -19.23 26.15
CA TYR C 99 -48.08 -18.06 27.03
C TYR C 99 -48.06 -16.80 26.20
N ARG C 100 -49.14 -16.04 26.25
CA ARG C 100 -49.28 -14.83 25.45
C ARG C 100 -48.86 -15.05 23.99
N ASN C 101 -47.77 -14.40 23.59
CA ASN C 101 -47.21 -14.58 22.26
C ASN C 101 -45.81 -15.24 22.29
N ALA C 102 -45.58 -16.07 23.31
CA ALA C 102 -44.32 -16.77 23.46
C ALA C 102 -44.55 -18.05 24.27
N MET C 103 -43.65 -18.35 25.21
CA MET C 103 -43.70 -19.62 25.93
C MET C 103 -43.22 -19.36 27.35
N ASP C 104 -43.91 -19.91 28.36
CA ASP C 104 -43.47 -19.69 29.76
C ASP C 104 -42.78 -20.87 30.45
N TYR C 105 -43.49 -21.98 30.64
CA TYR C 105 -42.95 -23.10 31.46
C TYR C 105 -42.48 -24.21 30.55
N TRP C 106 -41.26 -24.69 30.81
CA TRP C 106 -40.66 -25.79 30.06
C TRP C 106 -40.55 -26.98 30.98
N GLY C 107 -40.71 -28.19 30.44
CA GLY C 107 -40.31 -29.37 31.19
C GLY C 107 -38.78 -29.40 31.34
N GLN C 108 -38.26 -30.36 32.09
CA GLN C 108 -36.80 -30.43 32.24
C GLN C 108 -36.11 -30.92 30.97
N GLY C 109 -36.87 -31.53 30.07
CA GLY C 109 -36.34 -31.97 28.79
C GLY C 109 -36.00 -33.45 28.84
N THR C 110 -36.13 -34.11 27.71
CA THR C 110 -35.71 -35.53 27.68
C THR C 110 -34.62 -35.72 26.65
N SER C 111 -33.57 -36.45 27.04
CA SER C 111 -32.42 -36.64 26.17
C SER C 111 -32.75 -37.75 25.17
N VAL C 112 -32.61 -37.49 23.89
CA VAL C 112 -32.81 -38.56 22.92
C VAL C 112 -31.54 -38.77 22.10
N THR C 113 -31.02 -39.99 22.13
CA THR C 113 -29.89 -40.35 21.29
C THR C 113 -30.29 -41.29 20.17
N VAL C 114 -30.04 -40.85 18.93
CA VAL C 114 -30.27 -41.64 17.72
C VAL C 114 -28.96 -42.31 17.26
N SER C 115 -28.88 -43.63 17.42
CA SER C 115 -27.71 -44.42 17.01
C SER C 115 -28.00 -45.91 17.17
N SER C 116 -27.22 -46.74 16.48
CA SER C 116 -27.38 -48.19 16.57
C SER C 116 -26.48 -48.85 17.61
N ALA C 117 -25.60 -48.09 18.24
CA ALA C 117 -24.76 -48.63 19.32
C ALA C 117 -25.62 -49.17 20.45
N LYS C 118 -25.06 -50.07 21.26
CA LYS C 118 -25.83 -50.71 22.32
C LYS C 118 -25.67 -50.03 23.68
N THR C 119 -26.68 -50.19 24.53
CA THR C 119 -26.65 -49.80 25.93
C THR C 119 -25.58 -50.51 26.75
N THR C 120 -24.81 -49.74 27.53
CA THR C 120 -23.78 -50.29 28.40
C THR C 120 -23.72 -49.62 29.77
N ALA C 121 -23.79 -50.43 30.83
CA ALA C 121 -23.67 -49.94 32.19
C ALA C 121 -22.29 -49.30 32.37
N PRO C 122 -22.21 -48.25 33.22
CA PRO C 122 -20.92 -47.67 33.55
C PRO C 122 -20.20 -48.44 34.63
N SER C 123 -18.88 -48.39 34.60
CA SER C 123 -18.08 -48.79 35.76
C SER C 123 -17.83 -47.59 36.65
N VAL C 124 -18.09 -47.76 37.94
CA VAL C 124 -17.94 -46.66 38.90
C VAL C 124 -16.78 -46.95 39.88
N TYR C 125 -15.87 -45.99 40.01
CA TYR C 125 -14.70 -46.12 40.92
C TYR C 125 -14.53 -44.99 41.91
N PRO C 126 -14.35 -45.33 43.20
CA PRO C 126 -14.12 -44.27 44.15
C PRO C 126 -12.69 -43.77 43.99
N LEU C 127 -12.50 -42.45 44.11
CA LEU C 127 -11.19 -41.79 44.04
C LEU C 127 -10.86 -41.17 45.38
N ALA C 128 -10.04 -41.88 46.17
CA ALA C 128 -9.55 -41.33 47.44
C ALA C 128 -8.22 -40.57 47.23
N PRO C 129 -7.87 -39.67 48.17
CA PRO C 129 -6.63 -38.92 48.00
C PRO C 129 -5.42 -39.86 48.04
N VAL C 130 -4.33 -39.43 47.41
CA VAL C 130 -3.03 -40.12 47.45
C VAL C 130 -2.72 -40.64 48.86
N CYS C 131 -2.32 -41.91 48.93
CA CYS C 131 -2.00 -42.57 50.19
C CYS C 131 -0.87 -41.85 50.92
N GLY C 132 -1.13 -41.46 52.17
CA GLY C 132 -0.12 -40.84 53.01
C GLY C 132 0.14 -39.36 52.79
N ASP C 133 -0.63 -38.72 51.89
CA ASP C 133 -0.49 -37.27 51.69
C ASP C 133 -0.87 -36.56 52.99
N THR C 134 -0.37 -35.33 53.15
CA THR C 134 -0.66 -34.53 54.35
C THR C 134 -2.18 -34.36 54.52
N SER C 135 -2.65 -34.53 55.75
CA SER C 135 -4.06 -34.34 56.06
C SER C 135 -4.35 -32.87 56.31
N GLY C 136 -4.60 -32.15 55.23
CA GLY C 136 -4.78 -30.70 55.28
C GLY C 136 -6.14 -30.28 55.83
N SER C 137 -6.39 -28.98 55.80
CA SER C 137 -7.62 -28.48 56.38
C SER C 137 -8.83 -28.85 55.50
N SER C 138 -8.60 -29.05 54.21
CA SER C 138 -9.68 -29.62 53.40
C SER C 138 -9.17 -30.73 52.52
N VAL C 139 -10.11 -31.50 51.98
CA VAL C 139 -9.81 -32.72 51.25
C VAL C 139 -10.74 -32.88 50.06
N THR C 140 -10.17 -33.28 48.93
CA THR C 140 -10.94 -33.46 47.73
C THR C 140 -11.01 -34.96 47.40
N LEU C 141 -12.23 -35.41 47.12
CA LEU C 141 -12.51 -36.81 46.77
C LEU C 141 -13.13 -36.78 45.39
N GLY C 142 -13.27 -37.94 44.77
CA GLY C 142 -13.75 -37.99 43.42
C GLY C 142 -14.43 -39.29 43.12
N CYS C 143 -15.04 -39.33 41.96
CA CYS C 143 -15.80 -40.48 41.54
C CYS C 143 -15.64 -40.55 40.03
N LEU C 144 -15.18 -41.69 39.55
CA LEU C 144 -14.96 -41.87 38.13
C LEU C 144 -15.99 -42.84 37.55
N VAL C 145 -16.67 -42.39 36.50
CA VAL C 145 -17.78 -43.13 35.89
C VAL C 145 -17.38 -43.31 34.44
N LYS C 146 -17.14 -44.56 34.07
CA LYS C 146 -16.43 -44.85 32.84
C LYS C 146 -17.10 -45.94 32.01
N GLY C 147 -16.96 -45.79 30.70
CA GLY C 147 -17.44 -46.76 29.70
C GLY C 147 -18.93 -47.00 29.60
N TYR C 148 -19.74 -45.94 29.63
CA TYR C 148 -21.19 -46.09 29.47
C TYR C 148 -21.71 -45.56 28.14
N PHE C 149 -22.96 -45.93 27.84
CA PHE C 149 -23.66 -45.45 26.64
C PHE C 149 -25.15 -45.80 26.79
N PRO C 150 -26.05 -44.87 26.40
CA PRO C 150 -25.69 -43.52 25.96
C PRO C 150 -25.76 -42.56 27.17
N GLU C 151 -25.65 -41.26 26.92
CA GLU C 151 -26.05 -40.27 27.92
C GLU C 151 -27.57 -40.43 28.17
N PRO C 152 -28.07 -40.01 29.36
CA PRO C 152 -27.31 -39.40 30.43
C PRO C 152 -27.08 -40.36 31.60
N VAL C 153 -26.15 -40.03 32.49
CA VAL C 153 -26.14 -40.56 33.84
C VAL C 153 -26.50 -39.44 34.81
N THR C 154 -26.90 -39.79 36.02
CA THR C 154 -27.07 -38.80 37.07
C THR C 154 -26.15 -39.18 38.23
N LEU C 155 -25.40 -38.22 38.76
CA LEU C 155 -24.46 -38.52 39.83
C LEU C 155 -24.76 -37.65 41.03
N THR C 156 -24.88 -38.27 42.19
CA THR C 156 -25.04 -37.51 43.42
C THR C 156 -24.03 -37.98 44.44
N TRP C 157 -23.88 -37.19 45.49
CA TRP C 157 -23.10 -37.54 46.66
C TRP C 157 -23.99 -37.65 47.89
N ASN C 158 -23.79 -38.73 48.64
CA ASN C 158 -24.63 -39.06 49.80
C ASN C 158 -26.13 -38.89 49.53
N SER C 159 -26.56 -39.52 48.44
CA SER C 159 -27.97 -39.50 48.00
C SER C 159 -28.50 -38.08 47.72
N GLY C 160 -27.59 -37.16 47.46
CA GLY C 160 -27.99 -35.80 47.16
C GLY C 160 -27.89 -34.86 48.34
N SER C 161 -27.70 -35.40 49.53
CA SER C 161 -27.56 -34.55 50.72
C SER C 161 -26.32 -33.69 50.62
N LEU C 162 -25.22 -34.27 50.16
CA LEU C 162 -23.97 -33.54 50.06
C LEU C 162 -23.92 -32.84 48.69
N SER C 163 -24.14 -31.53 48.69
CA SER C 163 -24.20 -30.76 47.43
C SER C 163 -23.22 -29.60 47.46
N SER C 164 -22.88 -29.12 48.65
CA SER C 164 -21.80 -28.11 48.80
C SER C 164 -20.48 -28.67 48.25
N GLY C 165 -19.75 -27.86 47.48
CA GLY C 165 -18.38 -28.19 47.08
C GLY C 165 -18.24 -29.21 45.97
N VAL C 166 -19.33 -29.49 45.25
CA VAL C 166 -19.32 -30.56 44.23
C VAL C 166 -19.08 -29.99 42.85
N HIS C 167 -18.23 -30.62 42.06
CA HIS C 167 -18.17 -30.34 40.62
C HIS C 167 -18.37 -31.64 39.85
N THR C 168 -19.33 -31.66 38.95
CA THR C 168 -19.58 -32.85 38.14
C THR C 168 -19.31 -32.46 36.71
N PHE C 169 -18.36 -33.12 36.06
CA PHE C 169 -17.89 -32.68 34.76
C PHE C 169 -18.73 -33.29 33.64
N PRO C 170 -18.94 -32.54 32.55
CA PRO C 170 -19.64 -33.02 31.34
C PRO C 170 -18.96 -34.26 30.74
N ALA C 171 -19.76 -35.28 30.42
CA ALA C 171 -19.23 -36.51 29.83
C ALA C 171 -18.48 -36.20 28.54
N VAL C 172 -17.39 -36.92 28.32
CA VAL C 172 -16.70 -36.91 27.02
C VAL C 172 -16.76 -38.30 26.37
N LEU C 173 -16.99 -38.30 25.06
CA LEU C 173 -17.21 -39.52 24.27
C LEU C 173 -15.87 -40.02 23.76
N GLN C 174 -15.48 -41.22 24.15
CA GLN C 174 -14.14 -41.76 23.78
C GLN C 174 -14.21 -43.22 23.38
N SER C 175 -13.94 -43.46 22.09
CA SER C 175 -14.07 -44.78 21.44
C SER C 175 -15.52 -45.27 21.52
N ASP C 176 -16.46 -44.34 21.30
CA ASP C 176 -17.90 -44.61 21.31
C ASP C 176 -18.47 -44.95 22.70
N LEU C 177 -17.66 -44.84 23.76
CA LEU C 177 -18.17 -44.92 25.15
C LEU C 177 -18.02 -43.58 25.90
N TYR C 178 -18.72 -43.44 27.04
CA TYR C 178 -18.69 -42.17 27.78
C TYR C 178 -17.96 -42.30 29.09
N THR C 179 -17.29 -41.21 29.45
CA THR C 179 -16.63 -41.09 30.74
C THR C 179 -16.99 -39.73 31.37
N LEU C 180 -17.31 -39.72 32.64
CA LEU C 180 -17.36 -38.46 33.34
C LEU C 180 -16.83 -38.69 34.71
N SER C 181 -16.58 -37.59 35.41
CA SER C 181 -16.07 -37.65 36.75
C SER C 181 -16.74 -36.55 37.57
N SER C 182 -16.66 -36.67 38.88
CA SER C 182 -17.14 -35.65 39.79
C SER C 182 -16.15 -35.51 40.95
N SER C 183 -15.92 -34.29 41.41
CA SER C 183 -15.20 -34.12 42.65
C SER C 183 -16.07 -33.48 43.72
N VAL C 184 -15.71 -33.71 44.96
CA VAL C 184 -16.33 -33.02 46.06
C VAL C 184 -15.25 -32.64 47.05
N THR C 185 -15.32 -31.44 47.61
CA THR C 185 -14.31 -30.97 48.56
C THR C 185 -14.99 -30.63 49.85
N VAL C 186 -14.47 -31.22 50.92
CA VAL C 186 -15.02 -31.06 52.26
C VAL C 186 -13.88 -30.74 53.25
N THR C 187 -14.22 -30.34 54.47
CA THR C 187 -13.21 -30.11 55.50
C THR C 187 -12.61 -31.38 55.98
N SER C 188 -11.41 -31.24 56.55
CA SER C 188 -10.71 -32.30 57.24
C SER C 188 -11.54 -32.96 58.34
N SER C 189 -12.36 -32.18 59.03
CA SER C 189 -13.17 -32.74 60.12
C SER C 189 -14.40 -33.49 59.59
N THR C 190 -14.60 -33.43 58.28
CA THR C 190 -15.76 -34.07 57.66
C THR C 190 -15.42 -35.48 57.21
N TRP C 191 -14.29 -35.62 56.52
CA TRP C 191 -13.87 -36.90 55.97
C TRP C 191 -12.44 -37.17 56.44
N PRO C 192 -12.15 -38.43 56.85
CA PRO C 192 -13.05 -39.58 56.72
C PRO C 192 -13.99 -39.94 57.90
N SER C 193 -14.16 -39.06 58.89
CA SER C 193 -15.10 -39.30 60.00
C SER C 193 -16.48 -39.70 59.50
N GLN C 194 -16.99 -38.96 58.51
CA GLN C 194 -18.29 -39.20 57.88
C GLN C 194 -18.17 -40.04 56.63
N SER C 195 -19.17 -40.89 56.44
CA SER C 195 -19.30 -41.66 55.24
C SER C 195 -19.62 -40.76 54.04
N ILE C 196 -18.87 -40.93 52.95
CA ILE C 196 -19.15 -40.17 51.73
C ILE C 196 -19.20 -41.10 50.55
N THR C 197 -20.33 -41.10 49.83
CA THR C 197 -20.60 -42.07 48.76
C THR C 197 -21.04 -41.34 47.51
N CYS C 198 -20.54 -41.74 46.33
CA CYS C 198 -21.19 -41.28 45.10
C CYS C 198 -22.21 -42.31 44.66
N ASN C 199 -23.35 -41.80 44.17
CA ASN C 199 -24.44 -42.63 43.68
C ASN C 199 -24.60 -42.30 42.22
N VAL C 200 -24.63 -43.34 41.39
CA VAL C 200 -24.65 -43.11 39.98
C VAL C 200 -25.76 -43.96 39.38
N ALA C 201 -26.74 -43.31 38.75
CA ALA C 201 -27.80 -44.05 38.05
C ALA C 201 -27.68 -43.81 36.55
N HIS C 202 -27.90 -44.85 35.76
CA HIS C 202 -27.83 -44.78 34.30
C HIS C 202 -29.12 -45.39 33.73
N PRO C 203 -30.16 -44.54 33.52
CA PRO C 203 -31.49 -45.00 33.07
C PRO C 203 -31.45 -46.08 32.01
N ALA C 204 -30.78 -45.79 30.89
CA ALA C 204 -30.70 -46.69 29.75
C ALA C 204 -30.37 -48.15 30.07
N SER C 205 -29.64 -48.40 31.16
CA SER C 205 -29.26 -49.77 31.50
C SER C 205 -29.82 -50.16 32.85
N SER C 206 -30.75 -49.36 33.36
CA SER C 206 -31.42 -49.63 34.64
C SER C 206 -30.48 -49.96 35.79
N THR C 207 -29.28 -49.39 35.77
CA THR C 207 -28.30 -49.60 36.84
C THR C 207 -28.27 -48.41 37.78
N LYS C 208 -28.26 -48.72 39.06
CA LYS C 208 -28.00 -47.78 40.12
C LYS C 208 -26.78 -48.33 40.87
N VAL C 209 -25.73 -47.53 41.02
CA VAL C 209 -24.48 -47.99 41.65
C VAL C 209 -24.06 -47.05 42.79
N ASP C 210 -23.67 -47.60 43.93
CA ASP C 210 -23.17 -46.80 45.06
C ASP C 210 -21.71 -47.16 45.32
N LYS C 211 -20.85 -46.16 45.42
CA LYS C 211 -19.44 -46.39 45.77
C LYS C 211 -18.98 -45.49 46.90
N LYS C 212 -18.70 -46.10 48.05
CA LYS C 212 -18.21 -45.35 49.21
C LYS C 212 -16.72 -45.01 49.04
N ILE C 213 -16.33 -43.76 49.33
CA ILE C 213 -14.91 -43.33 49.23
C ILE C 213 -14.14 -43.78 50.48
N GLU C 214 -13.14 -44.64 50.32
CA GLU C 214 -12.39 -45.15 51.47
C GLU C 214 -10.93 -44.68 51.45
N PRO C 215 -10.38 -44.32 52.61
CA PRO C 215 -8.95 -43.96 52.58
C PRO C 215 -8.19 -45.13 51.99
N ARG C 216 -7.21 -44.84 51.13
CA ARG C 216 -6.33 -45.86 50.56
C ARG C 216 -5.45 -46.44 51.65
N GLY C 217 -5.11 -45.73 52.59
N ASN D 1 -38.36 -18.36 6.19
CA ASN D 1 -37.66 -18.43 7.49
C ASN D 1 -36.98 -17.10 7.81
N ILE D 2 -37.39 -16.47 8.91
CA ILE D 2 -36.66 -15.34 9.47
C ILE D 2 -35.50 -15.88 10.31
N VAL D 3 -34.29 -15.43 10.01
CA VAL D 3 -33.09 -15.89 10.71
C VAL D 3 -32.68 -14.84 11.74
N LEU D 4 -32.27 -15.30 12.93
CA LEU D 4 -31.86 -14.36 14.00
C LEU D 4 -30.37 -14.55 14.20
N SER D 5 -29.63 -13.45 14.26
CA SER D 5 -28.21 -13.54 14.41
C SER D 5 -27.84 -12.74 15.63
N GLN D 6 -27.29 -13.41 16.62
CA GLN D 6 -26.91 -12.70 17.84
C GLN D 6 -25.42 -12.35 17.81
N SER D 7 -25.09 -11.19 18.35
CA SER D 7 -23.72 -10.80 18.52
C SER D 7 -23.52 -10.08 19.88
N PRO D 8 -22.35 -10.24 20.51
CA PRO D 8 -21.28 -11.15 20.08
C PRO D 8 -21.70 -12.59 20.46
N GLY D 9 -20.93 -13.61 20.10
CA GLY D 9 -21.23 -14.98 20.50
C GLY D 9 -20.99 -15.18 21.99
N SER D 10 -20.01 -14.43 22.49
CA SER D 10 -19.59 -14.48 23.88
C SER D 10 -19.06 -13.12 24.37
N LEU D 11 -19.36 -12.79 25.62
CA LEU D 11 -19.10 -11.49 26.22
C LEU D 11 -18.70 -11.67 27.67
N ALA D 12 -17.60 -11.06 28.09
CA ALA D 12 -17.21 -11.05 29.51
C ALA D 12 -17.39 -9.65 30.11
N VAL D 13 -18.10 -9.56 31.24
CA VAL D 13 -18.46 -8.28 31.85
C VAL D 13 -18.27 -8.39 33.34
N SER D 14 -17.72 -7.34 33.94
CA SER D 14 -17.47 -7.34 35.38
C SER D 14 -18.74 -7.22 36.18
N LEU D 15 -18.74 -7.81 37.38
CA LEU D 15 -19.85 -7.64 38.32
C LEU D 15 -20.15 -6.17 38.51
N GLY D 16 -21.43 -5.83 38.59
CA GLY D 16 -21.87 -4.43 38.73
C GLY D 16 -21.83 -3.60 37.45
N GLN D 17 -21.26 -4.13 36.37
CA GLN D 17 -21.22 -3.38 35.10
C GLN D 17 -22.42 -3.66 34.19
N ARG D 18 -22.39 -3.07 32.99
CA ARG D 18 -23.47 -3.17 32.03
C ARG D 18 -23.15 -4.21 30.95
N ALA D 19 -24.09 -5.11 30.67
CA ALA D 19 -23.95 -6.01 29.54
C ALA D 19 -24.97 -5.67 28.46
N THR D 20 -24.51 -5.56 27.23
CA THR D 20 -25.44 -5.27 26.13
C THR D 20 -25.28 -6.33 25.06
N ILE D 21 -26.37 -7.00 24.72
CA ILE D 21 -26.24 -8.04 23.71
C ILE D 21 -27.26 -7.79 22.61
N SER D 22 -26.88 -8.11 21.38
CA SER D 22 -27.66 -7.75 20.20
C SER D 22 -28.29 -8.93 19.51
N CYS D 23 -29.42 -8.69 18.87
CA CYS D 23 -30.05 -9.67 18.02
C CYS D 23 -30.45 -8.95 16.72
N ARG D 24 -30.06 -9.50 15.59
CA ARG D 24 -30.43 -8.95 14.29
C ARG D 24 -31.29 -9.96 13.56
N ALA D 25 -32.46 -9.52 13.10
CA ALA D 25 -33.34 -10.40 12.32
C ALA D 25 -33.17 -10.16 10.81
N SER D 26 -33.33 -11.20 10.01
CA SER D 26 -33.06 -11.13 8.58
C SER D 26 -34.14 -10.41 7.80
N LYS D 27 -35.28 -10.22 8.47
CA LYS D 27 -36.47 -9.55 7.96
C LYS D 27 -37.16 -8.90 9.16
N SER D 28 -37.91 -7.83 8.94
CA SER D 28 -38.66 -7.17 10.02
C SER D 28 -39.54 -8.15 10.79
N VAL D 29 -39.56 -8.03 12.12
CA VAL D 29 -40.36 -8.94 12.95
C VAL D 29 -41.56 -8.20 13.49
N ASP D 30 -41.88 -7.06 12.87
CA ASP D 30 -42.90 -6.16 13.42
C ASP D 30 -44.23 -6.30 12.71
N THR D 31 -45.32 -6.27 13.48
CA THR D 31 -46.67 -6.12 12.92
C THR D 31 -47.44 -5.25 13.89
N TYR D 32 -48.26 -4.33 13.39
CA TYR D 32 -49.02 -3.40 14.27
C TYR D 32 -48.12 -2.63 15.26
N GLY D 33 -46.89 -2.35 14.85
CA GLY D 33 -45.92 -1.66 15.69
C GLY D 33 -45.40 -2.48 16.87
N HIS D 34 -45.76 -3.76 16.93
CA HIS D 34 -45.25 -4.65 17.94
C HIS D 34 -44.18 -5.51 17.31
N SER D 35 -43.07 -5.70 18.03
CA SER D 35 -42.06 -6.64 17.59
C SER D 35 -42.26 -8.02 18.20
N PHE D 36 -42.58 -8.99 17.35
CA PHE D 36 -42.72 -10.40 17.77
C PHE D 36 -41.38 -11.12 17.95
N ILE D 37 -40.61 -10.62 18.89
CA ILE D 37 -39.34 -11.21 19.24
C ILE D 37 -39.21 -11.18 20.78
N HIS D 38 -38.56 -12.20 21.33
CA HIS D 38 -38.56 -12.41 22.77
C HIS D 38 -37.18 -12.86 23.22
N TRP D 39 -36.84 -12.54 24.48
CA TRP D 39 -35.52 -12.87 25.05
C TRP D 39 -35.68 -13.90 26.14
N TYR D 40 -34.82 -14.92 26.12
CA TYR D 40 -34.83 -15.98 27.09
C TYR D 40 -33.42 -16.08 27.73
N GLN D 41 -33.37 -16.44 29.01
CA GLN D 41 -32.11 -16.81 29.67
C GLN D 41 -32.03 -18.33 29.86
N GLN D 42 -30.87 -18.91 29.57
CA GLN D 42 -30.71 -20.33 29.83
C GLN D 42 -29.47 -20.54 30.67
N LYS D 43 -29.70 -20.92 31.90
CA LYS D 43 -28.65 -21.24 32.82
C LYS D 43 -28.28 -22.71 32.61
N PRO D 44 -27.01 -23.09 32.91
CA PRO D 44 -26.53 -24.44 32.59
C PRO D 44 -27.33 -25.51 33.28
N GLY D 45 -27.64 -26.59 32.55
CA GLY D 45 -28.52 -27.66 33.06
C GLY D 45 -30.01 -27.29 33.19
N GLN D 46 -30.42 -26.13 32.70
CA GLN D 46 -31.84 -25.75 32.77
C GLN D 46 -32.38 -25.46 31.38
N PRO D 47 -33.72 -25.53 31.23
CA PRO D 47 -34.28 -25.02 29.98
C PRO D 47 -34.21 -23.49 29.95
N PRO D 48 -34.35 -22.89 28.76
CA PRO D 48 -34.44 -21.43 28.65
C PRO D 48 -35.64 -20.90 29.39
N ASN D 49 -35.60 -19.61 29.70
CA ASN D 49 -36.67 -19.07 30.45
C ASN D 49 -36.93 -17.62 30.05
N LEU D 50 -38.20 -17.33 29.79
CA LEU D 50 -38.61 -16.06 29.18
C LEU D 50 -38.30 -14.91 30.09
N LEU D 51 -37.59 -13.92 29.56
CA LEU D 51 -37.32 -12.70 30.31
C LEU D 51 -38.08 -11.50 29.82
N ILE D 52 -38.11 -11.31 28.50
CA ILE D 52 -38.71 -10.16 27.87
C ILE D 52 -39.64 -10.61 26.76
N HIS D 53 -40.90 -10.22 26.88
CA HIS D 53 -41.94 -10.52 25.93
C HIS D 53 -42.12 -9.34 24.94
N LEU D 54 -42.24 -9.64 23.65
CA LEU D 54 -42.48 -8.59 22.64
C LEU D 54 -41.46 -7.46 22.68
N ALA D 55 -40.18 -7.85 22.66
CA ALA D 55 -39.03 -6.96 22.56
C ALA D 55 -38.71 -6.19 23.82
N SER D 56 -39.75 -5.70 24.49
CA SER D 56 -39.50 -4.72 25.55
C SER D 56 -40.36 -4.84 26.81
N ASN D 57 -41.32 -5.76 26.85
CA ASN D 57 -42.12 -5.94 28.07
C ASN D 57 -41.47 -6.91 29.06
N LEU D 58 -40.94 -6.35 30.14
CA LEU D 58 -40.29 -7.12 31.19
C LEU D 58 -41.29 -8.06 31.84
N GLU D 59 -41.03 -9.37 31.77
CA GLU D 59 -41.89 -10.36 32.41
C GLU D 59 -41.95 -10.17 33.90
N SER D 60 -43.13 -10.45 34.46
CA SER D 60 -43.39 -10.26 35.87
C SER D 60 -42.53 -11.21 36.66
N GLY D 61 -41.78 -10.68 37.62
CA GLY D 61 -40.91 -11.48 38.47
C GLY D 61 -39.45 -11.54 38.01
N VAL D 62 -39.17 -10.98 36.83
CA VAL D 62 -37.80 -10.80 36.34
C VAL D 62 -37.27 -9.45 36.84
N PRO D 63 -36.04 -9.42 37.40
CA PRO D 63 -35.54 -8.14 37.93
C PRO D 63 -35.43 -7.03 36.92
N ALA D 64 -35.62 -5.83 37.42
CA ALA D 64 -35.54 -4.61 36.66
C ALA D 64 -34.16 -4.35 36.06
N ARG D 65 -33.14 -5.13 36.47
CA ARG D 65 -31.80 -5.10 35.83
C ARG D 65 -31.84 -5.51 34.34
N PHE D 66 -32.89 -6.22 33.94
CA PHE D 66 -33.05 -6.68 32.55
C PHE D 66 -33.96 -5.72 31.78
N SER D 67 -33.58 -5.36 30.57
CA SER D 67 -34.44 -4.54 29.71
C SER D 67 -34.17 -4.80 28.23
N GLY D 68 -35.21 -4.73 27.43
CA GLY D 68 -35.09 -5.02 26.02
C GLY D 68 -35.53 -3.82 25.21
N ARG D 69 -34.86 -3.62 24.07
CA ARG D 69 -35.12 -2.52 23.15
C ARG D 69 -34.96 -3.00 21.71
N GLY D 70 -35.58 -2.23 20.82
CA GLY D 70 -35.38 -2.37 19.40
C GLY D 70 -36.71 -2.39 18.70
N SER D 71 -36.65 -2.44 17.38
CA SER D 71 -37.83 -2.51 16.51
C SER D 71 -37.32 -2.85 15.13
N GLY D 72 -38.20 -3.27 14.22
CA GLY D 72 -37.79 -3.65 12.87
C GLY D 72 -36.96 -4.92 12.84
N THR D 73 -35.65 -4.78 12.68
CA THR D 73 -34.72 -5.93 12.60
C THR D 73 -33.65 -5.93 13.69
N ASP D 74 -33.55 -4.85 14.45
CA ASP D 74 -32.45 -4.67 15.42
C ASP D 74 -32.92 -4.59 16.88
N PHE D 75 -32.45 -5.52 17.70
CA PHE D 75 -32.89 -5.60 19.11
C PHE D 75 -31.70 -5.79 20.03
N THR D 76 -31.82 -5.30 21.26
CA THR D 76 -30.77 -5.46 22.24
C THR D 76 -31.38 -5.91 23.54
N LEU D 77 -30.65 -6.74 24.26
CA LEU D 77 -30.98 -6.99 25.63
C LEU D 77 -29.87 -6.36 26.46
N THR D 78 -30.24 -5.65 27.51
CA THR D 78 -29.30 -5.03 28.43
C THR D 78 -29.50 -5.54 29.85
N ILE D 79 -28.40 -5.89 30.49
CA ILE D 79 -28.39 -6.38 31.86
C ILE D 79 -27.53 -5.38 32.64
N ASP D 80 -28.11 -4.77 33.66
CA ASP D 80 -27.41 -3.66 34.32
C ASP D 80 -28.02 -3.31 35.67
N PRO D 81 -27.26 -3.52 36.76
CA PRO D 81 -25.89 -4.03 36.80
C PRO D 81 -25.84 -5.57 36.75
N VAL D 82 -24.78 -6.10 36.16
CA VAL D 82 -24.62 -7.56 36.04
C VAL D 82 -24.32 -8.19 37.40
N GLU D 83 -24.97 -9.31 37.70
CA GLU D 83 -24.73 -10.11 38.90
C GLU D 83 -24.19 -11.50 38.57
N ALA D 84 -23.72 -12.21 39.59
CA ALA D 84 -23.06 -13.49 39.39
C ALA D 84 -24.02 -14.46 38.74
N ASP D 85 -25.24 -14.49 39.27
CA ASP D 85 -26.31 -15.37 38.81
C ASP D 85 -26.59 -15.20 37.31
N ASP D 86 -26.12 -14.10 36.73
CA ASP D 86 -26.42 -13.80 35.30
C ASP D 86 -25.54 -14.56 34.32
N ALA D 87 -24.57 -15.32 34.83
CA ALA D 87 -23.80 -16.26 34.02
C ALA D 87 -24.71 -17.31 33.37
N ALA D 88 -24.88 -17.20 32.05
CA ALA D 88 -25.85 -17.98 31.28
C ALA D 88 -25.73 -17.63 29.80
N THR D 89 -26.49 -18.31 28.95
CA THR D 89 -26.57 -17.98 27.53
C THR D 89 -27.97 -17.37 27.31
N TYR D 90 -28.03 -16.31 26.49
CA TYR D 90 -29.25 -15.57 26.23
C TYR D 90 -29.62 -15.77 24.78
N TYR D 91 -30.91 -16.01 24.54
CA TYR D 91 -31.42 -16.27 23.21
C TYR D 91 -32.53 -15.30 22.89
N CYS D 92 -32.56 -14.79 21.67
CA CYS D 92 -33.76 -14.14 21.11
C CYS D 92 -34.51 -15.21 20.31
N GLN D 93 -35.81 -15.00 20.11
CA GLN D 93 -36.66 -15.93 19.41
C GLN D 93 -37.75 -15.11 18.76
N GLN D 94 -38.03 -15.37 17.48
CA GLN D 94 -39.07 -14.62 16.80
C GLN D 94 -40.27 -15.47 16.45
N ASN D 95 -41.41 -14.82 16.38
CA ASN D 95 -42.57 -15.53 15.81
C ASN D 95 -43.49 -14.58 15.07
N ASN D 96 -42.86 -13.63 14.37
CA ASN D 96 -43.62 -12.84 13.41
C ASN D 96 -44.03 -13.66 12.20
N GLU D 97 -43.23 -14.68 11.89
CA GLU D 97 -43.48 -15.60 10.77
C GLU D 97 -43.17 -17.00 11.21
N ASP D 98 -43.72 -17.97 10.51
CA ASP D 98 -43.39 -19.37 10.80
C ASP D 98 -42.31 -19.90 9.84
N PRO D 99 -41.48 -20.84 10.30
CA PRO D 99 -41.49 -21.34 11.69
C PRO D 99 -40.98 -20.30 12.68
N TRP D 100 -41.36 -20.44 13.94
CA TRP D 100 -40.77 -19.67 15.01
C TRP D 100 -39.28 -20.06 14.96
N THR D 101 -38.41 -19.09 15.15
CA THR D 101 -36.96 -19.37 15.16
C THR D 101 -36.24 -18.75 16.33
N PHE D 102 -35.10 -19.35 16.70
CA PHE D 102 -34.26 -18.83 17.79
C PHE D 102 -32.93 -18.35 17.21
N GLY D 103 -32.30 -17.37 17.84
CA GLY D 103 -30.93 -17.00 17.47
C GLY D 103 -29.95 -18.02 18.04
N GLY D 104 -28.67 -17.84 17.70
CA GLY D 104 -27.66 -18.84 18.07
C GLY D 104 -27.20 -18.67 19.49
N GLY D 105 -27.57 -17.54 20.10
CA GLY D 105 -27.38 -17.36 21.53
C GLY D 105 -26.12 -16.58 21.85
N THR D 106 -26.08 -16.00 23.06
CA THR D 106 -24.94 -15.23 23.51
C THR D 106 -24.64 -15.63 24.95
N LYS D 107 -23.41 -16.09 25.17
CA LYS D 107 -22.98 -16.54 26.49
C LYS D 107 -22.45 -15.33 27.23
N LEU D 108 -23.00 -15.03 28.40
CA LEU D 108 -22.47 -13.96 29.21
C LEU D 108 -21.55 -14.59 30.23
N GLU D 109 -20.27 -14.23 30.14
CA GLU D 109 -19.29 -14.61 31.14
C GLU D 109 -19.11 -13.49 32.17
N ILE D 110 -19.14 -13.85 33.46
CA ILE D 110 -18.96 -12.89 34.53
C ILE D 110 -17.44 -12.78 34.70
N LYS D 111 -16.92 -11.56 34.62
CA LYS D 111 -15.47 -11.33 34.64
C LYS D 111 -15.01 -11.05 36.07
N ARG D 112 -14.93 -12.11 36.86
CA ARG D 112 -14.48 -12.02 38.25
C ARG D 112 -12.95 -11.88 38.27
N ALA D 113 -12.38 -11.66 39.46
CA ALA D 113 -10.92 -11.62 39.67
C ALA D 113 -10.29 -12.94 39.24
N ASP D 114 -9.13 -12.86 38.57
CA ASP D 114 -8.34 -14.06 38.21
C ASP D 114 -8.10 -14.91 39.44
N ALA D 115 -8.17 -16.24 39.31
CA ALA D 115 -7.91 -17.13 40.45
C ALA D 115 -7.21 -18.37 40.00
N ALA D 116 -6.21 -18.80 40.78
CA ALA D 116 -5.43 -20.00 40.44
C ALA D 116 -6.21 -21.28 40.76
N PRO D 117 -6.03 -22.36 39.97
CA PRO D 117 -6.77 -23.60 40.31
C PRO D 117 -6.24 -24.30 41.53
N THR D 118 -7.15 -24.96 42.25
CA THR D 118 -6.77 -25.93 43.26
C THR D 118 -6.71 -27.31 42.59
N VAL D 119 -5.54 -27.92 42.66
CA VAL D 119 -5.21 -29.07 41.84
C VAL D 119 -5.10 -30.30 42.73
N SER D 120 -5.74 -31.40 42.31
CA SER D 120 -5.66 -32.67 43.07
C SER D 120 -5.45 -33.83 42.10
N ILE D 121 -4.62 -34.78 42.51
CA ILE D 121 -4.31 -35.95 41.68
C ILE D 121 -4.79 -37.23 42.36
N PHE D 122 -5.17 -38.20 41.53
CA PHE D 122 -5.83 -39.38 41.99
C PHE D 122 -5.28 -40.59 41.23
N PRO D 123 -4.53 -41.46 41.93
CA PRO D 123 -4.09 -42.77 41.38
C PRO D 123 -5.29 -43.64 41.00
N PRO D 124 -5.08 -44.71 40.20
CA PRO D 124 -6.19 -45.63 39.94
C PRO D 124 -6.74 -46.19 41.24
N SER D 125 -8.05 -46.45 41.29
CA SER D 125 -8.62 -47.07 42.49
C SER D 125 -8.20 -48.57 42.60
N SER D 126 -8.07 -49.07 43.83
CA SER D 126 -7.71 -50.47 44.02
C SER D 126 -8.75 -51.36 43.34
N GLU D 127 -10.04 -50.99 43.46
CA GLU D 127 -11.08 -51.63 42.65
C GLU D 127 -10.83 -51.69 41.13
N GLN D 128 -10.47 -50.57 40.49
CA GLN D 128 -10.17 -50.59 39.03
C GLN D 128 -8.88 -51.34 38.69
N LEU D 129 -7.96 -51.43 39.66
CA LEU D 129 -6.71 -52.16 39.42
C LEU D 129 -6.93 -53.67 39.52
N THR D 130 -7.57 -54.12 40.62
CA THR D 130 -8.08 -55.49 40.76
C THR D 130 -8.81 -55.93 39.50
N SER D 131 -9.50 -55.00 38.85
CA SER D 131 -10.23 -55.30 37.62
C SER D 131 -9.43 -55.04 36.32
N GLY D 132 -8.16 -54.69 36.46
CA GLY D 132 -7.29 -54.59 35.28
C GLY D 132 -7.27 -53.33 34.44
N GLY D 133 -7.85 -52.23 34.96
CA GLY D 133 -7.75 -50.92 34.29
C GLY D 133 -6.85 -49.95 35.05
N ALA D 134 -6.35 -48.93 34.36
CA ALA D 134 -5.57 -47.86 35.02
C ALA D 134 -5.84 -46.44 34.52
N SER D 135 -6.68 -45.70 35.27
CA SER D 135 -7.01 -44.30 34.97
C SER D 135 -6.41 -43.38 36.03
N VAL D 136 -5.73 -42.32 35.61
CA VAL D 136 -5.20 -41.33 36.56
C VAL D 136 -5.96 -40.01 36.37
N VAL D 137 -6.46 -39.46 37.46
CA VAL D 137 -7.35 -38.29 37.36
C VAL D 137 -6.75 -37.06 38.01
N CYS D 138 -6.84 -35.92 37.32
N CYS D 138 -6.86 -35.91 37.33
CA CYS D 138 -6.54 -34.65 37.94
CA CYS D 138 -6.45 -34.60 37.85
C CYS D 138 -7.72 -33.69 37.85
C CYS D 138 -7.61 -33.59 37.81
N PHE D 139 -8.04 -33.10 38.98
CA PHE D 139 -9.11 -32.07 39.05
C PHE D 139 -8.43 -30.74 39.28
N LEU D 140 -8.76 -29.76 38.46
CA LEU D 140 -8.24 -28.39 38.62
C LEU D 140 -9.47 -27.54 38.90
N ASN D 141 -9.65 -27.16 40.17
CA ASN D 141 -10.94 -26.62 40.62
C ASN D 141 -10.87 -25.10 40.92
N ASN D 142 -11.95 -24.41 40.53
CA ASN D 142 -12.26 -23.05 41.00
C ASN D 142 -11.28 -22.00 40.52
N PHE D 143 -11.02 -22.00 39.22
CA PHE D 143 -10.14 -21.03 38.61
C PHE D 143 -10.85 -20.08 37.65
N TYR D 144 -10.21 -18.96 37.39
CA TYR D 144 -10.65 -17.99 36.40
C TYR D 144 -9.40 -17.28 35.87
N PRO D 145 -9.28 -17.06 34.53
CA PRO D 145 -10.24 -17.35 33.48
C PRO D 145 -10.20 -18.82 33.05
N LYS D 146 -10.99 -19.17 32.03
CA LYS D 146 -11.23 -20.55 31.65
C LYS D 146 -10.04 -21.23 30.98
N ASP D 147 -9.26 -20.46 30.24
CA ASP D 147 -8.05 -20.97 29.58
C ASP D 147 -7.05 -21.56 30.57
N ILE D 148 -6.67 -22.80 30.33
CA ILE D 148 -5.81 -23.54 31.23
C ILE D 148 -5.19 -24.68 30.44
N ASN D 149 -3.98 -25.08 30.86
CA ASN D 149 -3.24 -26.14 30.21
C ASN D 149 -2.79 -27.16 31.21
N VAL D 150 -3.04 -28.44 30.92
CA VAL D 150 -2.66 -29.53 31.82
C VAL D 150 -1.66 -30.45 31.12
N LYS D 151 -0.53 -30.70 31.77
CA LYS D 151 0.48 -31.58 31.21
C LYS D 151 0.62 -32.83 32.05
N TRP D 152 0.59 -33.99 31.39
CA TRP D 152 0.80 -35.24 32.09
C TRP D 152 2.22 -35.75 31.89
N LYS D 153 2.88 -36.10 32.98
CA LYS D 153 4.24 -36.59 32.93
C LYS D 153 4.36 -37.93 33.65
N ILE D 154 4.92 -38.91 32.96
CA ILE D 154 5.18 -40.21 33.53
C ILE D 154 6.70 -40.39 33.64
N ASP D 155 7.18 -40.63 34.86
CA ASP D 155 8.62 -40.73 35.13
C ASP D 155 9.37 -39.52 34.55
N GLY D 156 8.78 -38.34 34.70
CA GLY D 156 9.38 -37.12 34.19
C GLY D 156 9.18 -36.87 32.72
N SER D 157 8.70 -37.87 31.98
CA SER D 157 8.50 -37.79 30.53
C SER D 157 7.05 -37.52 30.15
N GLU D 158 6.86 -36.58 29.25
CA GLU D 158 5.53 -36.08 28.90
C GLU D 158 4.75 -37.05 28.03
N ARG D 159 3.49 -37.27 28.38
CA ARG D 159 2.58 -38.09 27.59
C ARG D 159 1.47 -37.26 26.96
N GLN D 160 1.25 -37.40 25.66
CA GLN D 160 0.15 -36.67 25.00
C GLN D 160 -1.09 -37.50 24.66
N ASN D 161 -0.92 -38.76 24.32
CA ASN D 161 -2.04 -39.62 23.95
C ASN D 161 -2.77 -40.18 25.17
N GLY D 162 -4.09 -40.35 25.06
CA GLY D 162 -4.87 -41.01 26.13
C GLY D 162 -5.41 -40.08 27.22
N VAL D 163 -5.42 -38.80 26.91
CA VAL D 163 -5.83 -37.75 27.84
C VAL D 163 -7.19 -37.22 27.40
N LEU D 164 -8.16 -37.25 28.32
CA LEU D 164 -9.50 -36.68 28.09
C LEU D 164 -9.83 -35.57 29.10
N ASN D 165 -10.16 -34.39 28.57
CA ASN D 165 -10.42 -33.20 29.38
C ASN D 165 -11.88 -32.70 29.30
N SER D 166 -12.46 -32.34 30.44
CA SER D 166 -13.79 -31.75 30.47
C SER D 166 -13.80 -30.54 31.42
N TRP D 167 -14.36 -29.42 30.97
CA TRP D 167 -14.55 -28.22 31.78
C TRP D 167 -16.01 -28.08 32.21
N THR D 168 -16.25 -27.62 33.45
CA THR D 168 -17.59 -27.26 33.88
C THR D 168 -17.97 -25.92 33.23
N ASP D 169 -19.27 -25.58 33.24
CA ASP D 169 -19.73 -24.25 32.89
C ASP D 169 -19.41 -23.29 34.03
N GLN D 170 -19.42 -21.99 33.77
CA GLN D 170 -19.14 -21.02 34.83
C GLN D 170 -20.08 -21.15 36.06
N ASP D 171 -19.51 -21.23 37.27
CA ASP D 171 -20.33 -21.36 38.49
C ASP D 171 -21.22 -20.13 38.76
N SER D 172 -22.52 -20.37 39.01
CA SER D 172 -23.48 -19.28 39.25
C SER D 172 -23.19 -18.42 40.48
N LYS D 173 -22.43 -18.97 41.41
CA LYS D 173 -22.20 -18.30 42.69
C LYS D 173 -20.82 -17.67 42.78
N ASP D 174 -19.78 -18.39 42.41
CA ASP D 174 -18.44 -17.81 42.56
C ASP D 174 -17.76 -17.45 41.26
N SER D 175 -18.46 -17.70 40.14
CA SER D 175 -18.00 -17.31 38.80
C SER D 175 -16.70 -17.99 38.32
N THR D 176 -16.33 -19.11 38.94
CA THR D 176 -15.14 -19.84 38.55
C THR D 176 -15.50 -20.99 37.56
N TYR D 177 -14.46 -21.55 36.98
CA TYR D 177 -14.56 -22.77 36.18
C TYR D 177 -13.78 -23.82 36.88
N SER D 178 -14.08 -25.07 36.57
CA SER D 178 -13.30 -26.18 37.08
C SER D 178 -13.08 -27.12 35.89
N MET D 179 -12.00 -27.91 35.93
CA MET D 179 -11.69 -28.80 34.85
C MET D 179 -11.18 -30.14 35.37
N SER D 180 -11.44 -31.19 34.60
CA SER D 180 -11.00 -32.52 34.95
C SER D 180 -10.18 -33.10 33.79
N SER D 181 -9.06 -33.75 34.13
CA SER D 181 -8.20 -34.42 33.17
C SER D 181 -8.01 -35.86 33.60
N THR D 182 -8.29 -36.79 32.69
CA THR D 182 -8.12 -38.23 32.93
C THR D 182 -7.07 -38.79 31.93
N LEU D 183 -6.02 -39.38 32.48
CA LEU D 183 -5.02 -40.08 31.67
C LEU D 183 -5.36 -41.56 31.77
N THR D 184 -5.62 -42.20 30.64
CA THR D 184 -5.98 -43.61 30.69
C THR D 184 -4.84 -44.43 30.10
N LEU D 185 -4.53 -45.52 30.79
CA LEU D 185 -3.47 -46.45 30.42
C LEU D 185 -3.90 -47.88 30.78
N THR D 186 -3.21 -48.85 30.19
CA THR D 186 -3.36 -50.26 30.58
C THR D 186 -2.72 -50.46 31.96
N LYS D 187 -3.19 -51.46 32.71
CA LYS D 187 -2.64 -51.76 34.04
C LYS D 187 -1.15 -52.08 33.98
N ASP D 188 -0.77 -52.81 32.92
CA ASP D 188 0.61 -53.22 32.74
C ASP D 188 1.53 -52.05 32.40
N GLU D 189 1.06 -51.15 31.53
CA GLU D 189 1.81 -49.93 31.27
C GLU D 189 1.99 -49.07 32.54
N TYR D 190 0.95 -49.02 33.37
CA TYR D 190 0.95 -48.21 34.58
C TYR D 190 1.95 -48.73 35.62
N GLU D 191 2.12 -50.05 35.64
CA GLU D 191 2.95 -50.71 36.63
C GLU D 191 4.42 -50.74 36.22
N ARG D 192 4.69 -50.35 34.98
CA ARG D 192 6.04 -50.20 34.47
C ARG D 192 6.70 -48.95 35.02
N HIS D 193 5.89 -47.99 35.49
CA HIS D 193 6.42 -46.69 35.88
C HIS D 193 6.14 -46.29 37.33
N ASN D 194 6.94 -45.37 37.87
CA ASN D 194 6.83 -45.02 39.29
C ASN D 194 6.12 -43.68 39.58
N SER D 195 6.46 -42.64 38.82
CA SER D 195 5.95 -41.32 39.15
C SER D 195 4.99 -40.76 38.12
N TYR D 196 3.87 -40.24 38.62
CA TYR D 196 2.82 -39.68 37.77
C TYR D 196 2.54 -38.27 38.19
N THR D 197 2.44 -37.39 37.21
CA THR D 197 2.49 -35.95 37.47
C THR D 197 1.54 -35.22 36.58
N CYS D 198 0.65 -34.42 37.17
N CYS D 198 0.71 -34.39 37.21
CA CYS D 198 -0.12 -33.51 36.35
CA CYS D 198 -0.18 -33.49 36.51
C CYS D 198 0.26 -32.09 36.71
C CYS D 198 0.28 -32.06 36.75
N GLU D 199 0.52 -31.32 35.66
CA GLU D 199 1.05 -29.97 35.75
C GLU D 199 0.05 -28.97 35.18
N ALA D 200 -0.36 -27.99 35.98
CA ALA D 200 -1.33 -27.03 35.48
C ALA D 200 -0.67 -25.69 35.26
N THR D 201 -0.76 -25.18 34.03
CA THR D 201 -0.36 -23.82 33.73
C THR D 201 -1.57 -22.96 33.41
N HIS D 202 -1.60 -21.80 34.09
CA HIS D 202 -2.70 -20.89 34.06
C HIS D 202 -2.05 -19.51 34.16
N LYS D 203 -2.66 -18.49 33.57
CA LYS D 203 -2.07 -17.13 33.63
C LYS D 203 -1.83 -16.59 35.04
N THR D 204 -2.36 -17.23 36.08
CA THR D 204 -2.16 -16.74 37.45
C THR D 204 -0.75 -16.96 38.00
N SER D 205 0.12 -17.56 37.20
CA SER D 205 1.50 -17.78 37.60
C SER D 205 2.33 -18.21 36.40
N THR D 206 3.62 -17.83 36.39
CA THR D 206 4.50 -18.23 35.31
C THR D 206 5.04 -19.66 35.46
N SER D 207 5.01 -20.19 36.68
CA SER D 207 5.36 -21.60 36.85
C SER D 207 4.11 -22.44 37.11
N PRO D 208 4.07 -23.67 36.56
CA PRO D 208 2.93 -24.58 36.72
C PRO D 208 2.71 -25.00 38.17
N ILE D 209 1.46 -25.31 38.51
CA ILE D 209 1.16 -26.01 39.75
C ILE D 209 1.36 -27.49 39.42
N VAL D 210 2.16 -28.17 40.22
CA VAL D 210 2.53 -29.58 39.97
C VAL D 210 1.95 -30.45 41.08
N LYS D 211 1.22 -31.49 40.71
CA LYS D 211 0.78 -32.48 41.69
C LYS D 211 1.25 -33.85 41.22
N SER D 212 1.72 -34.64 42.17
CA SER D 212 2.46 -35.85 41.87
C SER D 212 2.25 -36.91 42.90
N PHE D 213 2.43 -38.16 42.46
CA PHE D 213 2.52 -39.28 43.37
C PHE D 213 3.43 -40.37 42.81
N ASN D 214 3.97 -41.19 43.71
CA ASN D 214 4.73 -42.36 43.31
C ASN D 214 3.97 -43.64 43.52
N ARG D 215 3.95 -44.45 42.48
CA ARG D 215 3.21 -45.69 42.52
C ARG D 215 3.66 -46.57 43.69
N ASN D 216 2.70 -47.31 44.26
CA ASN D 216 2.90 -48.24 45.38
C ASN D 216 3.52 -47.66 46.67
N GLU D 217 4.15 -46.50 46.54
CA GLU D 217 4.46 -45.67 47.69
C GLU D 217 3.19 -44.92 48.07
N PCA E 1 12.09 22.92 -7.99
CA PCA E 1 12.75 22.81 -9.30
CB PCA E 1 11.78 23.46 -10.28
CG PCA E 1 10.46 23.61 -9.50
CD PCA E 1 10.80 23.20 -8.08
OE PCA E 1 9.97 23.15 -7.17
C PCA E 1 14.05 23.56 -9.25
O PCA E 1 14.05 24.79 -8.98
N VAL E 2 15.15 22.87 -9.56
CA VAL E 2 16.45 23.51 -9.55
C VAL E 2 16.64 24.52 -10.71
N GLN E 3 16.96 25.78 -10.36
CA GLN E 3 17.30 26.82 -11.35
C GLN E 3 18.53 27.62 -10.89
N LEU E 4 19.37 28.02 -11.84
CA LEU E 4 20.43 28.97 -11.58
C LEU E 4 20.35 30.07 -12.66
N LYS E 5 20.63 31.30 -12.25
CA LYS E 5 20.57 32.44 -13.16
C LYS E 5 21.77 33.34 -12.97
N GLU E 6 22.60 33.45 -14.00
CA GLU E 6 23.74 34.34 -13.98
C GLU E 6 23.30 35.74 -14.29
N SER E 7 24.03 36.71 -13.77
CA SER E 7 23.82 38.10 -14.14
C SER E 7 25.18 38.78 -14.11
N GLY E 8 25.57 39.30 -15.27
CA GLY E 8 26.88 39.94 -15.44
C GLY E 8 26.85 41.19 -16.34
N PRO E 9 28.03 41.80 -16.56
CA PRO E 9 28.07 42.89 -17.51
C PRO E 9 28.33 42.28 -18.86
N VAL E 10 27.43 42.55 -19.78
CA VAL E 10 27.57 42.15 -21.16
C VAL E 10 28.96 42.61 -21.68
N LEU E 11 29.38 43.82 -21.28
CA LEU E 11 30.61 44.42 -21.80
C LEU E 11 31.44 45.05 -20.70
N VAL E 12 32.72 44.71 -20.70
CA VAL E 12 33.68 45.28 -19.75
C VAL E 12 35.04 45.58 -20.41
N ALA E 13 35.61 46.75 -20.10
CA ALA E 13 36.88 47.20 -20.67
C ALA E 13 38.06 46.35 -20.19
N PRO E 14 39.08 46.18 -21.05
CA PRO E 14 40.30 45.45 -20.67
C PRO E 14 40.88 46.01 -19.38
N SER E 15 41.73 45.22 -18.74
CA SER E 15 42.23 45.50 -17.39
C SER E 15 41.11 45.49 -16.34
N GLN E 16 39.99 46.18 -16.59
CA GLN E 16 38.86 46.30 -15.61
C GLN E 16 38.45 44.97 -14.94
N SER E 17 37.56 45.05 -13.95
CA SER E 17 37.16 43.86 -13.23
C SER E 17 35.82 43.28 -13.66
N LEU E 18 35.76 41.95 -13.74
CA LEU E 18 34.52 41.26 -14.01
C LEU E 18 33.77 40.80 -12.75
N PHE E 19 32.53 41.23 -12.60
N PHE E 19 32.50 41.19 -12.63
CA PHE E 19 31.71 40.75 -11.51
CA PHE E 19 31.68 40.83 -11.47
C PHE E 19 30.48 40.09 -12.07
C PHE E 19 30.38 40.15 -11.91
N ILE E 20 30.29 38.82 -11.71
CA ILE E 20 29.06 38.07 -12.05
C ILE E 20 28.38 37.49 -10.79
N SER E 21 27.06 37.65 -10.69
CA SER E 21 26.29 37.01 -9.64
C SER E 21 25.49 35.81 -10.20
N CYS E 22 25.25 34.83 -9.34
CA CYS E 22 24.45 33.66 -9.69
C CYS E 22 23.40 33.50 -8.60
N THR E 23 22.14 33.59 -9.00
CA THR E 23 21.02 33.44 -8.09
C THR E 23 20.41 32.06 -8.24
N VAL E 24 20.32 31.32 -7.13
CA VAL E 24 19.89 29.94 -7.23
C VAL E 24 18.53 29.73 -6.54
N SER E 25 17.87 28.63 -6.90
CA SER E 25 16.52 28.36 -6.42
C SER E 25 16.33 26.85 -6.51
N GLY E 26 15.50 26.27 -5.64
CA GLY E 26 15.21 24.83 -5.67
C GLY E 26 16.28 23.95 -5.00
N PHE E 27 17.35 24.56 -4.49
CA PHE E 27 18.37 23.87 -3.67
C PHE E 27 19.04 24.87 -2.74
N SER E 28 19.72 24.39 -1.69
CA SER E 28 20.38 25.29 -0.75
C SER E 28 21.91 25.34 -0.92
N LEU E 29 22.46 26.52 -0.82
CA LEU E 29 23.92 26.70 -0.84
C LEU E 29 24.59 26.19 0.45
N THR E 30 23.79 25.92 1.48
CA THR E 30 24.30 25.26 2.71
C THR E 30 24.45 23.74 2.52
N ARG E 31 23.93 23.21 1.41
CA ARG E 31 23.98 21.74 1.14
C ARG E 31 24.81 21.36 -0.12
N TYR E 32 24.86 22.27 -1.09
CA TYR E 32 25.49 21.99 -2.40
C TYR E 32 26.53 23.02 -2.79
N GLY E 33 27.62 22.56 -3.39
CA GLY E 33 28.62 23.47 -3.96
C GLY E 33 28.09 24.08 -5.25
N VAL E 34 28.59 25.25 -5.64
CA VAL E 34 28.39 25.79 -7.01
C VAL E 34 29.74 26.05 -7.73
N HIS E 35 29.86 25.59 -8.97
CA HIS E 35 31.06 25.74 -9.78
C HIS E 35 30.83 26.87 -10.78
N TRP E 36 31.95 27.40 -11.30
CA TRP E 36 31.94 28.37 -12.40
C TRP E 36 32.67 27.72 -13.56
N VAL E 37 32.01 27.74 -14.73
CA VAL E 37 32.58 27.21 -15.96
C VAL E 37 32.39 28.26 -17.07
N ARG E 38 33.40 28.46 -17.91
CA ARG E 38 33.19 29.35 -19.05
C ARG E 38 33.42 28.59 -20.33
N GLN E 39 32.86 29.11 -21.42
CA GLN E 39 33.05 28.52 -22.72
C GLN E 39 33.33 29.58 -23.75
N SER E 40 34.37 29.36 -24.55
CA SER E 40 34.74 30.28 -25.64
C SER E 40 35.19 29.46 -26.84
N PRO E 41 35.09 30.04 -28.06
CA PRO E 41 35.57 29.33 -29.26
C PRO E 41 37.06 29.07 -29.13
N GLY E 42 37.80 30.05 -28.62
CA GLY E 42 39.25 29.88 -28.51
C GLY E 42 39.68 28.77 -27.55
N LYS E 43 39.09 28.70 -26.37
CA LYS E 43 39.63 27.80 -25.34
C LYS E 43 38.68 26.69 -24.89
N GLY E 44 37.50 26.61 -25.53
CA GLY E 44 36.52 25.56 -25.22
C GLY E 44 35.97 25.71 -23.81
N LEU E 45 35.61 24.60 -23.20
CA LEU E 45 35.05 24.62 -21.85
C LEU E 45 36.19 24.65 -20.83
N GLU E 46 36.22 25.66 -19.96
CA GLU E 46 37.22 25.74 -18.88
C GLU E 46 36.51 25.81 -17.53
N TRP E 47 36.93 24.95 -16.60
CA TRP E 47 36.42 24.98 -15.24
C TRP E 47 37.22 26.01 -14.45
N LEU E 48 36.52 26.98 -13.85
CA LEU E 48 37.18 28.10 -13.19
C LEU E 48 37.39 27.87 -11.67
N GLY E 49 36.42 27.25 -11.02
CA GLY E 49 36.57 26.95 -9.61
C GLY E 49 35.23 26.68 -9.01
N VAL E 50 35.23 26.55 -7.69
CA VAL E 50 34.03 26.11 -7.02
C VAL E 50 34.04 26.66 -5.60
N ILE E 51 32.83 26.89 -5.09
CA ILE E 51 32.63 27.21 -3.69
C ILE E 51 31.67 26.20 -3.06
N TRP E 52 32.20 25.45 -2.10
CA TRP E 52 31.48 24.33 -1.51
C TRP E 52 30.46 24.75 -0.43
N ALA E 53 29.65 23.80 0.04
CA ALA E 53 28.63 24.09 1.07
C ALA E 53 29.21 24.88 2.25
N GLY E 54 30.34 24.42 2.78
CA GLY E 54 30.91 25.06 3.96
C GLY E 54 31.66 26.34 3.65
N GLY E 55 31.61 26.81 2.41
CA GLY E 55 32.34 28.02 2.05
C GLY E 55 33.77 27.83 1.59
N THR E 56 34.24 26.59 1.52
CA THR E 56 35.59 26.33 0.99
C THR E 56 35.59 26.58 -0.54
N THR E 57 36.71 27.10 -1.04
CA THR E 57 36.79 27.41 -2.47
C THR E 57 37.98 26.73 -3.00
N ASN E 58 37.82 26.15 -4.20
CA ASN E 58 38.94 25.58 -4.91
C ASN E 58 38.91 26.20 -6.31
N TYR E 59 40.08 26.59 -6.80
CA TYR E 59 40.22 27.31 -8.08
C TYR E 59 41.08 26.54 -9.06
N ASN E 60 40.79 26.75 -10.33
CA ASN E 60 41.69 26.39 -11.40
C ASN E 60 42.98 27.20 -11.15
N SER E 61 44.12 26.54 -11.03
CA SER E 61 45.36 27.29 -10.72
C SER E 61 45.81 28.32 -11.79
N ALA E 62 45.54 28.05 -13.07
CA ALA E 62 45.75 29.04 -14.13
C ALA E 62 45.05 30.38 -13.86
N PHE E 63 44.04 30.36 -13.00
CA PHE E 63 43.25 31.57 -12.70
C PHE E 63 43.43 32.13 -11.29
N MET E 64 43.97 31.32 -10.37
CA MET E 64 44.06 31.77 -8.96
C MET E 64 44.64 33.18 -8.75
N SER E 65 45.65 33.57 -9.51
CA SER E 65 46.17 34.94 -9.37
C SER E 65 45.10 36.06 -9.44
N ARG E 66 44.01 35.85 -10.17
CA ARG E 66 43.02 36.94 -10.36
C ARG E 66 41.54 36.59 -10.15
N LEU E 67 41.23 35.35 -9.81
CA LEU E 67 39.83 34.95 -9.60
C LEU E 67 39.44 34.81 -8.13
N THR E 68 38.29 35.37 -7.73
CA THR E 68 37.72 35.14 -6.39
C THR E 68 36.28 34.71 -6.55
N ILE E 69 35.93 33.63 -5.84
CA ILE E 69 34.55 33.16 -5.77
C ILE E 69 34.06 33.34 -4.33
N SER E 70 32.83 33.81 -4.17
CA SER E 70 32.24 33.89 -2.83
C SER E 70 30.75 33.68 -2.95
N LYS E 71 30.08 33.74 -1.82
CA LYS E 71 28.65 33.48 -1.82
C LYS E 71 28.00 34.13 -0.63
N ASP E 72 26.68 34.23 -0.68
CA ASP E 72 25.94 34.71 0.44
C ASP E 72 24.74 33.80 0.62
N ASN E 73 24.88 32.81 1.53
CA ASN E 73 23.86 31.78 1.78
C ASN E 73 22.47 32.40 1.97
N SER E 74 22.40 33.52 2.69
CA SER E 74 21.10 34.12 2.98
C SER E 74 20.48 34.83 1.76
N LYS E 75 21.30 35.27 0.82
CA LYS E 75 20.79 35.87 -0.41
C LYS E 75 20.60 34.85 -1.54
N SER E 76 20.88 33.57 -1.27
CA SER E 76 20.85 32.53 -2.31
C SER E 76 21.71 32.87 -3.53
N GLN E 77 22.87 33.46 -3.29
CA GLN E 77 23.72 33.95 -4.38
C GLN E 77 25.15 33.49 -4.27
N VAL E 78 25.75 33.26 -5.43
CA VAL E 78 27.15 32.96 -5.55
C VAL E 78 27.77 34.03 -6.47
N PHE E 79 29.00 34.44 -6.17
CA PHE E 79 29.65 35.54 -6.89
C PHE E 79 30.97 35.15 -7.47
N LEU E 80 31.22 35.67 -8.66
CA LEU E 80 32.51 35.54 -9.34
C LEU E 80 33.10 36.92 -9.52
N LYS E 81 34.37 37.06 -9.15
CA LYS E 81 35.11 38.28 -9.44
C LYS E 81 36.37 37.84 -10.15
N MET E 82 36.65 38.46 -11.28
CA MET E 82 37.92 38.25 -11.93
C MET E 82 38.55 39.59 -12.27
N ASN E 83 39.86 39.68 -12.10
CA ASN E 83 40.59 40.93 -12.34
C ASN E 83 41.44 40.81 -13.58
N SER E 84 42.07 41.93 -13.94
CA SER E 84 43.07 41.97 -15.00
C SER E 84 42.56 41.27 -16.23
N LEU E 85 41.42 41.69 -16.73
CA LEU E 85 40.81 41.00 -17.86
C LEU E 85 41.65 41.14 -19.13
N GLN E 86 41.64 40.10 -19.95
CA GLN E 86 42.23 40.15 -21.28
C GLN E 86 41.12 39.86 -22.30
N THR E 87 41.30 40.25 -23.56
CA THR E 87 40.27 40.04 -24.57
C THR E 87 39.88 38.57 -24.69
N ASP E 88 40.80 37.66 -24.42
CA ASP E 88 40.43 36.24 -24.47
C ASP E 88 39.68 35.69 -23.21
N ASP E 89 39.26 36.59 -22.31
CA ASP E 89 38.36 36.23 -21.23
C ASP E 89 36.90 36.41 -21.68
N THR E 90 36.72 36.79 -22.95
CA THR E 90 35.44 36.94 -23.62
C THR E 90 34.86 35.53 -23.75
N ALA E 91 33.65 35.29 -23.29
CA ALA E 91 33.16 33.92 -23.21
C ALA E 91 31.78 33.95 -22.59
N ILE E 92 31.10 32.82 -22.64
CA ILE E 92 29.88 32.62 -21.87
C ILE E 92 30.30 32.04 -20.54
N TYR E 93 29.84 32.66 -19.47
CA TYR E 93 30.11 32.26 -18.08
C TYR E 93 28.88 31.60 -17.47
N TYR E 94 29.06 30.39 -16.96
CA TYR E 94 27.99 29.63 -16.35
C TYR E 94 28.27 29.34 -14.88
N CYS E 95 27.26 29.50 -14.05
CA CYS E 95 27.31 28.85 -12.74
C CYS E 95 26.63 27.47 -12.81
N VAL E 96 27.17 26.50 -12.08
CA VAL E 96 26.74 25.10 -12.22
C VAL E 96 26.65 24.42 -10.85
N LYS E 97 25.54 23.75 -10.59
CA LYS E 97 25.34 23.06 -9.30
C LYS E 97 26.20 21.80 -9.20
N ALA E 98 26.85 21.62 -8.05
CA ALA E 98 27.60 20.38 -7.74
C ALA E 98 26.65 19.20 -7.62
N TYR E 99 27.13 18.03 -8.00
CA TYR E 99 26.32 16.84 -8.03
C TYR E 99 27.23 15.62 -8.05
N ARG E 100 27.12 14.80 -7.00
CA ARG E 100 27.98 13.65 -6.83
C ARG E 100 29.44 14.03 -7.05
N ASN E 101 30.05 13.43 -8.07
CA ASN E 101 31.42 13.72 -8.46
C ASN E 101 31.49 14.46 -9.81
N ALA E 102 30.46 15.25 -10.07
CA ALA E 102 30.39 16.01 -11.32
C ALA E 102 29.48 17.20 -11.13
N MET E 103 28.70 17.56 -12.16
CA MET E 103 27.84 18.77 -12.09
C MET E 103 26.52 18.45 -12.76
N ASP E 104 25.40 18.96 -12.24
CA ASP E 104 24.08 18.61 -12.82
C ASP E 104 23.33 19.74 -13.51
N TYR E 105 22.94 20.77 -12.76
CA TYR E 105 22.18 21.88 -13.32
C TYR E 105 23.07 23.08 -13.64
N TRP E 106 22.86 23.66 -14.81
CA TRP E 106 23.62 24.84 -15.23
C TRP E 106 22.69 26.00 -15.43
N GLY E 107 23.15 27.22 -15.17
CA GLY E 107 22.39 28.37 -15.59
C GLY E 107 22.40 28.45 -17.10
N GLN E 108 21.64 29.40 -17.65
CA GLN E 108 21.69 29.62 -19.12
C GLN E 108 23.00 30.23 -19.60
N GLY E 109 23.79 30.79 -18.68
CA GLY E 109 25.06 31.36 -19.09
C GLY E 109 24.86 32.82 -19.35
N THR E 110 25.88 33.60 -19.07
CA THR E 110 25.84 35.04 -19.34
C THR E 110 27.02 35.38 -20.27
N SER E 111 26.73 36.15 -21.33
CA SER E 111 27.76 36.51 -22.31
C SER E 111 28.60 37.67 -21.82
N VAL E 112 29.91 37.50 -21.78
CA VAL E 112 30.77 38.60 -21.37
C VAL E 112 31.74 38.90 -22.51
N THR E 113 31.74 40.15 -22.94
CA THR E 113 32.71 40.60 -23.94
C THR E 113 33.66 41.60 -23.29
N VAL E 114 34.95 41.31 -23.40
CA VAL E 114 36.01 42.20 -22.92
C VAL E 114 36.57 43.00 -24.11
N SER E 115 36.26 44.29 -24.13
CA SER E 115 36.62 45.18 -25.21
C SER E 115 36.48 46.62 -24.70
N SER E 116 37.25 47.52 -25.28
CA SER E 116 37.09 48.94 -24.92
C SER E 116 36.31 49.69 -25.99
N ALA E 117 35.88 48.97 -27.02
CA ALA E 117 34.96 49.51 -28.03
C ALA E 117 33.65 49.98 -27.39
N LYS E 118 33.05 51.02 -27.95
CA LYS E 118 31.77 51.50 -27.43
C LYS E 118 30.63 50.59 -27.87
N THR E 119 29.53 50.66 -27.13
CA THR E 119 28.31 49.96 -27.43
C THR E 119 27.62 50.62 -28.62
N THR E 120 27.14 49.81 -29.57
CA THR E 120 26.29 50.35 -30.66
C THR E 120 24.99 49.56 -30.86
N ALA E 121 23.85 50.25 -30.78
CA ALA E 121 22.54 49.66 -31.04
C ALA E 121 22.37 49.16 -32.47
N PRO E 122 21.63 48.04 -32.66
CA PRO E 122 21.40 47.55 -34.01
C PRO E 122 20.42 48.39 -34.82
N SER E 123 20.59 48.41 -36.12
CA SER E 123 19.52 48.79 -37.05
C SER E 123 18.75 47.54 -37.40
N VAL E 124 17.42 47.59 -37.28
CA VAL E 124 16.57 46.45 -37.61
C VAL E 124 15.72 46.70 -38.88
N TYR E 125 15.87 45.85 -39.87
CA TYR E 125 15.20 46.05 -41.14
C TYR E 125 14.30 44.87 -41.48
N PRO E 126 13.04 45.16 -41.82
CA PRO E 126 12.17 44.09 -42.22
C PRO E 126 12.44 43.74 -43.67
N LEU E 127 12.34 42.45 -43.97
CA LEU E 127 12.55 41.91 -45.30
C LEU E 127 11.25 41.27 -45.79
N ALA E 128 10.54 41.99 -46.66
CA ALA E 128 9.35 41.42 -47.32
C ALA E 128 9.73 40.77 -48.66
N PRO E 129 8.90 39.83 -49.17
CA PRO E 129 9.24 39.19 -50.45
C PRO E 129 9.32 40.18 -51.61
N VAL E 130 10.00 39.77 -52.67
CA VAL E 130 10.13 40.58 -53.88
C VAL E 130 8.76 41.09 -54.36
N CYS E 131 8.67 42.40 -54.60
CA CYS E 131 7.41 43.03 -55.03
C CYS E 131 6.82 42.31 -56.24
N GLY E 132 5.54 41.93 -56.12
CA GLY E 132 4.83 41.30 -57.22
C GLY E 132 5.21 39.87 -57.60
N ASP E 133 6.03 39.18 -56.79
CA ASP E 133 6.28 37.75 -57.04
C ASP E 133 5.01 36.94 -56.89
N THR E 134 4.99 35.75 -57.48
CA THR E 134 3.81 34.88 -57.40
C THR E 134 3.49 34.52 -55.95
N SER E 135 2.23 34.66 -55.56
CA SER E 135 1.79 34.29 -54.22
C SER E 135 1.62 32.78 -54.09
N GLY E 136 2.71 32.07 -53.78
CA GLY E 136 2.71 30.61 -53.71
C GLY E 136 2.05 30.07 -52.44
N SER E 137 2.15 28.76 -52.22
CA SER E 137 1.48 28.15 -51.08
C SER E 137 2.12 28.53 -49.75
N SER E 138 3.38 28.95 -49.80
CA SER E 138 4.00 29.48 -48.59
C SER E 138 4.90 30.65 -48.90
N VAL E 139 5.19 31.43 -47.86
CA VAL E 139 5.95 32.65 -47.99
C VAL E 139 7.03 32.72 -46.90
N THR E 140 8.18 33.26 -47.30
CA THR E 140 9.31 33.44 -46.41
C THR E 140 9.54 34.95 -46.20
N LEU E 141 9.65 35.35 -44.93
CA LEU E 141 9.89 36.74 -44.56
C LEU E 141 11.18 36.70 -43.78
N GLY E 142 11.76 37.88 -43.57
CA GLY E 142 13.02 37.99 -42.89
C GLY E 142 13.18 39.25 -42.10
N CYS E 143 14.21 39.26 -41.29
CA CYS E 143 14.53 40.39 -40.45
C CYS E 143 16.07 40.52 -40.47
N LEU E 144 16.57 41.70 -40.79
CA LEU E 144 18.01 41.93 -40.83
C LEU E 144 18.40 42.86 -39.69
N VAL E 145 19.31 42.39 -38.84
CA VAL E 145 19.81 43.11 -37.64
C VAL E 145 21.30 43.47 -37.85
N LYS E 146 21.59 44.75 -37.98
CA LYS E 146 22.85 45.17 -38.60
C LYS E 146 23.52 46.27 -37.81
N GLY E 147 24.86 46.24 -37.80
CA GLY E 147 25.65 47.29 -37.18
C GLY E 147 25.60 47.41 -35.66
N TYR E 148 25.56 46.29 -34.94
CA TYR E 148 25.59 46.35 -33.46
C TYR E 148 26.86 45.80 -32.80
N PHE E 149 27.07 46.19 -31.54
CA PHE E 149 28.15 45.66 -30.73
C PHE E 149 27.79 46.01 -29.29
N PRO E 150 28.04 45.08 -28.36
CA PRO E 150 28.55 43.73 -28.62
C PRO E 150 27.41 42.71 -28.72
N GLU E 151 27.76 41.44 -28.91
CA GLU E 151 26.81 40.34 -28.72
C GLU E 151 26.38 40.31 -27.23
N PRO E 152 25.17 39.79 -26.92
CA PRO E 152 24.25 39.19 -27.87
C PRO E 152 23.07 40.08 -28.20
N VAL E 153 22.28 39.68 -29.19
CA VAL E 153 20.95 40.21 -29.34
C VAL E 153 19.99 39.07 -29.17
N THR E 154 18.74 39.35 -28.80
CA THR E 154 17.72 38.30 -28.90
C THR E 154 16.71 38.66 -29.98
N LEU E 155 16.27 37.69 -30.75
CA LEU E 155 15.30 37.99 -31.80
C LEU E 155 14.12 37.04 -31.71
N THR E 156 12.90 37.58 -31.66
CA THR E 156 11.69 36.73 -31.70
C THR E 156 10.79 37.20 -32.85
N TRP E 157 9.78 36.38 -33.17
CA TRP E 157 8.70 36.75 -34.08
C TRP E 157 7.38 36.76 -33.31
N ASN E 158 6.58 37.80 -33.51
CA ASN E 158 5.32 37.96 -32.76
C ASN E 158 5.46 37.68 -31.25
N SER E 159 6.47 38.32 -30.65
CA SER E 159 6.74 38.25 -29.22
C SER E 159 6.98 36.81 -28.77
N GLY E 160 7.43 35.97 -29.70
CA GLY E 160 7.75 34.59 -29.36
C GLY E 160 6.64 33.59 -29.60
N SER E 161 5.46 34.07 -29.99
CA SER E 161 4.35 33.18 -30.29
C SER E 161 4.59 32.43 -31.58
N LEU E 162 5.18 33.13 -32.55
CA LEU E 162 5.48 32.51 -33.83
C LEU E 162 6.89 31.90 -33.80
N SER E 163 6.97 30.57 -33.67
CA SER E 163 8.26 29.89 -33.48
C SER E 163 8.45 28.81 -34.52
N SER E 164 7.34 28.27 -35.01
CA SER E 164 7.37 27.33 -36.17
C SER E 164 8.04 27.93 -37.40
N GLY E 165 8.89 27.18 -38.10
CA GLY E 165 9.42 27.65 -39.39
C GLY E 165 10.43 28.80 -39.36
N VAL E 166 11.04 29.04 -38.21
CA VAL E 166 11.96 30.15 -38.02
C VAL E 166 13.40 29.68 -38.09
N HIS E 167 14.24 30.41 -38.80
CA HIS E 167 15.71 30.22 -38.73
C HIS E 167 16.38 31.52 -38.37
N THR E 168 17.12 31.52 -37.26
CA THR E 168 17.82 32.72 -36.78
C THR E 168 19.29 32.39 -36.87
N PHE E 169 19.99 33.19 -37.66
CA PHE E 169 21.34 32.88 -38.07
C PHE E 169 22.36 33.46 -37.09
N PRO E 170 23.44 32.71 -36.78
CA PRO E 170 24.47 33.24 -35.89
C PRO E 170 25.09 34.53 -36.39
N ALA E 171 25.30 35.46 -35.47
CA ALA E 171 25.91 36.75 -35.77
C ALA E 171 27.32 36.59 -36.35
N VAL E 172 27.64 37.36 -37.40
CA VAL E 172 29.03 37.44 -37.86
C VAL E 172 29.55 38.86 -37.72
N LEU E 173 30.84 38.94 -37.38
CA LEU E 173 31.49 40.19 -37.04
C LEU E 173 32.16 40.74 -38.29
N GLN E 174 31.84 41.97 -38.66
CA GLN E 174 32.44 42.60 -39.83
C GLN E 174 32.73 44.08 -39.54
N SER E 175 34.01 44.44 -39.64
CA SER E 175 34.47 45.83 -39.38
C SER E 175 34.10 46.29 -37.99
N ASP E 176 34.28 45.37 -37.04
CA ASP E 176 33.99 45.58 -35.63
C ASP E 176 32.52 45.73 -35.25
N LEU E 177 31.58 45.46 -36.17
CA LEU E 177 30.16 45.43 -35.85
C LEU E 177 29.53 44.10 -36.27
N TYR E 178 28.48 43.69 -35.56
CA TYR E 178 27.83 42.40 -35.85
C TYR E 178 26.65 42.59 -36.73
N THR E 179 26.31 41.53 -37.46
CA THR E 179 25.10 41.45 -38.24
C THR E 179 24.53 40.04 -38.05
N LEU E 180 23.21 39.96 -37.84
CA LEU E 180 22.56 38.65 -37.89
C LEU E 180 21.26 38.84 -38.59
N SER E 181 20.66 37.72 -38.97
CA SER E 181 19.40 37.76 -39.69
C SER E 181 18.52 36.62 -39.21
N SER E 182 17.24 36.67 -39.56
CA SER E 182 16.32 35.58 -39.24
C SER E 182 15.29 35.46 -40.35
N SER E 183 14.95 34.23 -40.72
CA SER E 183 13.81 34.02 -41.58
C SER E 183 12.63 33.30 -40.89
N VAL E 184 11.43 33.59 -41.36
CA VAL E 184 10.26 32.82 -40.98
C VAL E 184 9.44 32.46 -42.22
N THR E 185 9.00 31.22 -42.28
CA THR E 185 8.26 30.69 -43.41
C THR E 185 6.89 30.24 -42.92
N VAL E 186 5.84 30.82 -43.53
CA VAL E 186 4.45 30.54 -43.16
C VAL E 186 3.63 30.29 -44.42
N THR E 187 2.41 29.80 -44.25
CA THR E 187 1.55 29.59 -45.41
C THR E 187 1.02 30.88 -45.97
N SER E 188 0.64 30.81 -47.24
CA SER E 188 -0.13 31.85 -47.94
C SER E 188 -1.32 32.38 -47.14
N SER E 189 -2.01 31.51 -46.44
CA SER E 189 -3.21 31.93 -45.70
C SER E 189 -2.86 32.67 -44.39
N THR E 190 -1.57 32.69 -44.05
CA THR E 190 -1.09 33.33 -42.81
C THR E 190 -0.64 34.77 -43.08
N TRP E 191 0.21 34.96 -44.09
CA TRP E 191 0.72 36.28 -44.35
C TRP E 191 0.39 36.62 -45.81
N PRO E 192 -0.06 37.86 -46.08
CA PRO E 192 -0.12 38.98 -45.13
C PRO E 192 -1.41 39.22 -44.32
N SER E 193 -2.33 38.25 -44.27
CA SER E 193 -3.56 38.37 -43.49
C SER E 193 -3.28 38.64 -42.02
N GLN E 194 -2.30 37.95 -41.47
CA GLN E 194 -1.91 38.18 -40.09
C GLN E 194 -0.67 39.03 -40.04
N SER E 195 -0.61 39.84 -38.99
CA SER E 195 0.49 40.71 -38.72
C SER E 195 1.71 39.89 -38.30
N ILE E 196 2.84 40.08 -38.95
CA ILE E 196 4.10 39.42 -38.52
C ILE E 196 5.17 40.47 -38.30
N THR E 197 5.73 40.44 -37.08
CA THR E 197 6.68 41.43 -36.58
C THR E 197 7.88 40.71 -35.98
N CYS E 198 9.11 41.13 -36.31
CA CYS E 198 10.29 40.63 -35.58
C CYS E 198 10.58 41.59 -34.45
N ASN E 199 10.93 41.03 -33.29
CA ASN E 199 11.25 41.81 -32.08
C ASN E 199 12.71 41.56 -31.75
N VAL E 200 13.46 42.64 -31.59
CA VAL E 200 14.90 42.52 -31.42
C VAL E 200 15.27 43.27 -30.16
N ALA E 201 15.89 42.56 -29.23
CA ALA E 201 16.38 43.18 -28.01
C ALA E 201 17.91 43.13 -28.00
N HIS E 202 18.55 44.23 -27.61
CA HIS E 202 20.01 44.29 -27.47
C HIS E 202 20.30 44.87 -26.09
N PRO E 203 20.47 43.98 -25.07
CA PRO E 203 20.59 44.43 -23.66
C PRO E 203 21.67 45.47 -23.45
N ALA E 204 22.82 45.31 -24.12
CA ALA E 204 23.97 46.19 -23.97
C ALA E 204 23.64 47.66 -24.25
N SER E 205 22.68 47.91 -25.16
CA SER E 205 22.30 49.28 -25.51
C SER E 205 20.95 49.63 -24.97
N SER E 206 20.37 48.75 -24.15
CA SER E 206 19.04 48.98 -23.59
C SER E 206 17.97 49.23 -24.66
N THR E 207 18.14 48.64 -25.85
CA THR E 207 17.12 48.80 -26.87
C THR E 207 16.32 47.53 -27.13
N LYS E 208 15.05 47.78 -27.44
CA LYS E 208 14.09 46.77 -27.82
C LYS E 208 13.36 47.41 -29.01
N VAL E 209 13.37 46.73 -30.15
CA VAL E 209 12.80 47.27 -31.40
C VAL E 209 11.80 46.27 -31.99
N ASP E 210 10.69 46.78 -32.53
CA ASP E 210 9.70 45.94 -33.22
C ASP E 210 9.61 46.37 -34.66
N LYS E 211 9.70 45.43 -35.59
CA LYS E 211 9.53 45.77 -37.00
C LYS E 211 8.52 44.87 -37.65
N LYS E 212 7.36 45.45 -37.95
CA LYS E 212 6.32 44.74 -38.70
C LYS E 212 6.82 44.57 -40.13
N ILE E 213 6.65 43.36 -40.68
CA ILE E 213 6.89 43.06 -42.08
C ILE E 213 5.68 43.49 -42.92
N GLU E 214 5.90 44.41 -43.85
CA GLU E 214 4.84 44.91 -44.74
C GLU E 214 5.09 44.50 -46.18
N PRO E 215 4.02 44.12 -46.91
CA PRO E 215 4.24 43.89 -48.36
C PRO E 215 4.90 45.11 -49.02
N ARG E 216 5.88 44.91 -49.90
CA ARG E 216 6.51 46.06 -50.60
C ARG E 216 5.51 46.69 -51.56
N GLY E 217 4.75 45.94 -52.20
N ASN F 1 48.44 19.52 -15.74
CA ASN F 1 47.03 19.21 -16.07
C ASN F 1 46.86 17.82 -16.67
N ILE F 2 45.68 17.25 -16.55
CA ILE F 2 45.29 16.13 -17.39
C ILE F 2 44.62 16.73 -18.64
N VAL F 3 45.17 16.40 -19.81
CA VAL F 3 44.56 16.87 -21.06
C VAL F 3 43.67 15.75 -21.60
N LEU F 4 42.48 16.12 -22.08
CA LEU F 4 41.57 15.16 -22.66
C LEU F 4 41.48 15.44 -24.17
N SER F 5 41.63 14.39 -24.96
CA SER F 5 41.64 14.53 -26.42
C SER F 5 40.54 13.70 -27.00
N GLN F 6 39.60 14.34 -27.65
CA GLN F 6 38.48 13.62 -28.18
C GLN F 6 38.68 13.39 -29.68
N SER F 7 38.21 12.24 -30.17
CA SER F 7 38.31 11.92 -31.57
C SER F 7 37.07 11.10 -31.97
N PRO F 8 36.57 11.27 -33.21
CA PRO F 8 36.98 12.29 -34.18
C PRO F 8 36.46 13.64 -33.70
N GLY F 9 36.80 14.73 -34.40
CA GLY F 9 36.25 16.06 -34.11
C GLY F 9 34.77 16.13 -34.48
N SER F 10 34.40 15.38 -35.52
CA SER F 10 33.08 15.39 -36.17
C SER F 10 32.80 14.01 -36.71
N LEU F 11 31.56 13.57 -36.58
CA LEU F 11 31.15 12.22 -36.92
C LEU F 11 29.76 12.30 -37.49
N ALA F 12 29.56 11.85 -38.73
CA ALA F 12 28.21 11.80 -39.31
C ALA F 12 27.68 10.37 -39.30
N VAL F 13 26.53 10.15 -38.67
CA VAL F 13 25.95 8.82 -38.53
C VAL F 13 24.48 8.82 -38.89
N SER F 14 24.02 7.82 -39.63
CA SER F 14 22.60 7.79 -40.06
C SER F 14 21.69 7.45 -38.92
N LEU F 15 20.45 7.91 -38.99
CA LEU F 15 19.44 7.56 -38.01
C LEU F 15 19.36 6.05 -37.84
N GLY F 16 19.12 5.59 -36.61
CA GLY F 16 19.04 4.15 -36.31
C GLY F 16 20.40 3.47 -36.21
N GLN F 17 21.48 4.16 -36.57
CA GLN F 17 22.81 3.55 -36.47
C GLN F 17 23.54 3.88 -35.16
N ARG F 18 24.74 3.33 -35.02
CA ARG F 18 25.54 3.44 -33.82
C ARG F 18 26.59 4.52 -34.03
N ALA F 19 26.68 5.45 -33.08
CA ALA F 19 27.80 6.38 -33.04
C ALA F 19 28.71 6.03 -31.86
N THR F 20 30.01 5.97 -32.10
CA THR F 20 30.96 5.69 -31.05
C THR F 20 31.98 6.80 -31.06
N ILE F 21 32.12 7.50 -29.93
CA ILE F 21 33.11 8.56 -29.86
C ILE F 21 34.09 8.34 -28.73
N SER F 22 35.33 8.78 -28.93
CA SER F 22 36.44 8.50 -28.02
C SER F 22 37.02 9.69 -27.29
N CYS F 23 37.53 9.42 -26.09
CA CYS F 23 38.21 10.39 -25.26
C CYS F 23 39.46 9.74 -24.66
N ARG F 24 40.60 10.40 -24.83
CA ARG F 24 41.88 9.87 -24.37
C ARG F 24 42.43 10.87 -23.39
N ALA F 25 42.67 10.39 -22.16
CA ALA F 25 43.29 11.18 -21.10
C ALA F 25 44.85 11.09 -21.15
N SER F 26 45.54 12.22 -20.95
CA SER F 26 47.03 12.22 -21.01
C SER F 26 47.71 11.41 -19.91
N LYS F 27 46.94 11.05 -18.89
CA LYS F 27 47.37 10.36 -17.68
C LYS F 27 46.09 9.71 -17.13
N SER F 28 46.26 8.58 -16.43
CA SER F 28 45.12 7.84 -15.83
C SER F 28 44.20 8.70 -14.99
N VAL F 29 42.88 8.45 -15.07
CA VAL F 29 41.93 9.25 -14.31
C VAL F 29 41.24 8.37 -13.27
N ASP F 30 41.84 7.21 -12.99
CA ASP F 30 41.26 6.22 -12.09
C ASP F 30 41.82 6.35 -10.69
N THR F 31 40.94 6.22 -9.70
CA THR F 31 41.33 6.01 -8.30
C THR F 31 40.35 5.03 -7.78
N TYR F 32 40.84 4.04 -7.03
CA TYR F 32 39.99 3.03 -6.41
C TYR F 32 39.17 2.27 -7.46
N GLY F 33 39.74 2.10 -8.65
CA GLY F 33 39.10 1.38 -9.74
C GLY F 33 37.95 2.16 -10.39
N HIS F 34 37.77 3.42 -9.96
CA HIS F 34 36.74 4.28 -10.52
C HIS F 34 37.43 5.29 -11.42
N SER F 35 36.81 5.55 -12.55
CA SER F 35 37.32 6.56 -13.47
C SER F 35 36.60 7.88 -13.24
N PHE F 36 37.34 8.87 -12.78
CA PHE F 36 36.78 10.21 -12.58
C PHE F 36 36.71 11.00 -13.89
N ILE F 37 35.82 10.57 -14.76
CA ILE F 37 35.61 11.22 -16.05
C ILE F 37 34.13 11.02 -16.36
N HIS F 38 33.56 11.98 -17.09
CA HIS F 38 32.09 12.13 -17.20
C HIS F 38 31.76 12.65 -18.61
N TRP F 39 30.58 12.29 -19.14
CA TRP F 39 30.16 12.71 -20.49
C TRP F 39 28.99 13.66 -20.40
N TYR F 40 29.03 14.72 -21.20
CA TYR F 40 28.00 15.71 -21.27
C TYR F 40 27.60 15.88 -22.74
N GLN F 41 26.33 16.16 -22.94
CA GLN F 41 25.78 16.54 -24.24
C GLN F 41 25.51 18.03 -24.22
N GLN F 42 25.86 18.71 -25.31
CA GLN F 42 25.52 20.11 -25.46
C GLN F 42 24.75 20.33 -26.75
N LYS F 43 23.46 20.60 -26.62
CA LYS F 43 22.65 21.01 -27.78
C LYS F 43 22.87 22.50 -28.09
N PRO F 44 22.71 22.91 -29.37
CA PRO F 44 22.90 24.36 -29.71
C PRO F 44 22.07 25.29 -28.84
N GLY F 45 22.69 26.39 -28.42
CA GLY F 45 22.04 27.36 -27.56
C GLY F 45 21.76 26.89 -26.13
N GLN F 46 22.21 25.68 -25.75
CA GLN F 46 22.03 25.20 -24.37
C GLN F 46 23.38 24.99 -23.66
N PRO F 47 23.38 24.91 -22.31
CA PRO F 47 24.58 24.45 -21.62
C PRO F 47 24.79 22.93 -21.80
N PRO F 48 26.04 22.45 -21.61
CA PRO F 48 26.22 20.97 -21.55
C PRO F 48 25.32 20.36 -20.45
N ASN F 49 25.11 19.05 -20.53
CA ASN F 49 24.23 18.38 -19.65
C ASN F 49 24.75 16.97 -19.43
N LEU F 50 24.90 16.60 -18.17
CA LEU F 50 25.51 15.33 -17.75
C LEU F 50 24.71 14.13 -18.24
N LEU F 51 25.38 13.21 -18.92
CA LEU F 51 24.73 11.98 -19.40
C LEU F 51 25.23 10.76 -18.67
N ILE F 52 26.54 10.69 -18.48
CA ILE F 52 27.18 9.53 -17.91
C ILE F 52 28.15 10.02 -16.84
N HIS F 53 27.94 9.55 -15.63
CA HIS F 53 28.75 9.84 -14.46
C HIS F 53 29.77 8.74 -14.18
N LEU F 54 30.98 9.11 -13.75
CA LEU F 54 32.08 8.14 -13.54
C LEU F 54 32.21 7.08 -14.65
N ALA F 55 32.35 7.57 -15.88
CA ALA F 55 32.62 6.76 -17.06
C ALA F 55 31.52 5.84 -17.54
N SER F 56 30.78 5.21 -16.62
CA SER F 56 29.86 4.16 -17.05
C SER F 56 28.47 4.19 -16.42
N ASN F 57 28.24 5.08 -15.46
CA ASN F 57 26.94 5.13 -14.80
C ASN F 57 25.95 6.07 -15.49
N LEU F 58 24.95 5.47 -16.11
CA LEU F 58 24.00 6.24 -16.88
C LEU F 58 23.19 7.07 -15.91
N GLU F 59 23.11 8.38 -16.17
CA GLU F 59 22.29 9.24 -15.34
C GLU F 59 20.80 8.93 -15.44
N SER F 60 20.11 9.13 -14.32
CA SER F 60 18.68 8.93 -14.20
C SER F 60 17.95 9.82 -15.19
N GLY F 61 17.16 9.23 -16.07
CA GLY F 61 16.35 10.02 -17.00
C GLY F 61 17.07 10.33 -18.31
N VAL F 62 18.26 9.78 -18.47
CA VAL F 62 18.90 9.76 -19.78
C VAL F 62 18.57 8.39 -20.40
N PRO F 63 18.13 8.36 -21.69
CA PRO F 63 17.74 7.10 -22.31
C PRO F 63 18.83 6.04 -22.44
N ALA F 64 18.41 4.78 -22.45
CA ALA F 64 19.32 3.64 -22.46
C ALA F 64 20.16 3.52 -23.74
N ARG F 65 19.88 4.37 -24.73
CA ARG F 65 20.70 4.42 -25.96
C ARG F 65 22.11 4.99 -25.76
N PHE F 66 22.31 5.69 -24.64
CA PHE F 66 23.62 6.21 -24.27
C PHE F 66 24.31 5.23 -23.34
N SER F 67 25.56 4.91 -23.63
CA SER F 67 26.35 4.12 -22.70
C SER F 67 27.81 4.53 -22.75
N GLY F 68 28.48 4.40 -21.63
CA GLY F 68 29.87 4.81 -21.54
C GLY F 68 30.73 3.66 -21.09
N ARG F 69 31.96 3.61 -21.60
CA ARG F 69 32.92 2.57 -21.24
C ARG F 69 34.31 3.14 -21.16
N GLY F 70 35.17 2.40 -20.46
CA GLY F 70 36.59 2.67 -20.47
C GLY F 70 37.12 2.60 -19.05
N SER F 71 38.41 2.84 -18.94
CA SER F 71 39.17 2.82 -17.69
C SER F 71 40.58 3.27 -18.05
N GLY F 72 41.31 3.73 -17.05
CA GLY F 72 42.66 4.24 -17.20
C GLY F 72 42.70 5.53 -17.99
N THR F 73 43.06 5.42 -19.28
CA THR F 73 43.19 6.58 -20.17
C THR F 73 42.24 6.55 -21.37
N ASP F 74 41.57 5.43 -21.63
CA ASP F 74 40.79 5.25 -22.87
C ASP F 74 39.32 5.11 -22.56
N PHE F 75 38.49 6.01 -23.11
CA PHE F 75 37.04 5.95 -22.85
C PHE F 75 36.24 6.15 -24.13
N THR F 76 35.00 5.67 -24.12
CA THR F 76 34.14 5.82 -25.27
C THR F 76 32.73 6.12 -24.82
N LEU F 77 32.03 6.87 -25.65
CA LEU F 77 30.63 7.10 -25.48
C LEU F 77 29.97 6.50 -26.71
N THR F 78 28.97 5.66 -26.49
CA THR F 78 28.23 5.03 -27.58
C THR F 78 26.77 5.47 -27.55
N ILE F 79 26.27 5.87 -28.71
CA ILE F 79 24.85 6.18 -28.88
C ILE F 79 24.28 5.21 -29.92
N ASP F 80 23.28 4.43 -29.49
CA ASP F 80 22.76 3.35 -30.31
C ASP F 80 21.36 2.94 -29.86
N PRO F 81 20.34 3.16 -30.71
CA PRO F 81 20.37 3.80 -32.03
C PRO F 81 20.28 5.33 -31.97
N VAL F 82 21.04 5.98 -32.85
CA VAL F 82 21.10 7.44 -32.96
C VAL F 82 19.74 8.00 -33.42
N GLU F 83 19.31 9.13 -32.84
CA GLU F 83 18.06 9.80 -33.21
C GLU F 83 18.32 11.24 -33.60
N ALA F 84 17.34 11.90 -34.22
CA ALA F 84 17.54 13.24 -34.73
C ALA F 84 17.98 14.17 -33.59
N ASP F 85 17.36 14.02 -32.43
CA ASP F 85 17.59 14.86 -31.24
C ASP F 85 19.05 14.82 -30.75
N ASP F 86 19.81 13.84 -31.22
CA ASP F 86 21.20 13.60 -30.75
C ASP F 86 22.20 14.46 -31.45
N ALA F 87 21.73 15.22 -32.44
CA ALA F 87 22.55 16.22 -33.11
C ALA F 87 23.04 17.27 -32.08
N ALA F 88 24.31 17.18 -31.71
CA ALA F 88 24.85 17.96 -30.61
C ALA F 88 26.35 17.76 -30.58
N THR F 89 27.03 18.48 -29.69
CA THR F 89 28.44 18.26 -29.44
C THR F 89 28.56 17.62 -28.05
N TYR F 90 29.37 16.55 -27.97
CA TYR F 90 29.54 15.77 -26.75
C TYR F 90 30.95 15.98 -26.17
N TYR F 91 31.02 16.12 -24.84
CA TYR F 91 32.28 16.41 -24.14
C TYR F 91 32.52 15.45 -23.00
N CYS F 92 33.77 14.99 -22.87
CA CYS F 92 34.25 14.28 -21.69
C CYS F 92 34.85 15.32 -20.74
N GLN F 93 34.95 14.98 -19.46
CA GLN F 93 35.39 15.92 -18.45
C GLN F 93 35.94 15.11 -17.29
N GLN F 94 37.19 15.37 -16.91
CA GLN F 94 37.83 14.62 -15.84
C GLN F 94 37.95 15.43 -14.58
N ASN F 95 37.91 14.74 -13.45
CA ASN F 95 38.24 15.42 -12.20
C ASN F 95 38.93 14.47 -11.23
N ASN F 96 39.76 13.61 -11.78
CA ASN F 96 40.66 12.85 -10.96
C ASN F 96 41.74 13.72 -10.35
N GLU F 97 42.15 14.75 -11.08
CA GLU F 97 43.14 15.75 -10.60
C GLU F 97 42.63 17.15 -10.85
N ASP F 98 43.18 18.13 -10.13
CA ASP F 98 42.87 19.53 -10.47
C ASP F 98 43.93 20.14 -11.41
N PRO F 99 43.53 21.11 -12.23
CA PRO F 99 42.11 21.52 -12.38
C PRO F 99 41.26 20.44 -13.06
N TRP F 100 39.97 20.43 -12.76
CA TRP F 100 39.02 19.70 -13.58
C TRP F 100 39.22 20.26 -15.02
N THR F 101 39.22 19.37 -15.99
CA THR F 101 39.38 19.77 -17.40
C THR F 101 38.35 19.10 -18.31
N PHE F 102 38.11 19.72 -19.48
CA PHE F 102 37.19 19.20 -20.51
C PHE F 102 37.97 18.80 -21.78
N GLY F 103 37.44 17.82 -22.51
CA GLY F 103 37.93 17.50 -23.84
C GLY F 103 37.49 18.56 -24.81
N GLY F 104 37.96 18.50 -26.06
CA GLY F 104 37.69 19.60 -27.01
C GLY F 104 36.34 19.44 -27.71
N GLY F 105 35.71 18.30 -27.49
CA GLY F 105 34.39 18.08 -28.05
C GLY F 105 34.37 17.25 -29.34
N THR F 106 33.22 16.58 -29.52
CA THR F 106 32.93 15.78 -30.71
C THR F 106 31.52 16.14 -31.19
N LYS F 107 31.44 16.70 -32.40
CA LYS F 107 30.16 17.12 -32.97
C LYS F 107 29.57 15.91 -33.68
N LEU F 108 28.39 15.48 -33.23
CA LEU F 108 27.69 14.39 -33.92
C LEU F 108 26.69 14.97 -34.94
N GLU F 109 26.95 14.72 -36.22
CA GLU F 109 26.05 15.11 -37.29
C GLU F 109 25.15 13.94 -37.66
N ILE F 110 23.84 14.20 -37.71
CA ILE F 110 22.87 13.19 -38.10
C ILE F 110 22.90 13.17 -39.64
N LYS F 111 23.21 12.00 -40.22
CA LYS F 111 23.34 11.85 -41.67
C LYS F 111 21.99 11.53 -42.29
N ARG F 112 21.17 12.55 -42.51
CA ARG F 112 19.86 12.39 -43.09
C ARG F 112 19.97 12.36 -44.61
N ALA F 113 18.86 12.10 -45.29
CA ALA F 113 18.81 12.14 -46.75
C ALA F 113 19.16 13.54 -47.25
N ASP F 114 19.92 13.58 -48.34
CA ASP F 114 20.29 14.82 -49.00
C ASP F 114 19.04 15.63 -49.38
N ALA F 115 19.10 16.96 -49.24
CA ALA F 115 17.97 17.80 -49.61
C ALA F 115 18.41 19.14 -50.17
N ALA F 116 17.71 19.58 -51.21
CA ALA F 116 18.04 20.83 -51.87
C ALA F 116 17.55 22.01 -51.01
N PRO F 117 18.25 23.15 -51.06
CA PRO F 117 17.80 24.32 -50.30
C PRO F 117 16.54 24.99 -50.88
N THR F 118 15.72 25.55 -50.01
CA THR F 118 14.68 26.45 -50.44
C THR F 118 15.23 27.86 -50.40
N VAL F 119 15.27 28.50 -51.57
CA VAL F 119 15.97 29.78 -51.72
C VAL F 119 15.03 30.99 -51.88
N SER F 120 15.32 32.05 -51.13
CA SER F 120 14.52 33.26 -51.21
C SER F 120 15.46 34.45 -51.23
N ILE F 121 15.15 35.44 -52.06
CA ILE F 121 15.93 36.68 -52.16
C ILE F 121 15.13 37.87 -51.64
N PHE F 122 15.81 38.84 -51.03
CA PHE F 122 15.14 39.97 -50.43
C PHE F 122 15.89 41.26 -50.79
N PRO F 123 15.21 42.20 -51.48
CA PRO F 123 15.79 43.50 -51.80
C PRO F 123 16.05 44.31 -50.52
N PRO F 124 16.87 45.38 -50.63
CA PRO F 124 17.05 46.26 -49.50
C PRO F 124 15.70 46.81 -49.01
N SER F 125 15.53 46.96 -47.71
CA SER F 125 14.31 47.59 -47.21
C SER F 125 14.40 49.11 -47.47
N SER F 126 13.26 49.77 -47.63
CA SER F 126 13.31 51.21 -47.87
C SER F 126 13.94 51.94 -46.68
N GLU F 127 13.72 51.42 -45.47
CA GLU F 127 14.33 51.97 -44.26
C GLU F 127 15.86 51.95 -44.33
N GLN F 128 16.44 50.85 -44.77
CA GLN F 128 17.86 50.82 -44.96
C GLN F 128 18.32 51.82 -46.05
N LEU F 129 17.55 51.92 -47.13
CA LEU F 129 17.89 52.77 -48.24
C LEU F 129 17.85 54.26 -47.83
N THR F 130 16.80 54.63 -47.10
CA THR F 130 16.68 55.96 -46.55
C THR F 130 17.99 56.39 -45.91
N SER F 131 18.60 55.49 -45.14
CA SER F 131 19.82 55.83 -44.39
C SER F 131 21.13 55.49 -45.08
N GLY F 132 21.10 55.34 -46.40
CA GLY F 132 22.32 55.29 -47.18
C GLY F 132 22.91 53.93 -47.51
N GLY F 133 22.33 52.86 -46.95
CA GLY F 133 22.87 51.53 -47.18
C GLY F 133 21.98 50.61 -47.98
N ALA F 134 22.58 49.54 -48.52
CA ALA F 134 21.81 48.59 -49.32
C ALA F 134 22.31 47.15 -49.20
N SER F 135 21.64 46.37 -48.37
CA SER F 135 21.93 44.95 -48.24
C SER F 135 20.92 44.12 -49.01
N VAL F 136 21.41 43.12 -49.75
CA VAL F 136 20.51 42.18 -50.42
C VAL F 136 20.73 40.88 -49.70
N VAL F 137 19.62 40.22 -49.33
CA VAL F 137 19.70 39.03 -48.47
C VAL F 137 19.16 37.81 -49.20
N CYS F 138 19.92 36.73 -49.15
N CYS F 138 19.90 36.71 -49.11
CA CYS F 138 19.41 35.46 -49.63
CA CYS F 138 19.49 35.43 -49.69
C CYS F 138 19.41 34.42 -48.52
C CYS F 138 19.45 34.36 -48.60
N PHE F 139 18.27 33.76 -48.36
CA PHE F 139 18.12 32.63 -47.42
C PHE F 139 18.14 31.32 -48.20
N LEU F 140 18.91 30.35 -47.71
CA LEU F 140 18.97 29.06 -48.33
C LEU F 140 18.55 28.14 -47.20
N ASN F 141 17.28 27.71 -47.20
CA ASN F 141 16.72 27.01 -46.02
C ASN F 141 16.56 25.47 -46.18
N ASN F 142 16.92 24.75 -45.11
CA ASN F 142 16.53 23.35 -44.92
C ASN F 142 17.19 22.44 -45.90
N PHE F 143 18.51 22.51 -45.97
CA PHE F 143 19.27 21.65 -46.88
C PHE F 143 20.18 20.72 -46.14
N TYR F 144 20.56 19.65 -46.83
CA TYR F 144 21.55 18.73 -46.33
C TYR F 144 22.27 18.05 -47.51
N PRO F 145 23.61 17.95 -47.47
CA PRO F 145 24.49 18.30 -46.34
C PRO F 145 24.81 19.80 -46.27
N LYS F 146 25.65 20.16 -45.30
CA LYS F 146 25.97 21.54 -44.97
C LYS F 146 26.69 22.31 -46.07
N ASP F 147 27.61 21.63 -46.76
CA ASP F 147 28.45 22.25 -47.78
C ASP F 147 27.58 22.85 -48.90
N ILE F 148 27.77 24.13 -49.14
CA ILE F 148 26.94 24.85 -50.11
C ILE F 148 27.71 26.06 -50.58
N ASN F 149 27.49 26.49 -51.82
CA ASN F 149 28.12 27.69 -52.39
C ASN F 149 27.09 28.69 -52.85
N VAL F 150 27.33 29.96 -52.53
CA VAL F 150 26.43 31.01 -52.98
C VAL F 150 27.22 31.98 -53.86
N LYS F 151 26.68 32.25 -55.03
CA LYS F 151 27.26 33.24 -55.91
C LYS F 151 26.28 34.38 -56.08
N TRP F 152 26.78 35.58 -55.88
CA TRP F 152 26.00 36.79 -56.09
C TRP F 152 26.31 37.38 -57.46
N LYS F 153 25.27 37.73 -58.19
CA LYS F 153 25.42 38.34 -59.51
C LYS F 153 24.65 39.64 -59.62
N ILE F 154 25.34 40.70 -60.02
CA ILE F 154 24.74 41.99 -60.29
C ILE F 154 24.80 42.21 -61.81
N ASP F 155 23.61 42.24 -62.41
CA ASP F 155 23.44 42.40 -63.86
C ASP F 155 24.23 41.37 -64.65
N GLY F 156 24.19 40.11 -64.21
CA GLY F 156 24.91 39.05 -64.91
C GLY F 156 26.38 38.91 -64.52
N SER F 157 26.91 39.90 -63.81
CA SER F 157 28.32 39.92 -63.39
C SER F 157 28.48 39.54 -61.92
N GLU F 158 29.31 38.54 -61.65
CA GLU F 158 29.57 38.04 -60.30
C GLU F 158 30.20 39.11 -59.42
N ARG F 159 29.91 39.03 -58.12
CA ARG F 159 30.48 39.95 -57.13
C ARG F 159 31.01 39.18 -55.91
N GLN F 160 32.28 39.40 -55.55
CA GLN F 160 32.88 38.70 -54.40
C GLN F 160 32.94 39.49 -53.09
N ASN F 161 33.32 40.77 -53.17
CA ASN F 161 33.48 41.60 -51.98
C ASN F 161 32.15 42.02 -51.33
N GLY F 162 32.16 42.15 -50.01
CA GLY F 162 30.97 42.58 -49.25
C GLY F 162 29.90 41.50 -49.02
N VAL F 163 30.32 40.23 -49.03
CA VAL F 163 29.40 39.12 -48.81
C VAL F 163 29.65 38.51 -47.44
N LEU F 164 28.59 38.39 -46.65
CA LEU F 164 28.65 37.77 -45.33
C LEU F 164 27.69 36.58 -45.24
N ASN F 165 28.24 35.44 -44.85
CA ASN F 165 27.53 34.16 -44.78
C ASN F 165 27.48 33.60 -43.37
N SER F 166 26.34 33.04 -43.00
CA SER F 166 26.15 32.44 -41.67
C SER F 166 25.32 31.14 -41.80
N TRP F 167 25.81 30.05 -41.21
CA TRP F 167 25.07 28.80 -41.20
C TRP F 167 24.38 28.61 -39.84
N THR F 168 23.17 28.04 -39.81
CA THR F 168 22.59 27.65 -38.52
C THR F 168 23.26 26.36 -38.08
N ASP F 169 23.07 25.97 -36.81
CA ASP F 169 23.45 24.60 -36.41
C ASP F 169 22.45 23.60 -36.96
N GLN F 170 22.82 22.33 -37.02
CA GLN F 170 21.90 21.28 -37.51
C GLN F 170 20.58 21.20 -36.72
N ASP F 171 19.47 21.28 -37.43
CA ASP F 171 18.17 21.32 -36.77
C ASP F 171 17.89 20.02 -35.98
N SER F 172 17.40 20.14 -34.75
CA SER F 172 17.15 18.95 -33.91
C SER F 172 16.02 18.04 -34.36
N LYS F 173 15.13 18.55 -35.19
CA LYS F 173 13.95 17.77 -35.56
C LYS F 173 14.07 17.24 -36.97
N ASP F 174 14.51 18.07 -37.89
CA ASP F 174 14.54 17.60 -39.28
C ASP F 174 15.96 17.39 -39.82
N SER F 175 16.97 17.63 -38.98
CA SER F 175 18.40 17.38 -39.30
C SER F 175 18.92 18.14 -40.52
N THR F 176 18.30 19.27 -40.84
CA THR F 176 18.80 20.07 -41.94
C THR F 176 19.62 21.24 -41.41
N TYR F 177 20.30 21.90 -42.34
CA TYR F 177 20.95 23.18 -42.09
C TYR F 177 20.28 24.25 -42.90
N SER F 178 20.54 25.48 -42.51
CA SER F 178 20.08 26.63 -43.25
C SER F 178 21.24 27.64 -43.25
N MET F 179 21.28 28.50 -44.26
CA MET F 179 22.34 29.50 -44.42
C MET F 179 21.76 30.81 -44.92
N SER F 180 22.29 31.91 -44.38
CA SER F 180 21.96 33.24 -44.83
C SER F 180 23.17 33.91 -45.52
N SER F 181 22.96 34.46 -46.71
CA SER F 181 24.01 35.19 -47.42
C SER F 181 23.53 36.61 -47.62
N THR F 182 24.36 37.56 -47.19
CA THR F 182 24.06 39.00 -47.32
C THR F 182 25.16 39.73 -48.12
N LEU F 183 24.74 40.38 -49.20
CA LEU F 183 25.61 41.23 -49.99
C LEU F 183 25.30 42.67 -49.58
N THR F 184 26.30 43.37 -49.06
CA THR F 184 26.11 44.74 -48.66
C THR F 184 26.81 45.66 -49.66
N LEU F 185 26.08 46.68 -50.12
CA LEU F 185 26.56 47.72 -51.04
C LEU F 185 26.16 49.07 -50.51
N THR F 186 26.67 50.13 -51.13
CA THR F 186 26.15 51.48 -50.93
C THR F 186 24.83 51.62 -51.67
N LYS F 187 23.98 52.52 -51.18
CA LYS F 187 22.75 52.88 -51.88
C LYS F 187 23.06 53.32 -53.32
N ASP F 188 24.07 54.19 -53.45
CA ASP F 188 24.47 54.68 -54.77
C ASP F 188 24.84 53.55 -55.71
N GLU F 189 25.68 52.63 -55.26
CA GLU F 189 26.03 51.50 -56.11
C GLU F 189 24.82 50.62 -56.41
N TYR F 190 23.94 50.46 -55.42
CA TYR F 190 22.78 49.61 -55.59
C TYR F 190 21.85 50.17 -56.67
N GLU F 191 21.73 51.49 -56.70
CA GLU F 191 20.83 52.15 -57.63
C GLU F 191 21.39 52.31 -59.06
N ARG F 192 22.68 51.99 -59.22
CA ARG F 192 23.34 51.93 -60.54
C ARG F 192 23.03 50.66 -61.33
N HIS F 193 22.43 49.67 -60.68
CA HIS F 193 22.20 48.38 -61.36
C HIS F 193 20.75 47.88 -61.30
N ASN F 194 20.38 46.93 -62.16
CA ASN F 194 18.98 46.52 -62.22
C ASN F 194 18.69 45.13 -61.63
N SER F 195 19.41 44.12 -62.10
CA SER F 195 19.12 42.73 -61.69
C SER F 195 20.09 42.23 -60.62
N TYR F 196 19.51 41.60 -59.59
CA TYR F 196 20.28 41.02 -58.51
C TYR F 196 19.91 39.55 -58.36
N THR F 197 20.93 38.72 -58.26
CA THR F 197 20.75 37.27 -58.30
C THR F 197 21.62 36.60 -57.25
N CYS F 198 21.05 35.73 -56.43
CA CYS F 198 21.87 34.75 -55.73
C CYS F 198 21.67 33.40 -56.42
N GLU F 199 22.76 32.65 -56.55
CA GLU F 199 22.74 31.32 -57.13
C GLU F 199 23.34 30.34 -56.15
N ALA F 200 22.61 29.29 -55.84
CA ALA F 200 23.08 28.33 -54.87
C ALA F 200 23.47 27.07 -55.59
N THR F 201 24.68 26.61 -55.31
CA THR F 201 25.12 25.32 -55.82
C THR F 201 25.41 24.40 -54.67
N HIS F 202 24.82 23.22 -54.77
CA HIS F 202 24.75 22.24 -53.70
C HIS F 202 24.76 20.90 -54.41
N LYS F 203 25.35 19.89 -53.78
CA LYS F 203 25.50 18.56 -54.40
C LYS F 203 24.20 17.93 -54.88
N THR F 204 23.06 18.46 -54.45
CA THR F 204 21.77 17.86 -54.83
C THR F 204 21.37 18.09 -56.29
N SER F 205 22.06 19.01 -56.96
CA SER F 205 21.82 19.27 -58.37
C SER F 205 23.07 19.81 -59.03
N THR F 206 23.29 19.42 -60.29
CA THR F 206 24.45 19.87 -61.06
C THR F 206 24.30 21.33 -61.52
N SER F 207 23.07 21.80 -61.68
CA SER F 207 22.83 23.20 -61.98
C SER F 207 22.39 23.96 -60.73
N PRO F 208 22.87 25.21 -60.56
CA PRO F 208 22.56 26.07 -59.40
C PRO F 208 21.08 26.46 -59.29
N ILE F 209 20.58 26.66 -58.06
CA ILE F 209 19.22 27.19 -57.88
C ILE F 209 19.35 28.71 -57.95
N VAL F 210 18.59 29.33 -58.84
CA VAL F 210 18.73 30.76 -59.13
C VAL F 210 17.53 31.53 -58.61
N LYS F 211 17.76 32.59 -57.82
CA LYS F 211 16.70 33.54 -57.46
C LYS F 211 17.12 34.99 -57.75
N SER F 212 16.17 35.73 -58.31
CA SER F 212 16.44 37.03 -58.88
C SER F 212 15.31 37.98 -58.66
N PHE F 213 15.69 39.25 -58.60
CA PHE F 213 14.72 40.33 -58.74
C PHE F 213 15.31 41.45 -59.61
N ASN F 214 14.41 42.24 -60.20
CA ASN F 214 14.83 43.44 -60.90
C ASN F 214 14.39 44.65 -60.13
N ARG F 215 15.38 45.48 -59.81
CA ARG F 215 15.17 46.69 -59.04
C ARG F 215 14.17 47.60 -59.75
N ASN F 216 13.45 48.41 -58.96
CA ASN F 216 12.41 49.32 -59.46
C ASN F 216 11.32 48.66 -60.31
N GLU F 217 11.18 47.34 -60.16
CA GLU F 217 10.19 46.58 -60.91
C GLU F 217 9.42 45.64 -59.97
F30 WZV G . 58.96 -1.95 -15.20
C28 WZV G . 57.84 -2.65 -15.33
F31 WZV G . 56.79 -1.85 -15.32
F29 WZV G . 57.89 -3.31 -16.48
C27 WZV G . 57.74 -3.66 -14.18
O26 WZV G . 58.89 -4.52 -14.13
C18 WZV G . 58.79 -5.82 -13.69
C23 WZV G . 58.30 -6.82 -14.53
N22 WZV G . 58.21 -8.08 -14.09
C19 WZV G . 59.18 -6.16 -12.40
C20 WZV G . 59.09 -7.47 -11.95
C21 WZV G . 58.59 -8.42 -12.83
C24 WZV G . 58.44 -9.83 -12.37
O25 WZV G . 57.40 -10.41 -12.63
N13 WZV G . 59.41 -10.40 -11.67
C7 WZV G . 59.28 -11.72 -11.21
C12 WZV G . 58.84 -12.78 -12.02
C8 WZV G . 59.61 -11.92 -9.88
C9 WZV G . 59.49 -13.20 -9.34
C10 WZV G . 59.05 -14.25 -10.14
C11 WZV G . 58.73 -14.05 -11.49
C1 WZV G . 58.25 -15.26 -12.28
C2 WZV G . 57.67 -14.95 -13.66
C3 WZV G . 56.36 -14.20 -13.50
O16 WZV G . 56.12 -13.27 -14.29
C14 WZV G . 59.44 -16.22 -12.39
N6 WZV G . 57.17 -15.88 -11.53
C5 WZV G . 55.96 -15.44 -11.60
N15 WZV G . 55.10 -15.92 -10.71
N4 WZV G . 55.54 -14.53 -12.50
C17 WZV G . 54.21 -13.91 -12.40
S DMS H . 37.67 11.48 0.97
O DMS H . 38.11 12.76 1.63
C1 DMS H . 36.13 11.05 1.59
C2 DMS H . 38.64 10.19 1.51
S SO4 I . 68.60 -34.22 -7.93
O1 SO4 I . 68.45 -32.96 -7.18
O2 SO4 I . 67.62 -34.27 -9.05
O3 SO4 I . 68.35 -35.33 -6.98
O4 SO4 I . 69.97 -34.27 -8.50
S SO4 J . 50.54 -10.82 -18.91
O1 SO4 J . 51.53 -10.75 -17.81
O2 SO4 J . 49.70 -9.60 -18.86
O3 SO4 J . 49.70 -12.04 -18.79
O4 SO4 J . 51.23 -10.88 -20.20
F30 WZV K . -39.40 2.94 -3.93
C28 WZV K . -38.68 3.49 -2.95
F31 WZV K . -38.47 2.60 -1.98
F29 WZV K . -37.51 3.85 -3.46
C27 WZV K . -39.45 4.69 -2.36
O26 WZV K . -38.99 5.93 -2.90
C18 WZV K . -39.72 7.11 -2.87
C23 WZV K . -39.15 8.20 -2.24
N22 WZV K . -39.81 9.37 -2.20
C19 WZV K . -40.98 7.25 -3.48
C20 WZV K . -41.65 8.47 -3.42
C21 WZV K . -41.02 9.52 -2.77
C24 WZV K . -41.67 10.87 -2.63
O25 WZV K . -41.68 11.36 -1.50
N13 WZV K . -42.14 11.53 -3.69
C7 WZV K . -42.76 12.79 -3.57
C12 WZV K . -42.13 13.88 -2.95
C8 WZV K . -44.05 12.92 -4.07
C9 WZV K . -44.70 14.14 -3.97
C10 WZV K . -44.07 15.22 -3.35
C11 WZV K . -42.78 15.12 -2.83
C1 WZV K . -42.15 16.33 -2.16
C2 WZV K . -40.80 16.02 -1.47
C3 WZV K . -41.07 15.18 -0.22
O16 WZV K . -40.24 14.36 0.15
C14 WZV K . -41.96 17.43 -3.21
N6 WZV K . -43.06 16.78 -1.12
C5 WZV K . -43.10 16.25 0.04
N15 WZV K . -44.05 16.64 0.86
N4 WZV K . -42.23 15.33 0.45
C17 WZV K . -42.49 14.49 1.63
S DMS L . -55.98 -12.47 14.98
O DMS L . -56.39 -13.73 14.32
C1 DMS L . -56.99 -12.20 16.34
C2 DMS L . -56.41 -11.17 13.97
S SO4 M . -46.20 35.48 -11.98
O1 SO4 M . -47.05 34.40 -11.42
O2 SO4 M . -45.11 35.78 -11.02
O3 SO4 M . -47.06 36.66 -12.20
O4 SO4 M . -45.62 35.06 -13.28
S SO4 N . -36.17 11.64 5.94
O1 SO4 N . -37.25 11.53 4.92
O2 SO4 N . -35.99 10.32 6.60
O3 SO4 N . -36.49 12.65 6.97
O4 SO4 N . -34.92 12.05 5.28
S SO4 O . -17.61 -44.39 58.30
O1 SO4 O . -17.20 -45.61 59.03
O2 SO4 O . -16.70 -43.30 58.73
O3 SO4 O . -19.01 -44.02 58.61
O4 SO4 O . -17.51 -44.62 56.85
C1 GOL P . -33.96 -29.50 10.32
O1 GOL P . -33.13 -29.32 11.48
C2 GOL P . -34.41 -30.97 10.36
O2 GOL P . -33.27 -31.82 10.22
C3 GOL P . -35.42 -31.26 9.25
O3 GOL P . -35.98 -32.56 9.49
S SO4 Q . -2.81 43.21 -40.60
O1 SO4 Q . -3.47 44.32 -39.90
O2 SO4 Q . -3.28 43.15 -42.01
O3 SO4 Q . -3.17 41.95 -39.91
O4 SO4 Q . -1.34 43.42 -40.56
C1 GOL R . 43.63 30.17 -19.09
O1 GOL R . 42.79 30.01 -20.24
C2 GOL R . 43.51 31.63 -18.69
O2 GOL R . 44.09 32.45 -19.71
C3 GOL R . 44.24 31.82 -17.35
O3 GOL R . 44.08 33.15 -16.87
#